data_8AA5
#
_entry.id   8AA5
#
_cell.length_a   1.00
_cell.length_b   1.00
_cell.length_c   1.00
_cell.angle_alpha   90.00
_cell.angle_beta   90.00
_cell.angle_gamma   90.00
#
_symmetry.space_group_name_H-M   'P 1'
#
loop_
_entity.id
_entity.type
_entity.pdbx_description
1 polymer TnsB
2 polymer RE_Target
3 polymer RE_PolyA
4 polymer Target_1
5 polymer LE_Target
6 polymer LE_PolyA
7 polymer Target_2
8 water water
#
loop_
_entity_poly.entity_id
_entity_poly.type
_entity_poly.pdbx_seq_one_letter_code
_entity_poly.pdbx_strand_id
1 'polypeptide(L)'
;MNSQQNPDLAVHPLAIPMEGLLGESATTLEKNVIATQLSEEAQVKLEVIQSLLEPCDRTTYGQKLREAAEKLNVSLRTVQ
RLVKNWEQDGLVGLTQTSRADKGKHRIGEFWENFITKTYKEGNKGSKRMTPKQVALRVEAKARELKDSKPPNYKTVLRVL
APILEKQQKAKSIRSPGWRGTTLSVKTREGKDLSVDYSNHVWQCDHTRVDVLLVDQHGEILSRPWLTTVIDTYSRCIMGI
NLGFDAPSSGVVALALRHAILPKRYGSEYKLHCEWGTYGKPEHFYTDGGKDFRSNHLSQIGAQLGFVCHLRDRPSEGGVV
ERPFKTLNDQLFSTLPGYTGSNVQERPEDAEKDARLTLRELEQLLVRYIVDRYNQSIDARMGDQTRFERWEAGLPTVPVP
IPERDLDICLMKQSRRTVQRGGCLQFQNLMYRGEYLAGYAGETVNLRFDPRDITTILVYRQENNQEVFLTRAHAQGLETE
QLALDEAEAASRRLRTAGKTISNQSLLQEVVDRDALVATKKSRKERQKLEQTVLRSAAVDESNRESLPSQIVEPDEVEST
ETVHSQYEDIEVWDYEQLREEYGFGSEFELENLYFQ
;
AP1,BP1,CP1,DP1
2 'polydeoxyribonucleotide'
;(DA)(DT)(DA)(DA)(DG)(DG)(DA)(DT)(DT)(DT)(DT)(DA)(DC)(DT)(DG)(DA)(DT)(DG)(DA)(DC)
(DA)(DA)(DT)(DA)(DA)(DT)(DT)(DT)(DG)(DT)(DC)(DA)(DC)(DA)(DA)(DC)(DG)(DA)(DC)(DA)
(DT)(DA)(DT)(DA)(DA)(DT)(DT)(DA)(DG)(DT)(DC)(DA)(DC)(DT)(DG)(DT)(DA)(DC)(DA)(DC)
(DG)(DT)(DA)(DG)(DA)(DG)(DA)(DC)(DG)(DT)(DA)(DG)(DC)(DA)(DA)(DT)(DG)(DC)(DT)
;
I
3 'polydeoxyribonucleotide'
;(DA)(DA)(DA)(DA)(DA)(DA)(DA)(DA)(DA)(DA)(DA)(DA)(DA)(DA)(DA)(DT)(DG)(DT)(DA)(DC)
(DA)(DG)(DT)(DG)(DA)(DC)(DT)(DA)(DA)(DT)(DT)(DA)(DT)(DA)(DT)(DG)(DT)(DC)(DG)(DT)
(DT)(DG)(DT)(DG)(DA)(DC)(DA)(DA)(DA)(DT)(DT)(DA)(DT)(DT)(DG)(DT)(DC)(DA)(DT)(DC)
(DA)(DG)(DT)(DA)(DA)(DA)(DA)(DT)(DC)(DC)(DT)(DT)(DA)(DT)
;
J
4 'polydeoxyribonucleotide' (DA)(DG)(DC)(DA)(DT)(DT)(DG)(DC)(DT)(DA)(DC)(DG)(DT)(DC)(DT) K
5 'polydeoxyribonucleotide'
;(DA)(DA)(DT)(DT)(DA)(DA)(DA)(DT)(DA)(DG)(DT)(DC)(DA)(DC)(DA)(DA)(DT)(DG)(DA)(DC)
(DA)(DT)(DT)(DA)(DA)(DT)(DC)(DT)(DG)(DT)(DC)(DA)(DC)(DC)(DG)(DA)(DC)(DG)(DA)(DC)
(DA)(DG)(DA)(DT)(DA)(DA)(DT)(DT)(DT)(DG)(DT)(DC)(DA)(DC)(DT)(DG)(DT)(DA)(DC)(DA)
(DC)(DT)(DA)(DC)(DG)(DC)(DC)(DT)(DT)(DT)(DT)(DG)(DT)(DG)(DG)(DA)(DG)(DA)(DT)(DG)
;
L
6 'polydeoxyribonucleotide'
;(DA)(DA)(DA)(DA)(DA)(DA)(DA)(DA)(DA)(DA)(DA)(DA)(DA)(DA)(DA)(DT)(DG)(DT)(DA)(DC)
(DA)(DG)(DT)(DG)(DA)(DC)(DA)(DA)(DA)(DT)(DT)(DA)(DT)(DC)(DT)(DG)(DT)(DC)(DG)(DT)
(DC)(DG)(DG)(DT)(DG)(DA)(DC)(DA)(DG)(DA)(DT)(DT)(DA)(DA)(DT)(DG)(DT)(DC)(DA)(DT)
(DT)(DG)(DT)(DG)(DA)(DC)(DT)(DA)(DT)(DT)(DT)(DA)(DA)(DT)(DT)
;
M
7 'polydeoxyribonucleotide' (DC)(DA)(DT)(DC)(DT)(DC)(DC)(DA)(DC)(DA)(DA)(DA)(DA)(DG)(DG) N
#
# COMPACT_ATOMS: atom_id res chain seq x y z
N LYS A 31 -3.66 -33.79 -6.56
CA LYS A 31 -4.22 -35.08 -6.14
C LYS A 31 -3.84 -35.39 -4.70
N ASN A 32 -3.40 -34.38 -3.96
CA ASN A 32 -3.03 -34.55 -2.57
C ASN A 32 -3.28 -33.26 -1.81
N VAL A 33 -3.48 -33.39 -0.51
CA VAL A 33 -3.68 -32.26 0.39
C VAL A 33 -2.74 -32.42 1.57
N ILE A 34 -2.05 -31.35 1.94
CA ILE A 34 -1.17 -31.32 3.10
C ILE A 34 -1.70 -30.28 4.08
N ALA A 35 -1.85 -30.67 5.33
CA ALA A 35 -2.39 -29.78 6.35
C ALA A 35 -1.27 -28.92 6.94
N THR A 36 -1.52 -27.61 7.02
CA THR A 36 -0.56 -26.66 7.57
C THR A 36 -1.28 -25.76 8.56
N GLN A 37 -0.49 -25.12 9.43
CA GLN A 37 -1.01 -24.24 10.48
C GLN A 37 -1.99 -24.99 11.38
N LEU A 38 -1.43 -25.94 12.12
CA LEU A 38 -2.20 -26.99 12.76
C LEU A 38 -3.12 -26.50 13.88
N SER A 39 -3.36 -25.22 14.20
CA SER A 39 -4.50 -24.84 15.03
C SER A 39 -4.48 -25.51 16.39
N GLU A 40 -3.70 -24.98 17.34
CA GLU A 40 -3.35 -25.64 18.59
C GLU A 40 -4.47 -26.49 19.20
N GLU A 41 -5.73 -26.06 19.08
CA GLU A 41 -6.83 -26.97 19.36
C GLU A 41 -6.72 -28.25 18.54
N ALA A 42 -6.56 -28.10 17.23
CA ALA A 42 -6.32 -29.28 16.40
C ALA A 42 -4.95 -29.90 16.65
N GLN A 43 -4.02 -29.15 17.24
CA GLN A 43 -2.72 -29.73 17.59
C GLN A 43 -2.87 -30.75 18.72
N VAL A 44 -3.57 -30.37 19.79
CA VAL A 44 -3.85 -31.34 20.85
C VAL A 44 -4.82 -32.40 20.36
N LYS A 45 -5.64 -32.07 19.35
CA LYS A 45 -6.46 -33.09 18.70
C LYS A 45 -5.60 -34.15 18.02
N LEU A 46 -4.52 -33.72 17.37
CA LEU A 46 -3.52 -34.64 16.85
C LEU A 46 -2.85 -35.40 17.99
N GLU A 47 -2.58 -34.72 19.09
CA GLU A 47 -1.94 -35.37 20.24
C GLU A 47 -2.77 -36.54 20.73
N VAL A 48 -4.10 -36.35 20.84
CA VAL A 48 -4.95 -37.46 21.26
C VAL A 48 -5.04 -38.52 20.17
N ILE A 49 -5.13 -38.11 18.90
CA ILE A 49 -5.24 -39.10 17.83
C ILE A 49 -4.00 -39.98 17.71
N GLN A 50 -2.92 -39.66 18.41
CA GLN A 50 -1.74 -40.50 18.36
C GLN A 50 -1.73 -41.60 19.42
N SER A 51 -2.68 -41.59 20.34
CA SER A 51 -2.84 -42.72 21.26
C SER A 51 -3.68 -43.83 20.63
N LEU A 52 -4.67 -43.46 19.82
CA LEU A 52 -5.47 -44.45 19.12
C LEU A 52 -4.71 -45.12 17.99
N LEU A 53 -3.57 -44.54 17.59
CA LEU A 53 -2.79 -45.09 16.49
C LEU A 53 -1.99 -46.33 16.90
N GLU A 54 -1.59 -46.41 18.17
CA GLU A 54 -0.78 -47.54 18.63
C GLU A 54 -1.58 -48.83 18.54
N PRO A 55 -1.03 -49.90 17.97
CA PRO A 55 -1.77 -51.15 17.85
C PRO A 55 -2.13 -51.71 19.23
N CYS A 56 -3.40 -52.09 19.38
CA CYS A 56 -3.92 -52.52 20.67
C CYS A 56 -5.13 -53.41 20.44
N ASP A 57 -5.51 -54.14 21.50
CA ASP A 57 -6.72 -54.95 21.46
C ASP A 57 -7.94 -54.07 21.75
N ARG A 58 -9.13 -54.69 21.72
CA ARG A 58 -10.36 -53.93 21.84
C ARG A 58 -10.49 -53.27 23.22
N THR A 59 -10.14 -54.00 24.29
CA THR A 59 -10.43 -53.53 25.63
C THR A 59 -9.66 -52.25 25.96
N THR A 60 -8.33 -52.28 25.78
CA THR A 60 -7.55 -51.10 26.12
C THR A 60 -7.75 -49.99 25.10
N TYR A 61 -8.10 -50.34 23.86
CA TYR A 61 -8.45 -49.32 22.88
C TYR A 61 -9.68 -48.54 23.32
N GLY A 62 -10.71 -49.26 23.78
CA GLY A 62 -11.90 -48.59 24.29
C GLY A 62 -11.62 -47.81 25.56
N GLN A 63 -10.78 -48.36 26.44
CA GLN A 63 -10.43 -47.65 27.67
C GLN A 63 -9.75 -46.33 27.37
N LYS A 64 -8.79 -46.33 26.44
CA LYS A 64 -8.11 -45.09 26.11
C LYS A 64 -8.99 -44.17 25.26
N LEU A 65 -9.92 -44.74 24.49
CA LEU A 65 -10.94 -43.92 23.84
C LEU A 65 -11.71 -43.10 24.85
N ARG A 66 -12.24 -43.78 25.87
CA ARG A 66 -13.01 -43.09 26.91
C ARG A 66 -12.13 -42.12 27.69
N GLU A 67 -10.89 -42.50 27.98
CA GLU A 67 -10.00 -41.60 28.71
C GLU A 67 -9.66 -40.36 27.91
N ALA A 68 -9.52 -40.49 26.60
CA ALA A 68 -9.23 -39.34 25.75
C ALA A 68 -10.47 -38.54 25.40
N ALA A 69 -11.66 -39.09 25.63
CA ALA A 69 -12.88 -38.30 25.47
C ALA A 69 -12.89 -37.13 26.44
N GLU A 70 -12.45 -37.36 27.68
CA GLU A 70 -12.35 -36.30 28.67
C GLU A 70 -11.17 -35.38 28.44
N LYS A 71 -10.24 -35.74 27.56
CA LYS A 71 -9.12 -34.86 27.25
C LYS A 71 -9.63 -33.57 26.59
N LEU A 72 -10.61 -33.69 25.70
CA LEU A 72 -11.22 -32.54 25.05
C LEU A 72 -12.70 -32.39 25.40
N ASN A 73 -13.18 -33.12 26.41
CA ASN A 73 -14.53 -32.95 26.96
C ASN A 73 -15.60 -33.18 25.90
N VAL A 74 -15.55 -34.35 25.26
CA VAL A 74 -16.52 -34.74 24.25
C VAL A 74 -17.01 -36.15 24.56
N SER A 75 -18.00 -36.59 23.78
CA SER A 75 -18.60 -37.90 23.94
C SER A 75 -17.70 -38.97 23.32
N LEU A 76 -18.20 -40.20 23.24
CA LEU A 76 -17.48 -41.28 22.57
C LEU A 76 -17.82 -41.39 21.10
N ARG A 77 -19.07 -41.06 20.73
CA ARG A 77 -19.42 -41.01 19.32
C ARG A 77 -18.64 -39.90 18.60
N THR A 78 -18.37 -38.80 19.29
CA THR A 78 -17.58 -37.72 18.69
C THR A 78 -16.17 -38.19 18.35
N VAL A 79 -15.52 -38.90 19.27
CA VAL A 79 -14.17 -39.37 18.97
C VAL A 79 -14.19 -40.54 17.99
N GLN A 80 -15.28 -41.32 17.95
CA GLN A 80 -15.46 -42.30 16.88
C GLN A 80 -15.48 -41.60 15.52
N ARG A 81 -16.27 -40.54 15.40
CA ARG A 81 -16.30 -39.76 14.17
C ARG A 81 -14.93 -39.13 13.90
N LEU A 82 -14.23 -38.75 14.95
CA LEU A 82 -12.88 -38.20 14.81
C LEU A 82 -11.94 -39.20 14.16
N VAL A 83 -11.89 -40.43 14.69
CA VAL A 83 -10.98 -41.42 14.12
C VAL A 83 -11.42 -41.80 12.72
N LYS A 84 -12.74 -41.85 12.46
CA LYS A 84 -13.21 -42.14 11.11
C LYS A 84 -12.75 -41.07 10.12
N ASN A 85 -12.88 -39.80 10.50
CA ASN A 85 -12.49 -38.71 9.59
C ASN A 85 -10.97 -38.66 9.42
N TRP A 86 -10.22 -38.93 10.48
CA TRP A 86 -8.76 -38.97 10.37
C TRP A 86 -8.32 -40.11 9.47
N GLU A 87 -8.99 -41.25 9.55
CA GLU A 87 -8.71 -42.33 8.63
C GLU A 87 -9.04 -41.95 7.20
N GLN A 88 -10.17 -41.25 7.00
CA GLN A 88 -10.60 -40.93 5.64
C GLN A 88 -9.76 -39.81 5.02
N ASP A 89 -9.44 -38.77 5.80
CA ASP A 89 -8.83 -37.58 5.25
C ASP A 89 -7.45 -37.26 5.80
N GLY A 90 -6.97 -37.97 6.81
CA GLY A 90 -5.63 -37.73 7.30
C GLY A 90 -5.56 -36.51 8.22
N LEU A 91 -4.41 -35.84 8.19
CA LEU A 91 -4.18 -34.69 9.05
C LEU A 91 -5.16 -33.56 8.82
N VAL A 92 -5.83 -33.53 7.67
CA VAL A 92 -6.81 -32.48 7.41
C VAL A 92 -8.16 -32.78 8.02
N GLY A 93 -8.39 -34.02 8.47
CA GLY A 93 -9.60 -34.33 9.23
C GLY A 93 -9.57 -33.92 10.67
N LEU A 94 -8.41 -33.50 11.17
CA LEU A 94 -8.29 -33.07 12.56
C LEU A 94 -8.72 -31.63 12.74
N THR A 95 -8.63 -30.82 11.69
CA THR A 95 -9.10 -29.44 11.72
C THR A 95 -10.48 -29.37 11.06
N GLN A 96 -11.39 -28.65 11.70
CA GLN A 96 -12.75 -28.54 11.18
C GLN A 96 -12.73 -27.87 9.82
N THR A 97 -13.45 -28.48 8.87
CA THR A 97 -13.51 -27.92 7.53
C THR A 97 -14.34 -26.64 7.51
N SER A 98 -14.01 -25.75 6.59
CA SER A 98 -14.76 -24.51 6.44
C SER A 98 -16.17 -24.79 5.94
N ARG A 99 -17.11 -23.97 6.39
CA ARG A 99 -18.50 -24.13 5.97
C ARG A 99 -18.61 -23.94 4.45
N ALA A 100 -19.53 -24.71 3.85
CA ALA A 100 -19.68 -24.67 2.41
C ALA A 100 -20.20 -23.34 1.90
N ASP A 101 -20.75 -22.50 2.78
CA ASP A 101 -21.27 -21.19 2.37
C ASP A 101 -20.21 -20.09 2.44
N LYS A 102 -18.98 -20.42 2.80
CA LYS A 102 -17.92 -19.43 2.84
C LYS A 102 -17.61 -18.94 1.43
N GLY A 103 -17.59 -17.62 1.26
CA GLY A 103 -17.38 -17.02 -0.04
C GLY A 103 -18.64 -16.82 -0.85
N LYS A 104 -19.77 -17.33 -0.40
CA LYS A 104 -21.05 -17.12 -1.08
C LYS A 104 -21.85 -16.06 -0.35
N HIS A 105 -22.92 -15.59 -1.01
CA HIS A 105 -23.74 -14.52 -0.49
C HIS A 105 -25.19 -14.97 -0.43
N ARG A 106 -25.89 -14.54 0.61
CA ARG A 106 -27.27 -14.92 0.85
C ARG A 106 -28.27 -13.92 0.28
N ILE A 107 -27.80 -12.86 -0.39
CA ILE A 107 -28.69 -11.86 -0.96
C ILE A 107 -29.51 -12.38 -2.12
N GLY A 108 -29.19 -13.56 -2.63
CA GLY A 108 -29.91 -14.14 -3.73
C GLY A 108 -29.10 -14.09 -5.02
N GLU A 109 -29.37 -15.04 -5.91
CA GLU A 109 -28.65 -15.11 -7.18
C GLU A 109 -28.92 -13.88 -8.04
N PHE A 110 -30.19 -13.43 -8.06
CA PHE A 110 -30.55 -12.29 -8.90
C PHE A 110 -29.78 -11.04 -8.50
N TRP A 111 -29.73 -10.75 -7.20
CA TRP A 111 -29.01 -9.56 -6.74
C TRP A 111 -27.52 -9.68 -7.01
N GLU A 112 -26.94 -10.85 -6.81
CA GLU A 112 -25.52 -11.05 -7.08
C GLU A 112 -25.21 -10.79 -8.55
N ASN A 113 -26.01 -11.36 -9.45
CA ASN A 113 -25.79 -11.14 -10.87
C ASN A 113 -26.01 -9.68 -11.25
N PHE A 114 -27.02 -9.03 -10.64
CA PHE A 114 -27.26 -7.62 -10.90
C PHE A 114 -26.07 -6.77 -10.50
N ILE A 115 -25.52 -7.02 -9.30
CA ILE A 115 -24.37 -6.25 -8.84
C ILE A 115 -23.17 -6.46 -9.76
N THR A 116 -22.89 -7.71 -10.10
CA THR A 116 -21.73 -8.01 -10.93
C THR A 116 -21.89 -7.41 -12.33
N LYS A 117 -23.07 -7.53 -12.93
CA LYS A 117 -23.29 -7.00 -14.26
C LYS A 117 -23.29 -5.48 -14.26
N THR A 118 -23.85 -4.86 -13.22
CA THR A 118 -23.82 -3.41 -13.11
C THR A 118 -22.39 -2.90 -13.00
N TYR A 119 -21.56 -3.56 -12.20
CA TYR A 119 -20.15 -3.18 -12.12
C TYR A 119 -19.45 -3.37 -13.46
N LYS A 120 -19.75 -4.47 -14.15
CA LYS A 120 -19.08 -4.76 -15.41
C LYS A 120 -19.45 -3.73 -16.47
N GLU A 121 -20.74 -3.39 -16.59
CA GLU A 121 -21.18 -2.46 -17.62
C GLU A 121 -20.82 -1.02 -17.27
N GLY A 122 -20.97 -0.63 -15.99
CA GLY A 122 -20.61 0.71 -15.58
C GLY A 122 -19.12 0.98 -15.64
N ASN A 123 -18.31 -0.07 -15.69
CA ASN A 123 -16.87 0.07 -15.86
C ASN A 123 -16.42 -0.21 -17.28
N LYS A 124 -17.36 -0.37 -18.22
CA LYS A 124 -17.01 -0.57 -19.61
C LYS A 124 -16.48 0.73 -20.20
N GLY A 125 -15.36 0.65 -20.91
CA GLY A 125 -14.80 1.83 -21.53
C GLY A 125 -14.25 2.80 -20.50
N SER A 126 -14.41 4.08 -20.78
CA SER A 126 -13.88 5.12 -19.90
C SER A 126 -14.71 5.33 -18.64
N LYS A 127 -15.94 4.82 -18.61
CA LYS A 127 -16.78 4.99 -17.43
C LYS A 127 -16.17 4.25 -16.25
N ARG A 128 -16.00 4.96 -15.14
CA ARG A 128 -15.49 4.39 -13.90
C ARG A 128 -16.60 4.39 -12.87
N MET A 129 -16.89 3.22 -12.32
CA MET A 129 -18.04 3.03 -11.45
C MET A 129 -17.60 2.34 -10.16
N THR A 130 -17.76 3.04 -9.04
CA THR A 130 -17.35 2.55 -7.74
C THR A 130 -18.45 1.71 -7.11
N PRO A 131 -18.11 0.88 -6.12
CA PRO A 131 -19.15 0.07 -5.47
C PRO A 131 -20.28 0.87 -4.86
N LYS A 132 -20.02 2.12 -4.43
CA LYS A 132 -21.09 2.94 -3.88
C LYS A 132 -22.15 3.25 -4.93
N GLN A 133 -21.70 3.51 -6.16
CA GLN A 133 -22.63 3.73 -7.26
C GLN A 133 -23.43 2.47 -7.57
N VAL A 134 -22.78 1.31 -7.46
CA VAL A 134 -23.48 0.04 -7.64
C VAL A 134 -24.55 -0.14 -6.56
N ALA A 135 -24.24 0.23 -5.33
CA ALA A 135 -25.22 0.16 -4.25
C ALA A 135 -26.39 1.11 -4.49
N LEU A 136 -26.10 2.32 -4.99
CA LEU A 136 -27.16 3.26 -5.31
C LEU A 136 -28.08 2.70 -6.39
N ARG A 137 -27.50 2.10 -7.44
CA ARG A 137 -28.32 1.49 -8.47
C ARG A 137 -29.08 0.28 -7.94
N VAL A 138 -28.50 -0.44 -6.98
CA VAL A 138 -29.20 -1.55 -6.34
C VAL A 138 -30.44 -1.04 -5.62
N GLU A 139 -30.30 0.08 -4.88
CA GLU A 139 -31.44 0.66 -4.21
C GLU A 139 -32.50 1.13 -5.21
N ALA A 140 -32.05 1.71 -6.33
CA ALA A 140 -32.98 2.15 -7.36
C ALA A 140 -33.78 0.98 -7.92
N LYS A 141 -33.09 -0.11 -8.25
CA LYS A 141 -33.79 -1.29 -8.77
C LYS A 141 -34.70 -1.90 -7.71
N ALA A 142 -34.28 -1.85 -6.45
CA ALA A 142 -35.11 -2.40 -5.38
C ALA A 142 -36.41 -1.64 -5.23
N ARG A 143 -36.35 -0.30 -5.28
CA ARG A 143 -37.59 0.46 -5.23
C ARG A 143 -38.38 0.31 -6.51
N GLU A 144 -37.72 -0.02 -7.63
CA GLU A 144 -38.45 -0.37 -8.84
C GLU A 144 -39.18 -1.69 -8.67
N LEU A 145 -38.52 -2.68 -8.07
CA LEU A 145 -39.10 -4.00 -7.89
C LEU A 145 -39.83 -4.15 -6.57
N LYS A 146 -39.93 -3.08 -5.77
CA LYS A 146 -40.63 -3.09 -4.49
C LYS A 146 -40.10 -4.17 -3.56
N ASP A 147 -38.78 -4.29 -3.49
CA ASP A 147 -38.11 -5.15 -2.53
C ASP A 147 -37.65 -4.30 -1.35
N SER A 148 -38.13 -4.63 -0.16
CA SER A 148 -37.88 -3.81 1.02
C SER A 148 -36.52 -4.03 1.64
N LYS A 149 -35.75 -5.00 1.16
CA LYS A 149 -34.42 -5.30 1.69
C LYS A 149 -33.41 -5.36 0.54
N PRO A 150 -33.02 -4.19 0.01
CA PRO A 150 -31.96 -4.19 -1.00
C PRO A 150 -30.64 -4.61 -0.38
N PRO A 151 -29.73 -5.18 -1.17
CA PRO A 151 -28.38 -5.43 -0.65
C PRO A 151 -27.73 -4.14 -0.18
N ASN A 152 -27.05 -4.22 0.96
CA ASN A 152 -26.41 -3.04 1.52
C ASN A 152 -25.16 -2.69 0.72
N TYR A 153 -24.67 -1.46 0.95
CA TYR A 153 -23.45 -1.02 0.30
C TYR A 153 -22.26 -1.87 0.74
N LYS A 154 -22.22 -2.24 2.02
CA LYS A 154 -21.16 -3.12 2.50
C LYS A 154 -21.24 -4.49 1.82
N THR A 155 -22.46 -4.99 1.62
CA THR A 155 -22.63 -6.24 0.88
C THR A 155 -22.14 -6.10 -0.55
N VAL A 156 -22.41 -4.95 -1.17
CA VAL A 156 -21.92 -4.73 -2.53
C VAL A 156 -20.41 -4.75 -2.57
N LEU A 157 -19.77 -4.10 -1.58
CA LEU A 157 -18.31 -4.12 -1.51
C LEU A 157 -17.78 -5.54 -1.34
N ARG A 158 -18.43 -6.33 -0.49
CA ARG A 158 -17.99 -7.72 -0.29
C ARG A 158 -18.17 -8.53 -1.56
N VAL A 159 -19.26 -8.32 -2.28
CA VAL A 159 -19.49 -9.05 -3.53
C VAL A 159 -18.47 -8.67 -4.58
N LEU A 160 -18.14 -7.38 -4.69
CA LEU A 160 -17.23 -6.92 -5.73
C LEU A 160 -15.77 -7.04 -5.35
N ALA A 161 -15.45 -7.37 -4.10
CA ALA A 161 -14.05 -7.52 -3.72
C ALA A 161 -13.29 -8.54 -4.54
N PRO A 162 -13.82 -9.74 -4.85
CA PRO A 162 -13.06 -10.66 -5.71
C PRO A 162 -12.73 -10.09 -7.08
N ILE A 163 -13.65 -9.33 -7.68
CA ILE A 163 -13.40 -8.78 -9.00
C ILE A 163 -12.25 -7.77 -8.95
N LEU A 164 -12.29 -6.88 -7.97
CA LEU A 164 -11.21 -5.90 -7.81
C LEU A 164 -9.89 -6.59 -7.51
N GLU A 165 -9.92 -7.65 -6.68
CA GLU A 165 -8.70 -8.37 -6.35
C GLU A 165 -8.10 -9.03 -7.58
N LYS A 166 -8.94 -9.66 -8.41
CA LYS A 166 -8.41 -10.30 -9.61
C LYS A 166 -7.91 -9.26 -10.62
N GLN A 167 -8.56 -8.09 -10.68
CA GLN A 167 -8.04 -7.02 -11.54
C GLN A 167 -6.68 -6.54 -11.06
N GLN A 168 -6.52 -6.39 -9.74
CA GLN A 168 -5.22 -6.00 -9.19
C GLN A 168 -4.16 -7.05 -9.47
N LYS A 169 -4.52 -8.34 -9.35
CA LYS A 169 -3.57 -9.40 -9.66
C LYS A 169 -3.18 -9.38 -11.14
N ALA A 170 -4.14 -9.13 -12.02
CA ALA A 170 -3.84 -9.05 -13.45
C ALA A 170 -2.93 -7.87 -13.75
N LYS A 171 -3.15 -6.74 -13.10
CA LYS A 171 -2.34 -5.55 -13.35
C LYS A 171 -0.93 -5.66 -12.79
N SER A 172 -0.65 -6.66 -11.96
CA SER A 172 0.66 -6.83 -11.32
C SER A 172 1.31 -8.13 -11.76
N ILE A 173 1.28 -8.40 -13.06
CA ILE A 173 1.83 -9.63 -13.62
C ILE A 173 3.30 -9.41 -13.95
N ARG A 174 4.14 -10.35 -13.54
CA ARG A 174 5.57 -10.28 -13.78
C ARG A 174 5.95 -11.19 -14.95
N SER A 175 6.73 -10.65 -15.87
CA SER A 175 7.22 -11.41 -17.01
C SER A 175 8.57 -12.05 -16.68
N PRO A 176 8.72 -13.36 -16.91
CA PRO A 176 9.99 -14.01 -16.51
C PRO A 176 11.21 -13.45 -17.20
N GLY A 177 11.09 -13.03 -18.45
CA GLY A 177 12.22 -12.53 -19.21
C GLY A 177 13.09 -13.65 -19.74
N TRP A 178 14.01 -13.28 -20.61
CA TRP A 178 14.94 -14.25 -21.19
C TRP A 178 16.03 -14.62 -20.19
N ARG A 179 16.52 -15.85 -20.32
CA ARG A 179 17.62 -16.33 -19.50
C ARG A 179 18.69 -16.94 -20.41
N GLY A 180 19.94 -16.74 -20.02
CA GLY A 180 21.04 -17.31 -20.77
C GLY A 180 21.45 -16.48 -21.97
N THR A 181 22.24 -17.11 -22.84
CA THR A 181 22.80 -16.44 -24.00
C THR A 181 21.87 -16.43 -25.21
N THR A 182 20.99 -17.42 -25.33
CA THR A 182 20.05 -17.45 -26.44
C THR A 182 19.03 -16.32 -26.31
N LEU A 183 18.76 -15.65 -27.43
CA LEU A 183 17.89 -14.48 -27.42
C LEU A 183 17.36 -14.22 -28.81
N SER A 184 16.10 -13.80 -28.90
CA SER A 184 15.49 -13.38 -30.15
C SER A 184 14.50 -12.27 -29.85
N VAL A 185 14.27 -11.42 -30.84
CA VAL A 185 13.36 -10.28 -30.72
C VAL A 185 12.22 -10.45 -31.71
N LYS A 186 10.99 -10.38 -31.22
CA LYS A 186 9.81 -10.51 -32.06
C LYS A 186 9.64 -9.26 -32.92
N THR A 187 9.11 -9.45 -34.13
CA THR A 187 8.93 -8.36 -35.08
C THR A 187 7.49 -8.32 -35.56
N ARG A 188 7.11 -7.16 -36.12
CA ARG A 188 5.76 -7.00 -36.64
C ARG A 188 5.51 -7.91 -37.83
N GLU A 189 6.54 -8.21 -38.61
CA GLU A 189 6.41 -9.16 -39.70
C GLU A 189 6.12 -10.57 -39.22
N GLY A 190 6.28 -10.85 -37.92
CA GLY A 190 5.95 -12.11 -37.33
C GLY A 190 7.12 -13.03 -37.08
N LYS A 191 8.26 -12.79 -37.74
CA LYS A 191 9.40 -13.65 -37.55
C LYS A 191 10.17 -13.26 -36.28
N ASP A 192 11.10 -14.12 -35.88
CA ASP A 192 11.94 -13.88 -34.73
C ASP A 192 13.36 -13.58 -35.21
N LEU A 193 13.87 -12.41 -34.84
CA LEU A 193 15.20 -11.97 -35.24
C LEU A 193 16.20 -12.48 -34.21
N SER A 194 16.97 -13.50 -34.58
CA SER A 194 17.94 -14.07 -33.67
C SER A 194 19.08 -13.09 -33.42
N VAL A 195 19.52 -13.00 -32.17
CA VAL A 195 20.67 -12.20 -31.77
C VAL A 195 21.74 -13.17 -31.30
N ASP A 196 22.85 -13.24 -32.04
CA ASP A 196 23.88 -14.22 -31.76
C ASP A 196 25.31 -13.68 -31.76
N TYR A 197 25.58 -12.55 -32.41
CA TYR A 197 26.91 -11.95 -32.42
C TYR A 197 26.88 -10.66 -31.63
N SER A 198 28.04 -10.02 -31.52
CA SER A 198 28.15 -8.81 -30.71
C SER A 198 27.63 -7.56 -31.41
N ASN A 199 27.33 -7.63 -32.70
CA ASN A 199 26.77 -6.48 -33.40
C ASN A 199 25.62 -6.90 -34.32
N HIS A 200 24.98 -8.03 -34.02
CA HIS A 200 23.94 -8.55 -34.92
C HIS A 200 22.72 -7.63 -34.94
N VAL A 201 22.19 -7.28 -33.77
CA VAL A 201 20.99 -6.46 -33.66
C VAL A 201 21.29 -5.27 -32.77
N TRP A 202 20.99 -4.08 -33.26
CA TRP A 202 21.12 -2.85 -32.49
C TRP A 202 19.73 -2.27 -32.23
N GLN A 203 19.51 -1.83 -30.99
CA GLN A 203 18.27 -1.20 -30.60
C GLN A 203 18.49 0.29 -30.36
N CYS A 204 17.54 1.10 -30.81
CA CYS A 204 17.59 2.55 -30.62
C CYS A 204 16.21 3.05 -30.24
N ASP A 205 16.16 3.95 -29.27
CA ASP A 205 14.90 4.48 -28.79
C ASP A 205 15.14 5.86 -28.19
N HIS A 206 14.05 6.60 -28.00
CA HIS A 206 14.11 7.96 -27.50
C HIS A 206 13.41 8.05 -26.15
N THR A 207 13.89 8.98 -25.33
CA THR A 207 13.21 9.35 -24.10
C THR A 207 13.50 10.82 -23.81
N ARG A 208 12.64 11.41 -22.99
CA ARG A 208 12.84 12.77 -22.52
C ARG A 208 13.48 12.72 -21.14
N VAL A 209 14.68 13.29 -21.02
CA VAL A 209 15.41 13.23 -19.76
C VAL A 209 14.65 14.00 -18.69
N ASP A 210 14.64 13.44 -17.47
CA ASP A 210 13.89 14.01 -16.37
C ASP A 210 14.64 15.12 -15.65
N VAL A 211 15.60 15.76 -16.32
CA VAL A 211 16.40 16.83 -15.74
C VAL A 211 16.16 18.09 -16.56
N LEU A 212 15.74 19.16 -15.90
CA LEU A 212 15.60 20.46 -16.54
C LEU A 212 16.97 21.10 -16.64
N LEU A 213 17.40 21.42 -17.86
CA LEU A 213 18.71 21.98 -18.05
C LEU A 213 18.65 23.51 -18.09
N VAL A 214 19.82 24.12 -18.28
CA VAL A 214 20.00 25.55 -18.10
C VAL A 214 21.03 26.03 -19.13
N ASP A 215 20.83 27.23 -19.65
CA ASP A 215 21.75 27.81 -20.61
C ASP A 215 23.01 28.28 -19.88
N GLN A 216 23.90 28.97 -20.61
CA GLN A 216 25.14 29.44 -20.00
C GLN A 216 24.93 30.57 -19.02
N HIS A 217 23.74 31.15 -18.94
CA HIS A 217 23.48 32.28 -18.06
C HIS A 217 22.82 31.90 -16.75
N GLY A 218 22.00 30.85 -16.73
CA GLY A 218 21.26 30.50 -15.54
C GLY A 218 19.76 30.47 -15.76
N GLU A 219 19.35 30.25 -17.01
CA GLU A 219 17.95 30.24 -17.39
C GLU A 219 17.56 28.86 -17.92
N ILE A 220 16.37 28.40 -17.54
CA ILE A 220 15.93 27.07 -17.95
C ILE A 220 15.67 27.05 -19.45
N LEU A 221 16.24 26.05 -20.13
CA LEU A 221 15.96 25.83 -21.54
C LEU A 221 14.87 24.80 -21.76
N SER A 222 15.12 23.55 -21.37
CA SER A 222 14.16 22.45 -21.54
C SER A 222 14.73 21.16 -20.98
N ARG A 223 13.96 20.10 -21.03
CA ARG A 223 14.47 18.76 -20.79
C ARG A 223 15.01 18.17 -22.09
N PRO A 224 16.23 17.65 -22.10
CA PRO A 224 16.81 17.15 -23.35
C PRO A 224 16.22 15.80 -23.74
N TRP A 225 16.49 15.43 -24.98
CA TRP A 225 16.07 14.14 -25.52
C TRP A 225 17.25 13.18 -25.49
N LEU A 226 17.01 11.97 -25.01
CA LEU A 226 18.03 10.93 -24.95
C LEU A 226 17.71 9.85 -25.97
N THR A 227 18.55 9.74 -26.99
CA THR A 227 18.46 8.69 -27.99
C THR A 227 19.64 7.76 -27.79
N THR A 228 19.36 6.52 -27.39
CA THR A 228 20.40 5.57 -27.01
C THR A 228 20.48 4.44 -28.02
N VAL A 229 21.71 4.00 -28.30
CA VAL A 229 21.97 2.84 -29.14
C VAL A 229 22.60 1.77 -28.26
N ILE A 230 21.98 0.60 -28.19
CA ILE A 230 22.40 -0.48 -27.32
C ILE A 230 22.41 -1.78 -28.10
N ASP A 231 23.45 -2.59 -27.92
CA ASP A 231 23.51 -3.91 -28.52
C ASP A 231 22.53 -4.85 -27.82
N THR A 232 21.83 -5.65 -28.60
CA THR A 232 20.87 -6.59 -28.02
C THR A 232 21.57 -7.78 -27.38
N TYR A 233 22.63 -8.27 -28.00
CA TYR A 233 23.29 -9.48 -27.49
C TYR A 233 24.10 -9.18 -26.24
N SER A 234 24.81 -8.06 -26.21
CA SER A 234 25.70 -7.74 -25.10
C SER A 234 25.09 -6.79 -24.09
N ARG A 235 24.02 -6.09 -24.46
CA ARG A 235 23.39 -5.07 -23.62
C ARG A 235 24.34 -3.93 -23.29
N CYS A 236 25.41 -3.78 -24.05
CA CYS A 236 26.31 -2.65 -23.92
C CYS A 236 25.77 -1.46 -24.69
N ILE A 237 26.00 -0.26 -24.15
CA ILE A 237 25.54 0.96 -24.79
C ILE A 237 26.47 1.25 -25.98
N MET A 238 25.95 1.03 -27.18
CA MET A 238 26.72 1.28 -28.40
C MET A 238 27.10 2.75 -28.50
N GLY A 239 26.15 3.62 -28.23
CA GLY A 239 26.37 5.05 -28.30
C GLY A 239 25.09 5.75 -27.94
N ILE A 240 25.20 7.05 -27.67
CA ILE A 240 24.08 7.86 -27.23
C ILE A 240 24.01 9.14 -28.06
N ASN A 241 22.83 9.75 -28.05
CA ASN A 241 22.64 11.10 -28.55
C ASN A 241 21.83 11.88 -27.52
N LEU A 242 22.43 12.90 -26.93
CA LEU A 242 21.76 13.78 -25.98
C LEU A 242 21.71 15.18 -26.57
N GLY A 243 20.51 15.72 -26.70
CA GLY A 243 20.36 17.04 -27.28
C GLY A 243 18.97 17.58 -27.05
N PHE A 244 18.79 18.84 -27.43
CA PHE A 244 17.52 19.53 -27.27
C PHE A 244 16.57 19.30 -28.45
N ASP A 245 17.06 18.72 -29.53
CA ASP A 245 16.23 18.50 -30.70
C ASP A 245 15.38 17.25 -30.54
N ALA A 246 14.16 17.30 -31.07
CA ALA A 246 13.23 16.21 -30.95
C ALA A 246 13.71 15.01 -31.76
N PRO A 247 13.23 13.80 -31.43
CA PRO A 247 13.60 12.62 -32.23
C PRO A 247 13.27 12.81 -33.70
N SER A 248 14.31 12.80 -34.53
CA SER A 248 14.16 12.96 -35.97
C SER A 248 15.10 12.00 -36.66
N SER A 249 15.05 11.98 -38.00
CA SER A 249 15.99 11.17 -38.75
C SER A 249 17.42 11.65 -38.54
N GLY A 250 17.61 12.97 -38.45
CA GLY A 250 18.95 13.48 -38.19
C GLY A 250 19.46 13.12 -36.81
N VAL A 251 18.58 13.11 -35.81
CA VAL A 251 18.98 12.73 -34.46
C VAL A 251 19.36 11.25 -34.40
N VAL A 252 18.56 10.41 -35.06
CA VAL A 252 18.89 8.99 -35.11
C VAL A 252 20.19 8.78 -35.88
N ALA A 253 20.43 9.59 -36.91
CA ALA A 253 21.69 9.50 -37.65
C ALA A 253 22.88 9.91 -36.77
N LEU A 254 22.71 10.94 -35.94
CA LEU A 254 23.76 11.33 -35.01
C LEU A 254 24.05 10.22 -34.00
N ALA A 255 23.00 9.60 -33.46
CA ALA A 255 23.18 8.51 -32.52
C ALA A 255 23.86 7.32 -33.18
N LEU A 256 23.46 6.99 -34.43
CA LEU A 256 24.10 5.91 -35.16
C LEU A 256 25.56 6.21 -35.43
N ARG A 257 25.87 7.46 -35.78
CA ARG A 257 27.25 7.86 -36.01
C ARG A 257 28.08 7.70 -34.74
N HIS A 258 27.53 8.11 -33.59
CA HIS A 258 28.25 7.93 -32.34
C HIS A 258 28.46 6.45 -32.03
N ALA A 259 27.45 5.63 -32.27
CA ALA A 259 27.55 4.21 -31.95
C ALA A 259 28.47 3.45 -32.91
N ILE A 260 28.65 3.96 -34.12
CA ILE A 260 29.47 3.29 -35.13
C ILE A 260 30.93 3.69 -35.00
N LEU A 261 31.19 4.99 -34.85
CA LEU A 261 32.55 5.48 -34.84
C LEU A 261 33.25 5.13 -33.52
N PRO A 262 34.58 5.01 -33.54
CA PRO A 262 35.32 4.87 -32.28
C PRO A 262 35.17 6.10 -31.41
N LYS A 263 35.21 5.88 -30.10
CA LYS A 263 34.93 6.93 -29.13
C LYS A 263 36.23 7.57 -28.65
N ARG A 264 36.25 8.90 -28.64
CA ARG A 264 37.38 9.66 -28.13
C ARG A 264 36.84 10.77 -27.23
N TYR A 265 37.23 10.76 -25.96
CA TYR A 265 36.80 11.77 -25.01
C TYR A 265 38.02 12.40 -24.35
N GLY A 266 37.95 13.70 -24.12
CA GLY A 266 39.06 14.44 -23.56
C GLY A 266 39.17 14.28 -22.05
N SER A 267 40.04 15.09 -21.48
CA SER A 267 40.28 15.04 -20.04
C SER A 267 39.14 15.63 -19.24
N GLU A 268 38.27 16.44 -19.87
CA GLU A 268 37.14 17.02 -19.15
C GLU A 268 36.23 15.93 -18.61
N TYR A 269 35.98 14.89 -19.41
CA TYR A 269 35.39 13.67 -18.90
C TYR A 269 36.48 12.91 -18.15
N LYS A 270 36.41 12.91 -16.83
CA LYS A 270 37.44 12.28 -16.00
C LYS A 270 37.30 10.76 -16.03
N LEU A 271 37.41 10.22 -17.24
CA LEU A 271 37.17 8.80 -17.46
C LEU A 271 38.32 7.97 -16.93
N HIS A 272 38.00 6.91 -16.19
CA HIS A 272 39.00 5.94 -15.77
C HIS A 272 39.13 4.81 -16.76
N CYS A 273 38.07 4.46 -17.47
CA CYS A 273 38.07 3.43 -18.48
C CYS A 273 37.93 4.07 -19.86
N GLU A 274 37.81 3.23 -20.88
CA GLU A 274 37.63 3.67 -22.25
C GLU A 274 36.35 3.08 -22.81
N TRP A 275 35.69 3.85 -23.68
CA TRP A 275 34.49 3.39 -24.37
C TRP A 275 34.89 2.71 -25.68
N GLY A 276 35.58 1.58 -25.52
CA GLY A 276 36.16 0.87 -26.65
C GLY A 276 35.12 0.18 -27.52
N THR A 277 34.20 1.00 -28.05
CA THR A 277 33.01 0.51 -28.72
C THR A 277 32.88 1.18 -30.08
N TYR A 278 32.57 0.38 -31.10
CA TYR A 278 32.45 0.86 -32.47
C TYR A 278 31.86 -0.26 -33.32
N GLY A 279 31.74 0.00 -34.61
CA GLY A 279 31.37 -1.02 -35.59
C GLY A 279 30.00 -0.77 -36.19
N LYS A 280 29.78 -1.42 -37.34
CA LYS A 280 28.49 -1.45 -38.00
C LYS A 280 27.56 -2.46 -37.31
N PRO A 281 26.26 -2.22 -37.35
CA PRO A 281 25.30 -3.29 -37.04
C PRO A 281 24.85 -4.03 -38.29
N GLU A 282 24.35 -5.24 -38.08
CA GLU A 282 23.72 -6.00 -39.15
C GLU A 282 22.21 -5.85 -39.17
N HIS A 283 21.61 -5.52 -38.03
CA HIS A 283 20.17 -5.28 -37.93
C HIS A 283 19.95 -4.05 -37.07
N PHE A 284 18.77 -3.45 -37.22
CA PHE A 284 18.40 -2.25 -36.48
C PHE A 284 16.98 -2.42 -35.99
N TYR A 285 16.81 -2.45 -34.66
CA TYR A 285 15.54 -2.80 -34.03
C TYR A 285 14.99 -1.59 -33.31
N THR A 286 13.86 -1.06 -33.81
CA THR A 286 13.26 0.15 -33.27
C THR A 286 11.75 0.01 -33.28
N ASP A 287 11.08 0.98 -32.67
CA ASP A 287 9.63 1.04 -32.62
C ASP A 287 9.11 1.67 -33.92
N GLY A 288 7.81 1.97 -33.94
CA GLY A 288 7.18 2.49 -35.14
C GLY A 288 7.17 4.00 -35.25
N GLY A 289 8.18 4.66 -34.71
CA GLY A 289 8.27 6.10 -34.83
C GLY A 289 8.56 6.52 -36.25
N LYS A 290 8.12 7.74 -36.59
CA LYS A 290 8.30 8.25 -37.94
C LYS A 290 9.78 8.45 -38.26
N ASP A 291 10.60 8.73 -37.25
CA ASP A 291 12.03 8.86 -37.47
C ASP A 291 12.67 7.53 -37.85
N PHE A 292 12.09 6.42 -37.40
CA PHE A 292 12.63 5.10 -37.69
C PHE A 292 12.00 4.45 -38.92
N ARG A 293 10.81 4.89 -39.31
CA ARG A 293 10.18 4.41 -40.53
C ARG A 293 10.43 5.34 -41.71
N SER A 294 11.33 6.31 -41.55
CA SER A 294 11.59 7.29 -42.58
C SER A 294 12.31 6.68 -43.77
N ASN A 295 12.18 7.35 -44.92
CA ASN A 295 12.97 6.96 -46.08
C ASN A 295 14.45 7.15 -45.80
N HIS A 296 14.80 8.19 -45.05
CA HIS A 296 16.20 8.45 -44.73
C HIS A 296 16.83 7.26 -43.99
N LEU A 297 16.09 6.67 -43.05
CA LEU A 297 16.60 5.49 -42.38
C LEU A 297 16.72 4.30 -43.33
N SER A 298 15.81 4.20 -44.30
CA SER A 298 15.92 3.14 -45.29
C SER A 298 17.19 3.27 -46.11
N GLN A 299 17.51 4.49 -46.56
CA GLN A 299 18.76 4.70 -47.29
C GLN A 299 19.96 4.46 -46.39
N ILE A 300 19.88 4.87 -45.12
CA ILE A 300 20.97 4.65 -44.18
C ILE A 300 21.26 3.17 -44.05
N GLY A 301 20.21 2.36 -43.89
CA GLY A 301 20.39 0.93 -43.77
C GLY A 301 20.90 0.29 -45.05
N ALA A 302 20.35 0.71 -46.20
CA ALA A 302 20.80 0.15 -47.47
C ALA A 302 22.23 0.56 -47.80
N GLN A 303 22.72 1.64 -47.22
CA GLN A 303 24.10 2.06 -47.45
C GLN A 303 25.07 1.42 -46.46
N LEU A 304 24.64 1.23 -45.22
CA LEU A 304 25.48 0.62 -44.20
C LEU A 304 25.27 -0.88 -44.07
N GLY A 305 24.40 -1.46 -44.89
CA GLY A 305 24.24 -2.90 -44.89
C GLY A 305 23.51 -3.50 -43.71
N PHE A 306 22.56 -2.76 -43.13
CA PHE A 306 21.71 -3.33 -42.09
C PHE A 306 20.25 -3.10 -42.45
N VAL A 307 19.40 -4.00 -41.97
CA VAL A 307 17.97 -3.95 -42.23
C VAL A 307 17.26 -3.43 -40.98
N CYS A 308 16.42 -2.43 -41.16
CA CYS A 308 15.62 -1.90 -40.06
C CYS A 308 14.38 -2.77 -39.86
N HIS A 309 14.03 -2.99 -38.59
CA HIS A 309 12.91 -3.85 -38.25
C HIS A 309 12.00 -3.16 -37.25
N LEU A 310 10.75 -3.64 -37.21
CA LEU A 310 9.73 -3.13 -36.30
C LEU A 310 9.53 -4.09 -35.14
N ARG A 311 8.95 -3.56 -34.07
CA ARG A 311 8.60 -4.34 -32.89
C ARG A 311 7.12 -4.20 -32.62
N ASP A 312 6.47 -5.34 -32.36
CA ASP A 312 5.01 -5.35 -32.22
C ASP A 312 4.57 -4.58 -30.97
N ARG A 313 5.30 -4.72 -29.86
CA ARG A 313 4.95 -4.08 -28.60
C ARG A 313 6.16 -3.38 -28.04
N PRO A 314 5.98 -2.29 -27.30
CA PRO A 314 7.13 -1.60 -26.69
C PRO A 314 7.92 -2.48 -25.74
N SER A 315 7.30 -3.47 -25.11
CA SER A 315 8.01 -4.38 -24.23
C SER A 315 8.95 -5.31 -24.98
N GLU A 316 8.76 -5.49 -26.29
CA GLU A 316 9.71 -6.27 -27.07
C GLU A 316 11.06 -5.57 -27.21
N GLY A 317 11.08 -4.25 -27.07
CA GLY A 317 12.34 -3.52 -27.08
C GLY A 317 12.80 -3.19 -25.68
N GLY A 318 12.59 -4.12 -24.75
CA GLY A 318 12.93 -3.87 -23.35
C GLY A 318 14.41 -3.64 -23.13
N VAL A 319 15.27 -4.29 -23.93
CA VAL A 319 16.71 -4.17 -23.75
C VAL A 319 17.15 -2.72 -23.87
N VAL A 320 16.57 -1.99 -24.84
CA VAL A 320 16.88 -0.57 -24.99
C VAL A 320 16.02 0.32 -24.11
N GLU A 321 14.98 -0.24 -23.49
CA GLU A 321 13.96 0.57 -22.86
C GLU A 321 14.06 0.58 -21.34
N ARG A 322 14.50 -0.54 -20.75
CA ARG A 322 14.85 -0.55 -19.33
C ARG A 322 15.97 0.41 -18.95
N PRO A 323 17.08 0.54 -19.70
CA PRO A 323 18.19 1.36 -19.20
C PRO A 323 17.82 2.79 -18.86
N PHE A 324 16.80 3.35 -19.51
CA PHE A 324 16.32 4.68 -19.15
C PHE A 324 16.02 4.74 -17.66
N LYS A 325 15.26 3.78 -17.15
CA LYS A 325 14.99 3.71 -15.72
C LYS A 325 16.29 3.63 -14.93
N THR A 326 17.24 2.81 -15.39
CA THR A 326 18.52 2.70 -14.71
C THR A 326 19.23 4.05 -14.69
N LEU A 327 19.07 4.85 -15.74
CA LEU A 327 19.66 6.18 -15.74
C LEU A 327 18.91 7.11 -14.77
N ASN A 328 17.60 6.92 -14.63
CA ASN A 328 16.83 7.75 -13.71
C ASN A 328 17.16 7.41 -12.26
N ASP A 329 17.28 6.12 -11.94
CA ASP A 329 17.47 5.68 -10.57
C ASP A 329 18.90 5.83 -10.07
N GLN A 330 19.87 6.05 -10.95
CA GLN A 330 21.26 6.13 -10.55
C GLN A 330 21.95 7.43 -10.90
N LEU A 331 21.50 8.13 -11.94
CA LEU A 331 22.18 9.37 -12.37
C LEU A 331 21.28 10.59 -12.30
N PHE A 332 20.08 10.54 -12.88
CA PHE A 332 19.26 11.73 -13.00
C PHE A 332 18.58 12.12 -11.70
N SER A 333 18.27 11.15 -10.84
CA SER A 333 17.64 11.45 -9.56
C SER A 333 18.58 12.19 -8.62
N THR A 334 19.88 12.15 -8.88
CA THR A 334 20.89 12.76 -8.01
C THR A 334 21.19 14.19 -8.40
N LEU A 335 20.55 14.72 -9.43
CA LEU A 335 20.98 15.96 -10.02
C LEU A 335 20.12 17.12 -9.56
N PRO A 336 20.69 18.33 -9.46
CA PRO A 336 19.95 19.44 -8.83
C PRO A 336 18.62 19.73 -9.50
N GLY A 337 18.55 19.67 -10.83
CA GLY A 337 17.29 19.78 -11.53
C GLY A 337 16.79 18.39 -11.88
N TYR A 338 15.58 18.08 -11.44
CA TYR A 338 15.05 16.74 -11.63
C TYR A 338 13.53 16.82 -11.55
N THR A 339 12.85 16.17 -12.50
CA THR A 339 11.42 16.31 -12.67
C THR A 339 10.63 15.05 -12.32
N GLY A 340 11.30 13.98 -11.95
CA GLY A 340 10.60 12.75 -11.63
C GLY A 340 10.10 12.02 -12.86
N SER A 341 9.37 10.93 -12.61
CA SER A 341 8.89 10.10 -13.70
C SER A 341 7.71 10.74 -14.42
N ASN A 342 6.85 11.44 -13.68
CA ASN A 342 5.66 12.06 -14.25
C ASN A 342 5.32 13.30 -13.43
N VAL A 343 4.16 13.89 -13.71
CA VAL A 343 3.75 15.09 -13.00
C VAL A 343 3.28 14.78 -11.58
N GLN A 344 2.90 13.55 -11.30
CA GLN A 344 2.43 13.20 -9.97
C GLN A 344 3.57 13.20 -8.95
N GLU A 345 4.78 12.84 -9.39
CA GLU A 345 5.94 12.79 -8.51
C GLU A 345 6.94 13.91 -8.79
N ARG A 346 6.57 14.88 -9.61
CA ARG A 346 7.50 15.96 -9.95
C ARG A 346 7.66 16.90 -8.77
N PRO A 347 8.88 17.17 -8.32
CA PRO A 347 9.07 18.12 -7.22
C PRO A 347 8.70 19.53 -7.63
N GLU A 348 8.20 20.29 -6.66
CA GLU A 348 7.94 21.71 -6.87
C GLU A 348 9.22 22.51 -6.95
N ASP A 349 10.35 21.93 -6.54
CA ASP A 349 11.64 22.60 -6.54
C ASP A 349 12.38 22.43 -7.86
N ALA A 350 11.82 21.70 -8.82
CA ALA A 350 12.56 21.34 -10.02
C ALA A 350 12.98 22.57 -10.83
N GLU A 351 12.08 23.54 -10.97
CA GLU A 351 12.38 24.70 -11.80
C GLU A 351 13.47 25.57 -11.18
N LYS A 352 13.34 25.89 -9.90
CA LYS A 352 14.31 26.79 -9.27
C LYS A 352 15.57 26.08 -8.83
N ASP A 353 15.62 24.75 -8.88
CA ASP A 353 16.83 24.01 -8.58
C ASP A 353 17.63 23.65 -9.83
N ALA A 354 17.17 24.05 -11.01
CA ALA A 354 17.85 23.70 -12.24
C ALA A 354 19.17 24.44 -12.34
N ARG A 355 20.26 23.70 -12.48
CA ARG A 355 21.59 24.29 -12.51
C ARG A 355 22.51 23.75 -13.58
N LEU A 356 22.20 22.62 -14.22
CA LEU A 356 23.14 21.92 -15.08
C LEU A 356 22.90 22.28 -16.54
N THR A 357 23.99 22.54 -17.25
CA THR A 357 23.94 22.77 -18.69
C THR A 357 23.87 21.43 -19.42
N LEU A 358 23.68 21.50 -20.74
CA LEU A 358 23.70 20.30 -21.55
C LEU A 358 25.09 19.66 -21.54
N ARG A 359 26.14 20.50 -21.56
CA ARG A 359 27.50 19.98 -21.58
C ARG A 359 27.82 19.22 -20.29
N GLU A 360 27.50 19.79 -19.14
CA GLU A 360 27.78 19.13 -17.87
C GLU A 360 26.98 17.84 -17.73
N LEU A 361 25.71 17.88 -18.10
CA LEU A 361 24.88 16.68 -18.04
C LEU A 361 25.43 15.59 -18.97
N GLU A 362 25.90 15.98 -20.16
CA GLU A 362 26.42 14.98 -21.08
C GLU A 362 27.75 14.42 -20.61
N GLN A 363 28.59 15.24 -19.96
CA GLN A 363 29.80 14.70 -19.36
C GLN A 363 29.49 13.70 -18.26
N LEU A 364 28.56 14.05 -17.38
CA LEU A 364 28.16 13.12 -16.32
C LEU A 364 27.57 11.84 -16.90
N LEU A 365 26.76 11.97 -17.95
CA LEU A 365 26.14 10.81 -18.57
C LEU A 365 27.18 9.91 -19.22
N VAL A 366 28.14 10.50 -19.94
CA VAL A 366 29.17 9.71 -20.60
C VAL A 366 30.03 9.01 -19.55
N ARG A 367 30.38 9.71 -18.47
CA ARG A 367 31.16 9.08 -17.42
C ARG A 367 30.38 7.94 -16.76
N TYR A 368 29.08 8.13 -16.57
CA TYR A 368 28.25 7.07 -16.00
C TYR A 368 28.24 5.85 -16.92
N ILE A 369 28.08 6.06 -18.22
CA ILE A 369 28.01 4.93 -19.15
C ILE A 369 29.35 4.21 -19.21
N VAL A 370 30.45 4.96 -19.34
CA VAL A 370 31.75 4.34 -19.52
C VAL A 370 32.21 3.66 -18.23
N ASP A 371 32.05 4.33 -17.09
CA ASP A 371 32.63 3.87 -15.84
C ASP A 371 31.70 3.03 -14.98
N ARG A 372 30.39 3.17 -15.15
CA ARG A 372 29.44 2.34 -14.41
C ARG A 372 28.67 1.37 -15.29
N TYR A 373 27.93 1.88 -16.27
CA TYR A 373 26.92 1.05 -16.93
C TYR A 373 27.56 -0.04 -17.79
N ASN A 374 28.52 0.35 -18.63
CA ASN A 374 29.17 -0.64 -19.48
C ASN A 374 30.06 -1.57 -18.68
N GLN A 375 30.68 -1.07 -17.61
CA GLN A 375 31.49 -1.89 -16.74
C GLN A 375 30.66 -2.69 -15.75
N SER A 376 29.35 -2.44 -15.68
CA SER A 376 28.49 -3.23 -14.82
C SER A 376 28.26 -4.60 -15.42
N ILE A 377 27.75 -5.50 -14.59
CA ILE A 377 27.58 -6.89 -14.99
C ILE A 377 26.27 -7.05 -15.75
N ASP A 378 26.32 -7.76 -16.87
CA ASP A 378 25.10 -8.15 -17.56
C ASP A 378 24.24 -9.00 -16.63
N ALA A 379 22.97 -8.63 -16.51
CA ALA A 379 22.11 -9.24 -15.49
C ALA A 379 21.94 -10.74 -15.72
N ARG A 380 21.71 -11.15 -16.97
CA ARG A 380 21.49 -12.56 -17.26
C ARG A 380 22.76 -13.38 -17.06
N MET A 381 23.91 -12.80 -17.38
CA MET A 381 25.16 -13.56 -17.30
C MET A 381 25.61 -13.73 -15.85
N GLY A 382 25.82 -12.61 -15.15
CA GLY A 382 26.22 -12.66 -13.76
C GLY A 382 27.71 -12.78 -13.53
N ASP A 383 28.50 -12.98 -14.58
CA ASP A 383 29.94 -13.14 -14.45
C ASP A 383 30.73 -12.28 -15.43
N GLN A 384 30.06 -11.59 -16.34
CA GLN A 384 30.71 -10.77 -17.35
C GLN A 384 30.18 -9.35 -17.26
N THR A 385 31.04 -8.39 -17.51
CA THR A 385 30.57 -7.04 -17.70
C THR A 385 29.98 -6.91 -19.10
N ARG A 386 29.19 -5.84 -19.30
CA ARG A 386 28.56 -5.63 -20.59
C ARG A 386 29.60 -5.41 -21.68
N PHE A 387 30.65 -4.64 -21.39
CA PHE A 387 31.71 -4.44 -22.36
C PHE A 387 32.51 -5.72 -22.59
N GLU A 388 32.74 -6.50 -21.54
CA GLU A 388 33.43 -7.77 -21.71
C GLU A 388 32.62 -8.71 -22.59
N ARG A 389 31.31 -8.77 -22.38
CA ARG A 389 30.45 -9.58 -23.24
C ARG A 389 30.47 -9.08 -24.67
N TRP A 390 30.49 -7.76 -24.85
CA TRP A 390 30.51 -7.21 -26.20
C TRP A 390 31.83 -7.54 -26.91
N GLU A 391 32.95 -7.30 -26.26
CA GLU A 391 34.25 -7.55 -26.88
C GLU A 391 34.47 -9.02 -27.15
N ALA A 392 34.11 -9.89 -26.20
CA ALA A 392 34.32 -11.31 -26.39
C ALA A 392 33.40 -11.88 -27.46
N GLY A 393 32.19 -11.36 -27.59
CA GLY A 393 31.23 -11.87 -28.54
C GLY A 393 31.40 -11.40 -29.96
N LEU A 394 32.37 -10.56 -30.25
CA LEU A 394 32.59 -10.10 -31.60
C LEU A 394 33.07 -11.26 -32.47
N PRO A 395 32.37 -11.59 -33.56
CA PRO A 395 32.85 -12.67 -34.43
C PRO A 395 34.22 -12.37 -35.01
N THR A 396 34.46 -11.13 -35.41
CA THR A 396 35.76 -10.65 -35.85
C THR A 396 35.89 -9.20 -35.40
N VAL A 397 37.13 -8.77 -35.20
CA VAL A 397 37.40 -7.39 -34.81
C VAL A 397 37.03 -6.49 -35.98
N PRO A 398 35.97 -5.69 -35.89
CA PRO A 398 35.58 -4.87 -37.04
C PRO A 398 36.62 -3.82 -37.36
N VAL A 399 36.80 -3.56 -38.64
CA VAL A 399 37.71 -2.52 -39.10
C VAL A 399 37.00 -1.17 -38.96
N PRO A 400 37.60 -0.18 -38.29
CA PRO A 400 36.94 1.11 -38.13
C PRO A 400 36.58 1.73 -39.47
N ILE A 401 35.38 2.27 -39.55
CA ILE A 401 34.86 2.89 -40.76
C ILE A 401 35.29 4.36 -40.78
N PRO A 402 35.87 4.85 -41.87
CA PRO A 402 36.30 6.25 -41.92
C PRO A 402 35.11 7.19 -41.75
N GLU A 403 35.39 8.35 -41.17
CA GLU A 403 34.34 9.32 -40.88
C GLU A 403 33.61 9.76 -42.15
N ARG A 404 34.36 9.99 -43.22
CA ARG A 404 33.76 10.51 -44.45
C ARG A 404 32.75 9.55 -45.05
N ASP A 405 33.10 8.26 -45.10
CA ASP A 405 32.19 7.28 -45.68
C ASP A 405 30.89 7.20 -44.87
N LEU A 406 31.01 7.17 -43.55
CA LEU A 406 29.81 7.09 -42.71
C LEU A 406 28.98 8.36 -42.80
N ASP A 407 29.63 9.52 -42.86
CA ASP A 407 28.89 10.78 -43.02
C ASP A 407 28.13 10.80 -44.33
N ILE A 408 28.75 10.34 -45.41
CA ILE A 408 28.05 10.22 -46.68
C ILE A 408 26.89 9.24 -46.56
N CYS A 409 27.09 8.16 -45.80
CA CYS A 409 26.07 7.12 -45.72
C CYS A 409 24.80 7.63 -45.03
N LEU A 410 24.94 8.47 -44.02
CA LEU A 410 23.81 8.93 -43.20
C LEU A 410 23.25 10.25 -43.73
N MET A 411 23.49 10.56 -44.99
CA MET A 411 23.06 11.83 -45.56
C MET A 411 21.66 11.71 -46.14
N LYS A 412 20.84 12.71 -45.87
CA LYS A 412 19.49 12.77 -46.45
C LYS A 412 19.58 12.91 -47.96
N GLN A 413 18.77 12.14 -48.68
CA GLN A 413 18.85 12.14 -50.13
C GLN A 413 17.45 12.08 -50.74
N SER A 414 17.36 12.54 -51.98
CA SER A 414 16.14 12.55 -52.75
C SER A 414 16.51 12.38 -54.22
N ARG A 415 15.58 12.70 -55.12
CA ARG A 415 15.83 12.60 -56.56
C ARG A 415 15.51 13.94 -57.21
N ARG A 416 16.45 14.44 -58.01
CA ARG A 416 16.29 15.72 -58.68
C ARG A 416 16.96 15.67 -60.05
N THR A 417 16.55 16.59 -60.92
CA THR A 417 17.14 16.75 -62.24
C THR A 417 17.86 18.09 -62.33
N VAL A 418 18.57 18.29 -63.44
CA VAL A 418 19.42 19.45 -63.64
C VAL A 418 18.93 20.22 -64.86
N GLN A 419 18.85 21.54 -64.71
CA GLN A 419 18.38 22.42 -65.78
C GLN A 419 19.49 22.65 -66.80
N ARG A 420 19.19 23.49 -67.79
CA ARG A 420 20.18 23.83 -68.80
C ARG A 420 21.28 24.69 -68.19
N GLY A 421 22.53 24.37 -68.55
CA GLY A 421 23.66 25.09 -67.98
C GLY A 421 23.92 24.77 -66.53
N GLY A 422 23.48 23.60 -66.07
CA GLY A 422 23.63 23.27 -64.66
C GLY A 422 22.71 24.12 -63.81
N CYS A 423 23.28 24.74 -62.77
CA CYS A 423 22.55 25.61 -61.86
C CYS A 423 21.36 24.89 -61.23
N LEU A 424 21.62 23.69 -60.70
CA LEU A 424 20.59 22.96 -59.97
C LEU A 424 20.21 23.73 -58.71
N GLN A 425 18.90 23.90 -58.50
CA GLN A 425 18.39 24.63 -57.36
C GLN A 425 17.87 23.67 -56.30
N PHE A 426 18.12 24.00 -55.03
CA PHE A 426 17.85 23.10 -53.92
C PHE A 426 17.35 23.91 -52.73
N GLN A 427 16.13 23.62 -52.28
CA GLN A 427 15.52 24.29 -51.13
C GLN A 427 15.68 25.81 -51.19
N ASN A 428 15.10 26.40 -52.23
CA ASN A 428 15.10 27.84 -52.46
C ASN A 428 16.51 28.42 -52.56
N LEU A 429 17.49 27.58 -52.90
CA LEU A 429 18.85 28.02 -53.12
C LEU A 429 19.35 27.40 -54.42
N MET A 430 20.31 28.07 -55.06
CA MET A 430 20.86 27.60 -56.33
C MET A 430 22.38 27.62 -56.27
N TYR A 431 22.99 26.64 -56.92
CA TYR A 431 24.43 26.55 -57.06
C TYR A 431 24.76 25.59 -58.19
N ARG A 432 25.97 25.72 -58.72
CA ARG A 432 26.43 24.93 -59.85
C ARG A 432 27.88 24.53 -59.65
N GLY A 433 28.26 23.41 -60.25
CA GLY A 433 29.63 22.94 -60.18
C GLY A 433 30.21 22.63 -61.56
N GLU A 434 30.69 21.41 -61.74
CA GLU A 434 31.24 20.97 -63.02
C GLU A 434 30.63 19.63 -63.39
N TYR A 435 30.70 19.32 -64.68
CA TYR A 435 30.16 18.07 -65.23
C TYR A 435 28.68 17.92 -64.87
N LEU A 436 27.93 18.99 -65.04
CA LEU A 436 26.51 19.01 -64.69
C LEU A 436 25.61 19.37 -65.86
N ALA A 437 26.00 20.33 -66.70
CA ALA A 437 25.14 20.72 -67.81
C ALA A 437 25.01 19.62 -68.86
N GLY A 438 26.03 18.76 -68.98
CA GLY A 438 26.02 17.72 -69.99
C GLY A 438 24.92 16.69 -69.83
N TYR A 439 24.27 16.63 -68.68
CA TYR A 439 23.18 15.69 -68.43
C TYR A 439 21.86 16.42 -68.17
N ALA A 440 21.74 17.65 -68.66
CA ALA A 440 20.53 18.43 -68.43
C ALA A 440 19.32 17.68 -68.98
N GLY A 441 18.42 17.28 -68.09
CA GLY A 441 17.27 16.47 -68.44
C GLY A 441 17.28 15.08 -67.84
N GLU A 442 18.29 14.74 -67.05
CA GLU A 442 18.37 13.43 -66.38
C GLU A 442 18.16 13.63 -64.89
N THR A 443 17.27 12.82 -64.31
CA THR A 443 17.01 12.88 -62.88
C THR A 443 18.06 12.07 -62.13
N VAL A 444 18.66 12.68 -61.12
CA VAL A 444 19.78 12.08 -60.40
C VAL A 444 19.54 12.20 -58.90
N ASN A 445 20.25 11.36 -58.15
CA ASN A 445 20.13 11.39 -56.69
C ASN A 445 20.77 12.66 -56.15
N LEU A 446 20.38 13.02 -54.92
CA LEU A 446 20.79 14.28 -54.33
C LEU A 446 20.92 14.08 -52.82
N ARG A 447 22.12 13.76 -52.36
CA ARG A 447 22.36 13.54 -50.93
C ARG A 447 23.07 14.75 -50.33
N PHE A 448 22.57 15.18 -49.17
CA PHE A 448 23.07 16.39 -48.53
C PHE A 448 22.95 16.25 -47.02
N ASP A 449 23.66 17.12 -46.31
CA ASP A 449 23.59 17.17 -44.85
C ASP A 449 22.70 18.33 -44.44
N PRO A 450 21.61 18.11 -43.72
CA PRO A 450 20.71 19.22 -43.39
C PRO A 450 21.23 20.09 -42.27
N ARG A 451 22.53 20.39 -42.30
CA ARG A 451 23.13 21.42 -41.46
C ARG A 451 24.09 22.33 -42.22
N ASP A 452 24.67 21.88 -43.34
CA ASP A 452 25.45 22.70 -44.24
C ASP A 452 24.91 22.44 -45.64
N ILE A 453 23.85 23.17 -46.01
CA ILE A 453 23.19 22.96 -47.29
C ILE A 453 23.92 23.65 -48.44
N THR A 454 24.92 24.49 -48.12
CA THR A 454 25.61 25.24 -49.16
C THR A 454 26.31 24.33 -50.16
N THR A 455 26.75 23.16 -49.72
CA THR A 455 27.44 22.21 -50.58
C THR A 455 26.70 20.87 -50.52
N ILE A 456 26.41 20.31 -51.68
CA ILE A 456 25.63 19.07 -51.79
C ILE A 456 26.33 18.14 -52.75
N LEU A 457 25.91 16.88 -52.74
CA LEU A 457 26.50 15.83 -53.56
C LEU A 457 25.52 15.43 -54.65
N VAL A 458 25.94 15.52 -55.92
CA VAL A 458 25.13 15.15 -57.06
C VAL A 458 25.64 13.81 -57.57
N TYR A 459 24.77 12.80 -57.56
CA TYR A 459 25.11 11.47 -58.03
C TYR A 459 24.63 11.30 -59.47
N ARG A 460 24.79 10.09 -60.00
CA ARG A 460 24.24 9.78 -61.33
C ARG A 460 24.15 8.27 -61.50
N GLN A 461 22.98 7.78 -61.90
CA GLN A 461 22.80 6.37 -62.20
C GLN A 461 23.27 6.15 -63.63
N GLU A 462 24.48 5.63 -63.80
CA GLU A 462 25.08 5.57 -65.13
C GLU A 462 25.18 4.14 -65.66
N ASN A 463 24.75 3.16 -64.87
CA ASN A 463 24.45 1.81 -65.31
C ASN A 463 23.26 1.37 -64.46
N ASN A 464 23.08 0.06 -64.33
CA ASN A 464 22.31 -0.44 -63.19
C ASN A 464 23.02 -0.05 -61.90
N GLN A 465 24.18 0.59 -62.03
CA GLN A 465 24.95 1.10 -60.91
C GLN A 465 24.88 2.63 -60.86
N GLU A 466 25.04 3.14 -59.64
CA GLU A 466 24.96 4.56 -59.32
C GLU A 466 26.33 5.03 -58.86
N VAL A 467 26.86 6.06 -59.52
CA VAL A 467 28.22 6.53 -59.28
C VAL A 467 28.22 8.01 -58.97
N PHE A 468 29.26 8.45 -58.27
CA PHE A 468 29.38 9.83 -57.81
C PHE A 468 29.67 10.73 -59.00
N LEU A 469 28.64 11.44 -59.46
CA LEU A 469 28.84 12.38 -60.56
C LEU A 469 29.79 13.50 -60.14
N THR A 470 29.36 14.35 -59.22
CA THR A 470 30.12 15.52 -58.79
C THR A 470 29.51 16.06 -57.51
N ARG A 471 29.94 17.25 -57.11
CA ARG A 471 29.30 18.01 -56.05
C ARG A 471 28.77 19.31 -56.62
N ALA A 472 27.74 19.85 -55.97
CA ALA A 472 27.23 21.18 -56.26
C ALA A 472 27.64 22.08 -55.10
N HIS A 473 28.60 22.95 -55.35
CA HIS A 473 29.13 23.86 -54.35
C HIS A 473 28.59 25.27 -54.59
N ALA A 474 28.37 25.99 -53.49
CA ALA A 474 27.86 27.35 -53.59
C ALA A 474 28.89 28.27 -54.24
N GLN A 475 28.40 29.17 -55.08
CA GLN A 475 29.27 30.12 -55.78
C GLN A 475 28.73 31.54 -55.67
N LYS B 31 4.46 9.55 33.40
CA LYS B 31 3.75 9.74 34.66
C LYS B 31 3.04 8.46 35.09
N ASN B 32 2.54 7.73 34.10
CA ASN B 32 1.87 6.45 34.35
C ASN B 32 2.23 5.48 33.25
N VAL B 33 2.44 4.22 33.61
CA VAL B 33 2.82 3.18 32.67
C VAL B 33 1.91 1.98 32.89
N ILE B 34 1.35 1.44 31.81
CA ILE B 34 0.42 0.32 31.89
C ILE B 34 0.91 -0.78 30.97
N ALA B 35 0.93 -2.01 31.47
CA ALA B 35 1.42 -3.16 30.70
C ALA B 35 0.26 -3.85 30.01
N THR B 36 0.38 -4.00 28.69
CA THR B 36 -0.66 -4.63 27.88
C THR B 36 -0.02 -5.52 26.83
N GLN B 37 -0.82 -6.43 26.28
CA GLN B 37 -0.37 -7.39 25.26
C GLN B 37 0.77 -8.25 25.78
N LEU B 38 0.69 -8.64 27.05
CA LEU B 38 1.70 -9.53 27.63
C LEU B 38 1.54 -10.95 27.10
N SER B 39 2.66 -11.65 26.97
CA SER B 39 2.71 -12.93 26.29
C SER B 39 2.15 -14.04 27.18
N GLU B 40 2.09 -15.26 26.62
CA GLU B 40 1.62 -16.42 27.38
C GLU B 40 2.56 -16.75 28.53
N GLU B 41 3.87 -16.65 28.30
CA GLU B 41 4.82 -16.81 29.38
C GLU B 41 4.59 -15.74 30.46
N ALA B 42 4.33 -14.50 30.04
CA ALA B 42 3.93 -13.47 30.99
C ALA B 42 2.63 -13.84 31.68
N GLN B 43 1.74 -14.55 30.99
CA GLN B 43 0.49 -14.98 31.64
C GLN B 43 0.76 -16.00 32.75
N VAL B 44 1.66 -16.97 32.51
CA VAL B 44 1.97 -17.93 33.56
C VAL B 44 2.72 -17.26 34.70
N LYS B 45 3.55 -16.27 34.39
CA LYS B 45 4.20 -15.51 35.46
C LYS B 45 3.19 -14.72 36.27
N LEU B 46 2.17 -14.18 35.61
CA LEU B 46 1.10 -13.48 36.32
C LEU B 46 0.33 -14.45 37.22
N GLU B 47 0.08 -15.66 36.73
CA GLU B 47 -0.59 -16.66 37.56
C GLU B 47 0.25 -17.01 38.79
N VAL B 48 1.56 -17.16 38.61
CA VAL B 48 2.42 -17.49 39.73
C VAL B 48 2.49 -16.32 40.71
N ILE B 49 2.46 -15.09 40.22
CA ILE B 49 2.49 -13.93 41.11
C ILE B 49 1.17 -13.80 41.86
N GLN B 50 0.05 -14.20 41.22
CA GLN B 50 -1.22 -14.22 41.92
C GLN B 50 -1.22 -15.29 43.01
N SER B 51 -0.63 -16.45 42.73
CA SER B 51 -0.49 -17.48 43.76
C SER B 51 0.49 -17.06 44.85
N LEU B 52 1.38 -16.12 44.57
CA LEU B 52 2.35 -15.63 45.54
C LEU B 52 1.88 -14.40 46.30
N LEU B 53 0.68 -13.90 46.01
CA LEU B 53 0.23 -12.65 46.59
C LEU B 53 -0.62 -12.81 47.85
N GLU B 54 -1.20 -13.99 48.05
CA GLU B 54 -2.03 -14.20 49.24
C GLU B 54 -1.18 -14.07 50.50
N PRO B 55 -1.59 -13.25 51.46
CA PRO B 55 -0.79 -13.11 52.69
C PRO B 55 -0.68 -14.44 53.43
N CYS B 56 0.50 -14.67 53.99
CA CYS B 56 0.79 -15.92 54.68
C CYS B 56 2.02 -15.70 55.57
N ASP B 57 2.59 -16.80 56.05
CA ASP B 57 3.72 -16.74 56.97
C ASP B 57 4.98 -17.31 56.32
N ARG B 58 6.12 -16.77 56.76
CA ARG B 58 7.44 -17.17 56.27
C ARG B 58 7.57 -18.67 56.05
N THR B 59 7.16 -19.46 57.04
CA THR B 59 7.30 -20.92 56.94
C THR B 59 6.49 -21.48 55.77
N THR B 60 5.27 -20.98 55.58
CA THR B 60 4.46 -21.44 54.45
C THR B 60 4.61 -20.56 53.21
N TYR B 61 5.08 -19.33 53.38
CA TYR B 61 5.40 -18.50 52.21
C TYR B 61 6.56 -19.09 51.42
N GLY B 62 7.59 -19.57 52.11
CA GLY B 62 8.73 -20.15 51.42
C GLY B 62 8.38 -21.40 50.63
N GLN B 63 7.40 -22.17 51.11
CA GLN B 63 6.99 -23.37 50.38
C GLN B 63 6.47 -23.02 49.00
N LYS B 64 5.53 -22.08 48.92
CA LYS B 64 5.04 -21.65 47.61
C LYS B 64 6.09 -20.85 46.85
N LEU B 65 7.05 -20.24 47.53
CA LEU B 65 8.16 -19.60 46.83
C LEU B 65 8.96 -20.61 46.03
N ARG B 66 9.39 -21.70 46.68
CA ARG B 66 10.11 -22.73 45.92
C ARG B 66 9.20 -23.52 45.00
N GLU B 67 7.90 -23.57 45.27
CA GLU B 67 6.98 -24.14 44.29
C GLU B 67 6.94 -23.30 43.02
N ALA B 68 6.94 -21.97 43.17
CA ALA B 68 7.04 -21.09 42.02
C ALA B 68 8.37 -21.28 41.30
N ALA B 69 9.46 -21.44 42.05
CA ALA B 69 10.75 -21.69 41.44
C ALA B 69 10.74 -22.99 40.64
N GLU B 70 10.07 -24.02 41.15
CA GLU B 70 10.02 -25.31 40.46
C GLU B 70 9.14 -25.24 39.22
N LYS B 71 7.96 -24.65 39.34
CA LYS B 71 7.05 -24.57 38.20
C LYS B 71 7.57 -23.65 37.11
N LEU B 72 8.46 -22.72 37.45
CA LEU B 72 9.16 -21.90 36.47
C LEU B 72 10.51 -22.47 36.10
N ASN B 73 10.85 -23.65 36.61
CA ASN B 73 12.15 -24.31 36.42
C ASN B 73 13.31 -23.32 36.49
N VAL B 74 13.29 -22.49 37.53
CA VAL B 74 14.35 -21.53 37.81
C VAL B 74 14.67 -21.59 39.30
N SER B 75 15.73 -20.88 39.69
CA SER B 75 16.13 -20.83 41.08
C SER B 75 15.15 -19.97 41.88
N LEU B 76 15.22 -20.12 43.20
CA LEU B 76 14.37 -19.33 44.08
C LEU B 76 14.71 -17.85 44.00
N ARG B 77 16.01 -17.53 43.92
CA ARG B 77 16.41 -16.13 43.85
C ARG B 77 15.93 -15.48 42.56
N THR B 78 15.71 -16.25 41.50
CA THR B 78 15.07 -15.71 40.31
C THR B 78 13.65 -15.25 40.62
N VAL B 79 12.91 -16.04 41.41
CA VAL B 79 11.57 -15.63 41.83
C VAL B 79 11.66 -14.43 42.78
N GLN B 80 12.72 -14.35 43.58
CA GLN B 80 12.95 -13.18 44.42
C GLN B 80 13.09 -11.94 43.57
N ARG B 81 13.89 -12.02 42.51
CA ARG B 81 14.04 -10.90 41.59
C ARG B 81 12.74 -10.59 40.88
N LEU B 82 11.97 -11.63 40.55
CA LEU B 82 10.68 -11.44 39.89
C LEU B 82 9.73 -10.64 40.77
N VAL B 83 9.61 -11.02 42.04
CA VAL B 83 8.70 -10.31 42.93
C VAL B 83 9.23 -8.90 43.22
N LYS B 84 10.54 -8.75 43.31
CA LYS B 84 11.12 -7.42 43.52
C LYS B 84 10.78 -6.48 42.38
N ASN B 85 11.02 -6.92 41.13
CA ASN B 85 10.73 -6.04 40.00
C ASN B 85 9.23 -5.87 39.80
N TRP B 86 8.42 -6.87 40.17
CA TRP B 86 6.98 -6.72 40.09
C TRP B 86 6.48 -5.67 41.07
N GLU B 87 7.03 -5.64 42.28
CA GLU B 87 6.59 -4.63 43.24
C GLU B 87 7.18 -3.25 42.94
N GLN B 88 8.36 -3.19 42.34
CA GLN B 88 8.99 -1.91 42.06
C GLN B 88 8.58 -1.32 40.70
N ASP B 89 7.94 -2.09 39.84
CA ASP B 89 7.51 -1.60 38.53
C ASP B 89 6.08 -1.97 38.17
N GLY B 90 5.47 -2.94 38.81
CA GLY B 90 4.13 -3.37 38.45
C GLY B 90 4.14 -4.55 37.50
N LEU B 91 3.12 -4.65 36.65
CA LEU B 91 3.10 -5.71 35.65
C LEU B 91 4.05 -5.42 34.49
N VAL B 92 4.61 -4.21 34.42
CA VAL B 92 5.66 -3.93 33.44
C VAL B 92 6.92 -4.71 33.79
N GLY B 93 7.28 -4.75 35.08
CA GLY B 93 8.41 -5.54 35.50
C GLY B 93 8.19 -7.03 35.38
N LEU B 94 6.94 -7.45 35.24
CA LEU B 94 6.65 -8.87 35.05
C LEU B 94 7.27 -9.39 33.76
N THR B 95 7.18 -8.63 32.68
CA THR B 95 7.79 -9.01 31.42
C THR B 95 9.17 -8.37 31.29
N GLN B 96 10.07 -9.08 30.62
CA GLN B 96 11.43 -8.59 30.48
C GLN B 96 11.44 -7.31 29.67
N THR B 97 12.13 -6.30 30.18
CA THR B 97 12.25 -5.03 29.48
C THR B 97 13.15 -5.17 28.27
N SER B 98 12.82 -4.41 27.22
CA SER B 98 13.63 -4.42 26.02
C SER B 98 15.02 -3.87 26.31
N ARG B 99 16.01 -4.42 25.64
CA ARG B 99 17.39 -4.03 25.87
C ARG B 99 17.63 -2.59 25.44
N ALA B 100 18.60 -1.93 26.07
CA ALA B 100 18.89 -0.54 25.77
C ALA B 100 19.41 -0.35 24.35
N ASP B 101 19.92 -1.41 23.72
CA ASP B 101 20.41 -1.30 22.35
C ASP B 101 19.30 -1.43 21.32
N LYS B 102 18.06 -1.67 21.73
CA LYS B 102 16.95 -1.68 20.80
C LYS B 102 16.77 -0.30 20.20
N GLY B 103 16.84 -0.22 18.87
CA GLY B 103 16.83 1.04 18.17
C GLY B 103 18.19 1.68 18.02
N LYS B 104 19.18 1.23 18.78
CA LYS B 104 20.54 1.73 18.62
C LYS B 104 21.25 0.98 17.50
N HIS B 105 22.34 1.56 17.02
CA HIS B 105 23.10 0.99 15.92
C HIS B 105 24.55 0.81 16.33
N ARG B 106 25.08 -0.40 16.12
CA ARG B 106 26.42 -0.77 16.56
C ARG B 106 27.51 -0.29 15.61
N ILE B 107 27.15 0.29 14.47
CA ILE B 107 28.16 0.74 13.51
C ILE B 107 28.98 1.87 14.09
N GLY B 108 28.36 2.75 14.87
CA GLY B 108 29.07 3.88 15.47
C GLY B 108 28.34 5.18 15.21
N GLU B 109 28.52 6.13 16.13
CA GLU B 109 27.88 7.43 15.99
C GLU B 109 28.35 8.14 14.74
N PHE B 110 29.62 7.97 14.38
CA PHE B 110 30.15 8.65 13.19
C PHE B 110 29.45 8.16 11.92
N TRP B 111 29.33 6.83 11.77
CA TRP B 111 28.66 6.30 10.58
C TRP B 111 27.17 6.61 10.61
N GLU B 112 26.57 6.61 11.81
CA GLU B 112 25.17 7.04 11.95
C GLU B 112 24.99 8.43 11.37
N ASN B 113 25.81 9.37 11.82
CA ASN B 113 25.69 10.76 11.40
C ASN B 113 26.00 10.90 9.92
N PHE B 114 26.99 10.17 9.42
CA PHE B 114 27.33 10.26 8.00
C PHE B 114 26.18 9.79 7.13
N ILE B 115 25.57 8.66 7.49
CA ILE B 115 24.44 8.14 6.71
C ILE B 115 23.28 9.12 6.74
N THR B 116 22.94 9.62 7.93
CA THR B 116 21.80 10.53 8.05
C THR B 116 22.05 11.82 7.28
N LYS B 117 23.26 12.38 7.39
CA LYS B 117 23.58 13.62 6.70
C LYS B 117 23.59 13.43 5.20
N THR B 118 24.14 12.32 4.71
CA THR B 118 24.16 12.06 3.28
C THR B 118 22.74 11.95 2.73
N TYR B 119 21.87 11.21 3.43
CA TYR B 119 20.50 11.09 2.98
C TYR B 119 19.78 12.43 2.98
N LYS B 120 19.96 13.21 4.06
CA LYS B 120 19.27 14.49 4.16
C LYS B 120 19.75 15.47 3.09
N GLU B 121 21.06 15.52 2.86
CA GLU B 121 21.61 16.45 1.86
C GLU B 121 21.22 16.03 0.46
N GLY B 122 21.22 14.73 0.16
CA GLY B 122 20.92 14.28 -1.19
C GLY B 122 19.46 14.35 -1.56
N ASN B 123 18.57 14.43 -0.56
CA ASN B 123 17.15 14.62 -0.81
C ASN B 123 16.73 16.06 -0.64
N LYS B 124 17.68 16.99 -0.58
CA LYS B 124 17.39 18.40 -0.40
C LYS B 124 17.20 19.06 -1.77
N GLY B 125 16.02 19.62 -2.00
CA GLY B 125 15.71 20.19 -3.29
C GLY B 125 15.02 19.20 -4.20
N SER B 126 15.19 19.36 -5.51
CA SER B 126 14.60 18.40 -6.45
C SER B 126 15.36 17.08 -6.49
N LYS B 127 16.56 17.03 -5.91
CA LYS B 127 17.33 15.79 -5.89
C LYS B 127 16.63 14.74 -5.05
N ARG B 128 16.82 13.48 -5.43
CA ARG B 128 16.27 12.34 -4.69
C ARG B 128 17.35 11.26 -4.60
N MET B 129 17.95 11.11 -3.43
CA MET B 129 18.92 10.05 -3.19
C MET B 129 18.23 8.91 -2.44
N THR B 130 18.25 7.73 -3.04
CA THR B 130 17.75 6.53 -2.39
C THR B 130 18.79 5.99 -1.42
N PRO B 131 18.36 5.14 -0.47
CA PRO B 131 19.34 4.54 0.45
C PRO B 131 20.45 3.76 -0.24
N LYS B 132 20.20 3.21 -1.43
CA LYS B 132 21.26 2.51 -2.15
C LYS B 132 22.40 3.46 -2.51
N GLN B 133 22.06 4.66 -2.95
CA GLN B 133 23.09 5.65 -3.25
C GLN B 133 23.81 6.13 -2.00
N VAL B 134 23.10 6.20 -0.88
CA VAL B 134 23.75 6.51 0.39
C VAL B 134 24.74 5.42 0.75
N ALA B 135 24.39 4.16 0.52
CA ALA B 135 25.32 3.07 0.76
C ALA B 135 26.52 3.16 -0.17
N LEU B 136 26.29 3.55 -1.42
CA LEU B 136 27.39 3.73 -2.36
C LEU B 136 28.34 4.83 -1.89
N ARG B 137 27.79 5.93 -1.40
CA ARG B 137 28.63 7.02 -0.89
C ARG B 137 29.35 6.60 0.38
N VAL B 138 28.71 5.79 1.22
CA VAL B 138 29.37 5.24 2.40
C VAL B 138 30.57 4.39 1.98
N GLU B 139 30.39 3.56 0.97
CA GLU B 139 31.48 2.73 0.46
C GLU B 139 32.62 3.60 -0.08
N ALA B 140 32.27 4.65 -0.82
CA ALA B 140 33.31 5.52 -1.37
C ALA B 140 34.08 6.22 -0.25
N LYS B 141 33.37 6.71 0.77
CA LYS B 141 34.04 7.37 1.88
C LYS B 141 34.92 6.40 2.65
N ALA B 142 34.44 5.17 2.86
CA ALA B 142 35.25 4.17 3.54
C ALA B 142 36.51 3.85 2.75
N ARG B 143 36.39 3.80 1.42
CA ARG B 143 37.59 3.65 0.59
C ARG B 143 38.53 4.83 0.78
N GLU B 144 37.98 6.05 0.88
CA GLU B 144 38.82 7.22 1.11
C GLU B 144 39.39 7.24 2.53
N LEU B 145 38.66 6.70 3.51
CA LEU B 145 39.14 6.62 4.88
C LEU B 145 39.96 5.36 5.16
N LYS B 146 40.18 4.52 4.14
CA LYS B 146 40.91 3.26 4.31
C LYS B 146 40.26 2.39 5.39
N ASP B 147 38.93 2.37 5.40
CA ASP B 147 38.17 1.53 6.33
C ASP B 147 37.69 0.29 5.60
N SER B 148 38.03 -0.88 6.14
CA SER B 148 37.65 -2.15 5.54
C SER B 148 36.33 -2.68 6.05
N LYS B 149 35.66 -1.97 6.95
CA LYS B 149 34.37 -2.40 7.51
C LYS B 149 33.37 -1.26 7.43
N PRO B 150 32.90 -0.91 6.23
CA PRO B 150 31.83 0.07 6.12
C PRO B 150 30.48 -0.56 6.42
N PRO B 151 29.51 0.22 6.88
CA PRO B 151 28.16 -0.32 7.09
C PRO B 151 27.57 -0.86 5.80
N ASN B 152 26.82 -1.94 5.92
CA ASN B 152 26.21 -2.55 4.75
C ASN B 152 25.02 -1.72 4.27
N TYR B 153 24.57 -2.02 3.05
CA TYR B 153 23.41 -1.35 2.49
C TYR B 153 22.16 -1.65 3.30
N LYS B 154 22.05 -2.87 3.82
CA LYS B 154 20.95 -3.20 4.71
C LYS B 154 21.01 -2.37 5.99
N THR B 155 22.22 -2.14 6.50
CA THR B 155 22.37 -1.26 7.66
C THR B 155 21.97 0.16 7.33
N VAL B 156 22.30 0.64 6.13
CA VAL B 156 21.89 1.98 5.72
C VAL B 156 20.38 2.08 5.66
N LEU B 157 19.73 1.06 5.10
CA LEU B 157 18.27 1.03 5.07
C LEU B 157 17.70 1.08 6.48
N ARG B 158 18.28 0.30 7.40
CA ARG B 158 17.77 0.29 8.77
C ARG B 158 17.96 1.64 9.45
N VAL B 159 19.10 2.30 9.21
CA VAL B 159 19.35 3.60 9.81
C VAL B 159 18.39 4.63 9.26
N LEU B 160 18.08 4.57 7.96
CA LEU B 160 17.24 5.58 7.34
C LEU B 160 15.75 5.28 7.41
N ALA B 161 15.36 4.09 7.87
CA ALA B 161 13.94 3.76 7.98
C ALA B 161 13.16 4.72 8.88
N PRO B 162 13.64 5.09 10.08
CA PRO B 162 12.86 6.05 10.88
C PRO B 162 12.62 7.38 10.17
N ILE B 163 13.60 7.88 9.43
CA ILE B 163 13.43 9.14 8.71
C ILE B 163 12.34 9.01 7.66
N LEU B 164 12.36 7.91 6.91
CA LEU B 164 11.35 7.71 5.87
C LEU B 164 9.95 7.57 6.47
N GLU B 165 9.83 6.82 7.57
CA GLU B 165 8.52 6.67 8.20
C GLU B 165 8.03 8.01 8.76
N LYS B 166 8.93 8.81 9.33
CA LYS B 166 8.54 10.12 9.82
C LYS B 166 8.10 11.04 8.68
N GLN B 167 8.79 10.98 7.55
CA GLN B 167 8.39 11.79 6.40
C GLN B 167 7.03 11.39 5.88
N GLN B 168 6.78 10.08 5.75
CA GLN B 168 5.48 9.63 5.28
C GLN B 168 4.37 10.04 6.24
N LYS B 169 4.62 9.89 7.55
CA LYS B 169 3.64 10.32 8.54
C LYS B 169 3.40 11.82 8.47
N ALA B 170 4.44 12.59 8.16
CA ALA B 170 4.27 14.04 8.01
C ALA B 170 3.38 14.36 6.81
N LYS B 171 3.59 13.67 5.68
CA LYS B 171 2.73 13.91 4.53
C LYS B 171 1.35 13.28 4.63
N SER B 172 1.09 12.47 5.67
CA SER B 172 -0.21 11.83 5.83
C SER B 172 -0.95 12.32 7.08
N ILE B 173 -0.94 13.62 7.32
CA ILE B 173 -1.60 14.22 8.49
C ILE B 173 -2.98 14.72 8.07
N ARG B 174 -3.99 14.40 8.88
CA ARG B 174 -5.37 14.76 8.62
C ARG B 174 -5.74 16.03 9.37
N SER B 175 -6.57 16.87 8.75
CA SER B 175 -7.02 18.12 9.35
C SER B 175 -8.40 17.95 9.96
N PRO B 176 -8.59 18.37 11.21
CA PRO B 176 -9.91 18.17 11.86
C PRO B 176 -11.06 18.86 11.15
N GLY B 177 -10.83 20.05 10.60
CA GLY B 177 -11.88 20.81 9.97
C GLY B 177 -12.78 21.51 10.98
N TRP B 178 -13.66 22.35 10.46
CA TRP B 178 -14.60 23.08 11.31
C TRP B 178 -15.73 22.17 11.75
N ARG B 179 -16.23 22.41 12.95
CA ARG B 179 -17.37 21.69 13.50
C ARG B 179 -18.45 22.68 13.93
N GLY B 180 -19.70 22.26 13.81
CA GLY B 180 -20.80 23.08 14.26
C GLY B 180 -21.20 24.16 13.27
N THR B 181 -21.99 25.11 13.77
CA THR B 181 -22.55 26.16 12.94
C THR B 181 -21.60 27.33 12.73
N THR B 182 -20.82 27.68 13.75
CA THR B 182 -19.90 28.81 13.63
C THR B 182 -18.81 28.48 12.62
N LEU B 183 -18.38 29.51 11.88
CA LEU B 183 -17.42 29.32 10.80
C LEU B 183 -16.80 30.65 10.44
N SER B 184 -15.51 30.64 10.16
CA SER B 184 -14.79 31.80 9.66
C SER B 184 -13.84 31.35 8.57
N VAL B 185 -13.54 32.28 7.65
CA VAL B 185 -12.63 32.02 6.54
C VAL B 185 -11.48 33.01 6.63
N LYS B 186 -10.26 32.50 6.53
CA LYS B 186 -9.09 33.34 6.61
C LYS B 186 -8.78 33.95 5.25
N THR B 187 -8.44 35.23 5.25
CA THR B 187 -8.15 35.97 4.04
C THR B 187 -6.65 36.21 3.91
N ARG B 188 -6.21 36.47 2.68
CA ARG B 188 -4.81 36.79 2.45
C ARG B 188 -4.41 38.11 3.10
N GLU B 189 -5.39 38.96 3.42
CA GLU B 189 -5.13 40.17 4.19
C GLU B 189 -4.79 39.87 5.64
N GLY B 190 -4.96 38.63 6.09
CA GLY B 190 -4.66 38.25 7.45
C GLY B 190 -5.83 38.30 8.40
N LYS B 191 -6.94 38.90 7.99
CA LYS B 191 -8.13 38.98 8.84
C LYS B 191 -9.02 37.76 8.63
N ASP B 192 -9.79 37.44 9.66
CA ASP B 192 -10.73 36.33 9.62
C ASP B 192 -12.12 36.90 9.36
N LEU B 193 -12.76 36.44 8.28
CA LEU B 193 -14.08 36.91 7.89
C LEU B 193 -15.12 35.91 8.36
N SER B 194 -16.11 36.38 9.11
CA SER B 194 -17.10 35.52 9.71
C SER B 194 -18.23 35.23 8.74
N VAL B 195 -18.63 33.96 8.68
CA VAL B 195 -19.78 33.53 7.88
C VAL B 195 -20.93 33.31 8.84
N ASP B 196 -21.98 34.13 8.73
CA ASP B 196 -23.01 34.19 9.73
C ASP B 196 -24.38 33.74 9.25
N TYR B 197 -24.71 33.95 7.98
CA TYR B 197 -26.05 33.64 7.48
C TYR B 197 -25.96 33.38 5.98
N SER B 198 -27.10 33.08 5.38
CA SER B 198 -27.15 32.78 3.96
C SER B 198 -26.85 34.01 3.13
N ASN B 199 -26.19 33.79 1.99
CA ASN B 199 -25.77 34.85 1.07
C ASN B 199 -24.91 35.89 1.76
N HIS B 200 -24.09 35.45 2.72
CA HIS B 200 -23.12 36.31 3.38
C HIS B 200 -21.75 36.22 2.72
N VAL B 201 -21.27 35.00 2.48
CA VAL B 201 -20.00 34.77 1.78
C VAL B 201 -20.25 33.74 0.70
N TRP B 202 -19.88 34.06 -0.53
CA TRP B 202 -20.05 33.19 -1.69
C TRP B 202 -18.70 32.80 -2.23
N GLN B 203 -18.47 31.50 -2.44
CA GLN B 203 -17.22 31.00 -2.97
C GLN B 203 -17.41 30.57 -4.41
N CYS B 204 -16.55 31.05 -5.31
CA CYS B 204 -16.60 30.72 -6.71
C CYS B 204 -15.24 30.20 -7.16
N ASP B 205 -15.25 29.12 -7.92
CA ASP B 205 -13.99 28.54 -8.39
C ASP B 205 -14.20 27.80 -9.69
N HIS B 206 -13.11 27.59 -10.41
CA HIS B 206 -13.11 26.95 -11.72
C HIS B 206 -12.45 25.58 -11.65
N THR B 207 -12.97 24.65 -12.44
CA THR B 207 -12.35 23.34 -12.63
C THR B 207 -12.46 22.96 -14.09
N ARG B 208 -11.61 22.03 -14.50
CA ARG B 208 -11.64 21.46 -15.84
C ARG B 208 -12.37 20.12 -15.74
N VAL B 209 -13.60 20.08 -16.27
CA VAL B 209 -14.42 18.87 -16.15
C VAL B 209 -13.69 17.69 -16.78
N ASP B 210 -13.80 16.53 -16.14
CA ASP B 210 -13.10 15.32 -16.55
C ASP B 210 -13.88 14.53 -17.60
N VAL B 211 -14.78 15.17 -18.33
CA VAL B 211 -15.63 14.48 -19.30
C VAL B 211 -15.41 15.14 -20.66
N LEU B 212 -15.06 14.33 -21.65
CA LEU B 212 -14.91 14.81 -23.02
C LEU B 212 -16.28 14.94 -23.69
N LEU B 213 -16.45 15.98 -24.48
CA LEU B 213 -17.71 16.27 -25.13
C LEU B 213 -17.56 16.24 -26.65
N VAL B 214 -18.68 16.06 -27.33
CA VAL B 214 -18.72 16.04 -28.79
C VAL B 214 -19.74 17.04 -29.27
N ASP B 215 -19.55 17.51 -30.50
CA ASP B 215 -20.47 18.44 -31.14
C ASP B 215 -21.50 17.66 -31.94
N GLN B 216 -22.24 18.35 -32.80
CA GLN B 216 -23.23 17.70 -33.65
C GLN B 216 -22.56 16.70 -34.58
N HIS B 217 -23.26 15.59 -34.83
CA HIS B 217 -22.88 14.53 -35.76
C HIS B 217 -21.72 13.70 -35.21
N GLY B 218 -21.14 14.13 -34.10
CA GLY B 218 -20.13 13.36 -33.42
C GLY B 218 -18.71 13.75 -33.77
N GLU B 219 -18.09 14.56 -32.90
CA GLU B 219 -16.67 14.91 -33.01
C GLU B 219 -16.23 15.61 -31.73
N ILE B 220 -15.14 15.15 -31.12
CA ILE B 220 -14.72 15.70 -29.84
C ILE B 220 -14.26 17.15 -30.03
N LEU B 221 -14.52 17.96 -29.01
CA LEU B 221 -14.03 19.34 -29.01
C LEU B 221 -13.01 19.60 -27.92
N SER B 222 -13.39 19.44 -26.65
CA SER B 222 -12.52 19.69 -25.50
C SER B 222 -13.24 19.18 -24.25
N ARG B 223 -12.63 19.42 -23.10
CA ARG B 223 -13.25 19.26 -21.80
C ARG B 223 -13.76 20.61 -21.32
N PRO B 224 -15.01 20.73 -20.89
CA PRO B 224 -15.55 22.04 -20.54
C PRO B 224 -15.02 22.53 -19.21
N TRP B 225 -15.04 23.85 -19.07
CA TRP B 225 -14.74 24.49 -17.80
C TRP B 225 -16.02 24.65 -16.98
N LEU B 226 -15.91 24.35 -15.69
CA LEU B 226 -17.03 24.44 -14.75
C LEU B 226 -16.69 25.46 -13.68
N THR B 227 -17.45 26.54 -13.63
CA THR B 227 -17.29 27.59 -12.63
C THR B 227 -18.46 27.47 -11.66
N THR B 228 -18.17 27.09 -10.42
CA THR B 228 -19.18 26.84 -9.41
C THR B 228 -19.16 27.95 -8.37
N VAL B 229 -20.33 28.49 -8.05
CA VAL B 229 -20.50 29.46 -6.97
C VAL B 229 -21.45 28.85 -5.94
N ILE B 230 -21.01 28.84 -4.69
CA ILE B 230 -21.66 28.10 -3.60
C ILE B 230 -21.64 28.97 -2.34
N ASP B 231 -22.75 28.98 -1.62
CA ASP B 231 -22.84 29.76 -0.39
C ASP B 231 -22.09 29.06 0.73
N THR B 232 -21.32 29.85 1.50
CA THR B 232 -20.45 29.27 2.52
C THR B 232 -21.23 28.83 3.75
N TYR B 233 -22.25 29.59 4.13
CA TYR B 233 -23.00 29.26 5.34
C TYR B 233 -23.81 27.97 5.18
N SER B 234 -24.23 27.66 3.95
CA SER B 234 -25.10 26.52 3.72
C SER B 234 -24.48 25.42 2.89
N ARG B 235 -23.35 25.68 2.23
CA ARG B 235 -22.70 24.74 1.32
C ARG B 235 -23.63 24.33 0.17
N CYS B 236 -24.63 25.14 -0.12
CA CYS B 236 -25.55 24.91 -1.22
C CYS B 236 -25.04 25.59 -2.48
N ILE B 237 -25.12 24.90 -3.61
CA ILE B 237 -24.61 25.43 -4.86
C ILE B 237 -25.54 26.56 -5.32
N MET B 238 -25.01 27.78 -5.33
CA MET B 238 -25.80 28.93 -5.76
C MET B 238 -25.93 29.01 -7.28
N GLY B 239 -24.91 28.57 -8.00
CA GLY B 239 -24.99 28.61 -9.46
C GLY B 239 -23.77 27.95 -10.08
N ILE B 240 -23.90 27.68 -11.39
CA ILE B 240 -22.86 27.04 -12.16
C ILE B 240 -22.75 27.71 -13.52
N ASN B 241 -21.58 27.54 -14.14
CA ASN B 241 -21.37 27.93 -15.53
C ASN B 241 -20.50 26.85 -16.18
N LEU B 242 -21.07 26.10 -17.10
CA LEU B 242 -20.37 25.02 -17.79
C LEU B 242 -20.21 25.43 -19.26
N GLY B 243 -18.97 25.51 -19.72
CA GLY B 243 -18.73 25.91 -21.09
C GLY B 243 -17.26 25.86 -21.44
N PHE B 244 -17.01 25.79 -22.75
CA PHE B 244 -15.65 25.64 -23.26
C PHE B 244 -14.81 26.90 -23.06
N ASP B 245 -15.44 28.06 -22.88
CA ASP B 245 -14.69 29.28 -22.67
C ASP B 245 -13.88 29.19 -21.38
N ALA B 246 -12.64 29.68 -21.45
CA ALA B 246 -11.76 29.61 -20.30
C ALA B 246 -12.27 30.47 -19.16
N PRO B 247 -11.87 30.18 -17.92
CA PRO B 247 -12.25 31.06 -16.81
C PRO B 247 -11.82 32.49 -17.07
N SER B 248 -12.76 33.41 -16.90
CA SER B 248 -12.52 34.81 -17.21
C SER B 248 -13.55 35.64 -16.45
N SER B 249 -13.32 36.94 -16.42
CA SER B 249 -14.31 37.85 -15.84
C SER B 249 -15.68 37.65 -16.48
N GLY B 250 -15.72 37.33 -17.77
CA GLY B 250 -16.99 37.05 -18.42
C GLY B 250 -17.64 35.78 -17.92
N VAL B 251 -16.86 34.71 -17.75
CA VAL B 251 -17.42 33.45 -17.28
C VAL B 251 -17.85 33.57 -15.83
N VAL B 252 -17.06 34.28 -15.01
CA VAL B 252 -17.46 34.53 -13.63
C VAL B 252 -18.72 35.37 -13.60
N ALA B 253 -18.85 36.32 -14.53
CA ALA B 253 -20.06 37.12 -14.61
C ALA B 253 -21.27 36.27 -15.00
N LEU B 254 -21.08 35.32 -15.91
CA LEU B 254 -22.17 34.43 -16.29
C LEU B 254 -22.61 33.55 -15.11
N ALA B 255 -21.64 32.99 -14.37
CA ALA B 255 -21.99 32.21 -13.19
C ALA B 255 -22.65 33.07 -12.12
N LEU B 256 -22.18 34.30 -11.96
CA LEU B 256 -22.79 35.22 -11.00
C LEU B 256 -24.21 35.55 -11.38
N ARG B 257 -24.47 35.77 -12.67
CA ARG B 257 -25.84 36.01 -13.14
C ARG B 257 -26.71 34.79 -12.87
N HIS B 258 -26.17 33.60 -13.13
CA HIS B 258 -26.95 32.38 -12.87
C HIS B 258 -27.29 32.25 -11.39
N ALA B 259 -26.35 32.59 -10.51
CA ALA B 259 -26.59 32.46 -9.08
C ALA B 259 -27.55 33.52 -8.56
N ILE B 260 -27.40 34.76 -9.03
CA ILE B 260 -28.23 35.85 -8.52
C ILE B 260 -29.66 35.72 -9.02
N LEU B 261 -29.83 35.43 -10.30
CA LEU B 261 -31.17 35.38 -10.88
C LEU B 261 -31.91 34.12 -10.43
N PRO B 262 -33.22 34.17 -10.35
CA PRO B 262 -34.00 32.94 -10.11
C PRO B 262 -33.81 31.97 -11.26
N LYS B 263 -33.79 30.68 -10.92
CA LYS B 263 -33.48 29.62 -11.87
C LYS B 263 -34.78 29.05 -12.42
N ARG B 264 -34.94 29.12 -13.74
CA ARG B 264 -36.05 28.49 -14.45
C ARG B 264 -35.47 27.56 -15.49
N TYR B 265 -35.91 26.30 -15.47
CA TYR B 265 -35.42 25.30 -16.40
C TYR B 265 -36.58 24.58 -17.04
N GLY B 266 -36.43 24.27 -18.33
CA GLY B 266 -37.49 23.65 -19.09
C GLY B 266 -37.66 22.18 -18.81
N SER B 267 -38.63 21.58 -19.49
CA SER B 267 -38.94 20.17 -19.30
C SER B 267 -37.83 19.26 -19.76
N GLU B 268 -36.92 19.75 -20.61
CA GLU B 268 -35.81 18.91 -21.06
C GLU B 268 -34.91 18.52 -19.90
N TYR B 269 -34.70 19.43 -18.94
CA TYR B 269 -34.12 19.08 -17.65
C TYR B 269 -35.22 18.42 -16.83
N LYS B 270 -35.16 17.10 -16.69
CA LYS B 270 -36.25 16.38 -16.05
C LYS B 270 -36.20 16.55 -14.54
N LEU B 271 -36.17 17.80 -14.07
CA LEU B 271 -36.00 18.08 -12.66
C LEU B 271 -37.22 17.63 -11.87
N HIS B 272 -36.97 17.01 -10.71
CA HIS B 272 -38.04 16.68 -9.78
C HIS B 272 -38.23 17.76 -8.73
N CYS B 273 -37.13 18.35 -8.27
CA CYS B 273 -37.17 19.46 -7.33
C CYS B 273 -36.95 20.77 -8.08
N GLU B 274 -36.84 21.86 -7.31
CA GLU B 274 -36.72 23.19 -7.88
C GLU B 274 -35.46 23.86 -7.35
N TRP B 275 -34.72 24.50 -8.24
CA TRP B 275 -33.52 25.26 -7.88
C TRP B 275 -33.96 26.64 -7.43
N GLY B 276 -34.29 26.75 -6.14
CA GLY B 276 -34.84 28.00 -5.63
C GLY B 276 -33.82 28.87 -4.94
N THR B 277 -32.59 28.85 -5.40
CA THR B 277 -31.51 29.62 -4.79
C THR B 277 -31.25 30.86 -5.63
N TYR B 278 -31.18 32.01 -4.97
CA TYR B 278 -31.08 33.28 -5.66
C TYR B 278 -30.74 34.36 -4.63
N GLY B 279 -30.35 35.52 -5.15
CA GLY B 279 -30.00 36.65 -4.33
C GLY B 279 -28.58 37.11 -4.56
N LYS B 280 -28.22 38.18 -3.87
CA LYS B 280 -26.92 38.80 -4.00
C LYS B 280 -26.14 38.64 -2.70
N PRO B 281 -24.89 38.19 -2.76
CA PRO B 281 -24.08 38.08 -1.54
C PRO B 281 -23.49 39.43 -1.14
N GLU B 282 -22.92 39.45 0.06
CA GLU B 282 -22.18 40.61 0.55
C GLU B 282 -20.68 40.40 0.57
N HIS B 283 -20.20 39.17 0.48
CA HIS B 283 -18.77 38.87 0.41
C HIS B 283 -18.53 37.80 -0.64
N PHE B 284 -17.39 37.91 -1.31
CA PHE B 284 -17.02 37.02 -2.41
C PHE B 284 -15.62 36.46 -2.10
N TYR B 285 -15.57 35.19 -1.72
CA TYR B 285 -14.35 34.55 -1.23
C TYR B 285 -13.81 33.64 -2.34
N THR B 286 -12.80 34.13 -3.07
CA THR B 286 -12.20 33.42 -4.18
C THR B 286 -10.69 33.41 -4.03
N ASP B 287 -10.04 32.66 -4.92
CA ASP B 287 -8.58 32.56 -4.93
C ASP B 287 -8.00 33.75 -5.69
N GLY B 288 -6.72 33.68 -6.00
CA GLY B 288 -6.02 34.79 -6.63
C GLY B 288 -6.05 34.76 -8.14
N GLY B 289 -7.04 34.08 -8.71
CA GLY B 289 -7.15 34.01 -10.15
C GLY B 289 -7.33 35.39 -10.77
N LYS B 290 -6.80 35.55 -11.97
CA LYS B 290 -6.86 36.85 -12.65
C LYS B 290 -8.28 37.28 -12.93
N ASP B 291 -9.18 36.32 -13.17
CA ASP B 291 -10.59 36.66 -13.36
C ASP B 291 -11.23 37.18 -12.08
N PHE B 292 -10.67 36.85 -10.93
CA PHE B 292 -11.23 37.25 -9.64
C PHE B 292 -10.62 38.52 -9.08
N ARG B 293 -9.37 38.83 -9.44
CA ARG B 293 -8.75 40.08 -9.06
C ARG B 293 -8.93 41.16 -10.12
N SER B 294 -9.72 40.88 -11.15
CA SER B 294 -9.89 41.82 -12.25
C SER B 294 -10.68 43.04 -11.80
N ASN B 295 -10.45 44.16 -12.50
CA ASN B 295 -11.23 45.37 -12.23
C ASN B 295 -12.69 45.19 -12.61
N HIS B 296 -12.98 44.26 -13.52
CA HIS B 296 -14.37 43.95 -13.84
C HIS B 296 -15.09 43.35 -12.63
N LEU B 297 -14.43 42.45 -11.91
CA LEU B 297 -15.04 41.89 -10.71
C LEU B 297 -15.12 42.92 -9.60
N SER B 298 -14.16 43.84 -9.52
CA SER B 298 -14.29 44.96 -8.60
C SER B 298 -15.50 45.81 -8.94
N GLN B 299 -15.75 46.01 -10.23
CA GLN B 299 -16.99 46.67 -10.66
C GLN B 299 -18.22 45.93 -10.17
N ILE B 300 -18.24 44.62 -10.38
CA ILE B 300 -19.39 43.83 -9.93
C ILE B 300 -19.60 43.99 -8.43
N GLY B 301 -18.50 43.98 -7.67
CA GLY B 301 -18.61 44.16 -6.24
C GLY B 301 -19.12 45.53 -5.85
N ALA B 302 -18.62 46.58 -6.51
CA ALA B 302 -19.06 47.93 -6.19
C ALA B 302 -20.53 48.13 -6.53
N GLN B 303 -20.98 47.55 -7.64
CA GLN B 303 -22.36 47.73 -8.06
C GLN B 303 -23.31 46.89 -7.21
N LEU B 304 -23.14 45.56 -7.23
CA LEU B 304 -24.07 44.69 -6.53
C LEU B 304 -23.90 44.74 -5.02
N GLY B 305 -22.72 45.11 -4.54
CA GLY B 305 -22.52 45.20 -3.10
C GLY B 305 -21.67 44.09 -2.54
N PHE B 306 -20.63 43.68 -3.26
CA PHE B 306 -19.72 42.66 -2.76
C PHE B 306 -18.52 43.32 -2.09
N VAL B 307 -17.81 42.51 -1.32
CA VAL B 307 -16.44 42.82 -0.89
C VAL B 307 -15.64 41.55 -1.18
N CYS B 308 -15.01 41.51 -2.35
CA CYS B 308 -14.30 40.31 -2.77
C CYS B 308 -13.08 40.08 -1.88
N HIS B 309 -12.85 38.81 -1.55
CA HIS B 309 -11.77 38.44 -0.64
C HIS B 309 -10.92 37.34 -1.28
N LEU B 310 -9.68 37.26 -0.83
CA LEU B 310 -8.73 36.25 -1.29
C LEU B 310 -8.52 35.20 -0.22
N ARG B 311 -7.94 34.08 -0.62
CA ARG B 311 -7.61 32.98 0.28
C ARG B 311 -6.11 32.79 0.31
N ASP B 312 -5.55 32.69 1.51
CA ASP B 312 -4.11 32.50 1.65
C ASP B 312 -3.66 31.18 1.07
N ARG B 313 -4.42 30.11 1.31
CA ARG B 313 -4.10 28.78 0.84
C ARG B 313 -5.32 28.17 0.16
N PRO B 314 -5.10 27.22 -0.76
CA PRO B 314 -6.25 26.53 -1.35
C PRO B 314 -7.08 25.77 -0.33
N SER B 315 -6.45 25.26 0.74
CA SER B 315 -7.20 24.55 1.78
C SER B 315 -8.16 25.46 2.51
N GLU B 316 -7.98 26.78 2.41
CA GLU B 316 -8.92 27.74 2.99
C GLU B 316 -10.15 27.95 2.12
N GLY B 317 -10.18 27.38 0.92
CA GLY B 317 -11.36 27.44 0.09
C GLY B 317 -11.96 26.08 -0.15
N GLY B 318 -11.90 25.22 0.87
CA GLY B 318 -12.34 23.84 0.72
C GLY B 318 -13.83 23.67 0.48
N VAL B 319 -14.63 24.68 0.84
CA VAL B 319 -16.06 24.61 0.58
C VAL B 319 -16.33 24.60 -0.92
N VAL B 320 -15.41 25.13 -1.71
CA VAL B 320 -15.57 25.21 -3.16
C VAL B 320 -14.74 24.18 -3.91
N GLU B 321 -13.73 23.57 -3.28
CA GLU B 321 -12.94 22.52 -3.93
C GLU B 321 -13.53 21.13 -3.75
N ARG B 322 -13.98 20.80 -2.55
CA ARG B 322 -14.58 19.48 -2.31
C ARG B 322 -15.76 19.17 -3.22
N PRO B 323 -16.67 20.11 -3.54
CA PRO B 323 -17.73 19.79 -4.51
C PRO B 323 -17.21 19.32 -5.85
N PHE B 324 -16.02 19.78 -6.26
CA PHE B 324 -15.43 19.25 -7.49
C PHE B 324 -15.16 17.75 -7.36
N LYS B 325 -14.62 17.32 -6.22
CA LYS B 325 -14.37 15.91 -6.01
C LYS B 325 -15.69 15.13 -5.96
N THR B 326 -16.71 15.69 -5.31
CA THR B 326 -18.00 15.00 -5.26
C THR B 326 -18.60 14.86 -6.65
N LEU B 327 -18.50 15.91 -7.47
CA LEU B 327 -19.01 15.86 -8.83
C LEU B 327 -18.26 14.82 -9.66
N ASN B 328 -16.94 14.75 -9.49
CA ASN B 328 -16.16 13.76 -10.21
C ASN B 328 -16.52 12.34 -9.78
N ASP B 329 -16.73 12.14 -8.48
CA ASP B 329 -16.95 10.79 -7.96
C ASP B 329 -18.34 10.29 -8.30
N GLN B 330 -19.36 11.12 -8.15
CA GLN B 330 -20.75 10.65 -8.21
C GLN B 330 -21.38 10.77 -9.59
N LEU B 331 -21.01 11.78 -10.38
CA LEU B 331 -21.64 12.01 -11.66
C LEU B 331 -20.69 11.92 -12.84
N PHE B 332 -19.52 12.57 -12.76
CA PHE B 332 -18.66 12.65 -13.93
C PHE B 332 -17.97 11.33 -14.25
N SER B 333 -17.77 10.47 -13.25
CA SER B 333 -17.04 9.23 -13.47
C SER B 333 -17.87 8.20 -14.22
N THR B 334 -19.20 8.31 -14.18
CA THR B 334 -20.07 7.36 -14.85
C THR B 334 -20.37 7.75 -16.29
N LEU B 335 -19.85 8.80 -16.74
CA LEU B 335 -20.21 9.24 -18.08
C LEU B 335 -19.33 8.57 -19.13
N PRO B 336 -19.85 8.41 -20.35
CA PRO B 336 -19.11 7.68 -21.38
C PRO B 336 -17.72 8.22 -21.66
N GLY B 337 -17.62 9.47 -22.07
CA GLY B 337 -16.32 10.04 -22.34
C GLY B 337 -15.72 10.66 -21.11
N TYR B 338 -14.87 9.93 -20.42
CA TYR B 338 -14.41 10.31 -19.09
C TYR B 338 -12.90 10.18 -19.02
N THR B 339 -12.24 11.26 -18.60
CA THR B 339 -10.79 11.31 -18.44
C THR B 339 -10.51 11.64 -16.98
N GLY B 340 -10.15 10.62 -16.20
CA GLY B 340 -9.88 10.82 -14.78
C GLY B 340 -8.94 11.97 -14.51
N SER B 341 -9.06 12.59 -13.33
CA SER B 341 -8.31 13.80 -13.05
C SER B 341 -6.83 13.50 -12.81
N ASN B 342 -6.16 13.04 -13.87
CA ASN B 342 -4.76 12.64 -13.84
C ASN B 342 -4.39 12.23 -15.26
N VAL B 343 -3.10 11.94 -15.46
CA VAL B 343 -2.65 11.28 -16.66
C VAL B 343 -2.43 9.80 -16.30
N GLN B 344 -2.16 9.56 -15.03
CA GLN B 344 -1.93 8.19 -14.57
C GLN B 344 -3.23 7.40 -14.48
N GLU B 345 -4.33 8.06 -14.18
CA GLU B 345 -5.63 7.41 -14.04
C GLU B 345 -6.51 7.57 -15.27
N ARG B 346 -5.97 8.11 -16.36
CA ARG B 346 -6.78 8.35 -17.55
C ARG B 346 -7.00 7.05 -18.30
N PRO B 347 -8.25 6.67 -18.57
CA PRO B 347 -8.49 5.50 -19.41
C PRO B 347 -8.03 5.73 -20.83
N GLU B 348 -7.63 4.65 -21.49
CA GLU B 348 -7.21 4.72 -22.89
C GLU B 348 -8.38 4.84 -23.85
N ASP B 349 -9.61 4.64 -23.37
CA ASP B 349 -10.79 4.66 -24.22
C ASP B 349 -11.49 6.00 -24.21
N ALA B 350 -10.94 7.01 -23.54
CA ALA B 350 -11.64 8.27 -23.35
C ALA B 350 -11.96 8.95 -24.68
N GLU B 351 -10.99 8.99 -25.60
CA GLU B 351 -11.23 9.64 -26.88
C GLU B 351 -12.25 8.88 -27.71
N LYS B 352 -12.20 7.55 -27.69
CA LYS B 352 -13.17 6.77 -28.45
C LYS B 352 -14.51 6.62 -27.75
N ASP B 353 -14.54 6.76 -26.42
CA ASP B 353 -15.80 6.71 -25.67
C ASP B 353 -16.47 8.07 -25.59
N ALA B 354 -15.82 9.13 -26.02
CA ALA B 354 -16.38 10.49 -25.92
C ALA B 354 -17.58 10.60 -26.84
N ARG B 355 -18.77 10.76 -26.25
CA ARG B 355 -19.99 10.85 -27.04
C ARG B 355 -20.97 11.91 -26.59
N LEU B 356 -20.86 12.48 -25.39
CA LEU B 356 -21.85 13.43 -24.93
C LEU B 356 -21.58 14.82 -25.50
N THR B 357 -22.61 15.67 -25.44
CA THR B 357 -22.51 17.05 -25.88
C THR B 357 -22.51 17.97 -24.67
N LEU B 358 -22.23 19.26 -24.92
CA LEU B 358 -22.23 20.24 -23.85
C LEU B 358 -23.64 20.41 -23.27
N ARG B 359 -24.65 20.42 -24.13
CA ARG B 359 -26.03 20.61 -23.66
C ARG B 359 -26.48 19.44 -22.79
N GLU B 360 -26.18 18.21 -23.21
CA GLU B 360 -26.58 17.05 -22.42
C GLU B 360 -25.79 16.98 -21.11
N LEU B 361 -24.51 17.33 -21.15
CA LEU B 361 -23.73 17.41 -19.92
C LEU B 361 -24.31 18.44 -18.97
N GLU B 362 -24.73 19.59 -19.50
CA GLU B 362 -25.36 20.61 -18.66
C GLU B 362 -26.67 20.11 -18.06
N GLN B 363 -27.45 19.38 -18.85
CA GLN B 363 -28.69 18.79 -18.33
C GLN B 363 -28.40 17.84 -17.16
N LEU B 364 -27.45 16.92 -17.36
CA LEU B 364 -27.09 15.98 -16.31
C LEU B 364 -26.55 16.69 -15.09
N LEU B 365 -25.68 17.69 -15.28
CA LEU B 365 -25.09 18.41 -14.17
C LEU B 365 -26.15 19.17 -13.38
N VAL B 366 -27.07 19.85 -14.08
CA VAL B 366 -28.09 20.63 -13.39
C VAL B 366 -29.02 19.71 -12.63
N ARG B 367 -29.38 18.57 -13.21
CA ARG B 367 -30.25 17.65 -12.47
C ARG B 367 -29.52 17.04 -11.29
N TYR B 368 -28.22 16.80 -11.42
CA TYR B 368 -27.44 16.32 -10.28
C TYR B 368 -27.41 17.34 -9.16
N ILE B 369 -27.23 18.62 -9.50
CA ILE B 369 -27.16 19.64 -8.47
C ILE B 369 -28.51 19.84 -7.80
N VAL B 370 -29.58 19.96 -8.61
CA VAL B 370 -30.89 20.27 -8.07
C VAL B 370 -31.46 19.08 -7.31
N ASP B 371 -31.33 17.88 -7.86
CA ASP B 371 -31.96 16.69 -7.31
C ASP B 371 -31.12 15.98 -6.27
N ARG B 372 -29.80 15.96 -6.46
CA ARG B 372 -28.91 15.19 -5.59
C ARG B 372 -28.08 16.06 -4.65
N TYR B 373 -27.40 17.08 -5.17
CA TYR B 373 -26.40 17.76 -4.36
C TYR B 373 -27.03 18.68 -3.32
N ASN B 374 -27.80 19.67 -3.76
CA ASN B 374 -28.41 20.60 -2.82
C ASN B 374 -29.40 19.89 -1.90
N GLN B 375 -29.98 18.79 -2.35
CA GLN B 375 -30.88 18.00 -1.53
C GLN B 375 -30.15 17.08 -0.56
N SER B 376 -28.83 17.01 -0.65
CA SER B 376 -28.05 16.16 0.24
C SER B 376 -27.80 16.86 1.56
N ILE B 377 -27.34 16.08 2.52
CA ILE B 377 -27.13 16.57 3.88
C ILE B 377 -25.87 17.42 3.94
N ASP B 378 -25.95 18.58 4.58
CA ASP B 378 -24.75 19.31 4.96
C ASP B 378 -24.00 18.49 6.01
N ALA B 379 -22.86 17.93 5.62
CA ALA B 379 -22.18 16.95 6.47
C ALA B 379 -21.72 17.57 7.79
N ARG B 380 -21.48 18.87 7.82
CA ARG B 380 -21.08 19.52 9.05
C ARG B 380 -22.18 19.44 10.11
N MET B 381 -23.43 19.64 9.69
CA MET B 381 -24.55 19.62 10.62
C MET B 381 -25.16 18.23 10.75
N GLY B 382 -25.41 17.57 9.63
CA GLY B 382 -25.92 16.21 9.65
C GLY B 382 -27.41 16.07 9.79
N ASP B 383 -28.15 17.17 9.89
CA ASP B 383 -29.59 17.10 10.13
C ASP B 383 -30.43 17.92 9.16
N GLN B 384 -29.82 18.63 8.22
CA GLN B 384 -30.58 19.45 7.29
C GLN B 384 -29.87 19.46 5.94
N THR B 385 -30.67 19.62 4.89
CA THR B 385 -30.11 19.69 3.55
C THR B 385 -29.41 21.03 3.34
N ARG B 386 -28.55 21.08 2.32
CA ARG B 386 -27.86 22.31 2.00
C ARG B 386 -28.83 23.40 1.56
N PHE B 387 -29.82 23.04 0.74
CA PHE B 387 -30.82 24.03 0.34
C PHE B 387 -31.70 24.45 1.51
N GLU B 388 -32.11 23.50 2.34
CA GLU B 388 -32.95 23.85 3.48
C GLU B 388 -32.17 24.72 4.46
N ARG B 389 -30.88 24.45 4.63
CA ARG B 389 -30.04 25.32 5.43
C ARG B 389 -29.95 26.71 4.82
N TRP B 390 -29.85 26.79 3.49
CA TRP B 390 -29.76 28.09 2.83
C TRP B 390 -31.04 28.90 3.02
N GLU B 391 -32.19 28.27 2.78
CA GLU B 391 -33.46 28.97 2.91
C GLU B 391 -33.75 29.34 4.36
N ALA B 392 -33.48 28.43 5.30
CA ALA B 392 -33.74 28.73 6.70
C ALA B 392 -32.77 29.76 7.25
N GLY B 393 -31.58 29.86 6.66
CA GLY B 393 -30.59 30.82 7.10
C GLY B 393 -30.72 32.19 6.48
N LEU B 394 -31.72 32.41 5.64
CA LEU B 394 -31.91 33.72 5.04
C LEU B 394 -32.34 34.72 6.10
N PRO B 395 -31.61 35.83 6.28
CA PRO B 395 -32.08 36.83 7.26
C PRO B 395 -33.41 37.45 6.87
N THR B 396 -33.51 37.94 5.65
CA THR B 396 -34.77 38.40 5.08
C THR B 396 -34.90 37.83 3.67
N VAL B 397 -36.12 37.47 3.28
CA VAL B 397 -36.36 36.93 1.96
C VAL B 397 -36.07 38.02 0.93
N PRO B 398 -35.18 37.78 -0.01
CA PRO B 398 -34.77 38.83 -0.95
C PRO B 398 -35.71 38.96 -2.14
N VAL B 399 -35.76 40.18 -2.67
CA VAL B 399 -36.51 40.49 -3.89
C VAL B 399 -35.54 40.38 -5.06
N PRO B 400 -35.83 39.57 -6.08
CA PRO B 400 -34.87 39.38 -7.17
C PRO B 400 -34.76 40.60 -8.06
N ILE B 401 -33.61 40.70 -8.72
CA ILE B 401 -33.36 41.73 -9.72
C ILE B 401 -34.24 41.45 -10.93
N PRO B 402 -34.74 42.46 -11.64
CA PRO B 402 -35.58 42.20 -12.81
C PRO B 402 -34.79 41.75 -14.03
N GLU B 403 -33.53 41.36 -13.83
CA GLU B 403 -32.63 40.75 -14.81
C GLU B 403 -32.11 41.73 -15.84
N ARG B 404 -32.56 42.98 -15.84
CA ARG B 404 -32.00 44.01 -16.70
C ARG B 404 -31.00 44.88 -15.95
N ASP B 405 -31.30 45.23 -14.70
CA ASP B 405 -30.31 45.94 -13.88
C ASP B 405 -29.11 45.05 -13.60
N LEU B 406 -29.34 43.76 -13.37
CA LEU B 406 -28.24 42.84 -13.12
C LEU B 406 -27.32 42.74 -14.33
N ASP B 407 -27.89 42.63 -15.53
CA ASP B 407 -27.07 42.55 -16.74
C ASP B 407 -26.24 43.82 -16.92
N ILE B 408 -26.83 44.98 -16.62
CA ILE B 408 -26.09 46.23 -16.67
C ILE B 408 -24.96 46.21 -15.64
N CYS B 409 -25.21 45.60 -14.47
CA CYS B 409 -24.19 45.55 -13.43
C CYS B 409 -22.99 44.71 -13.87
N LEU B 410 -23.23 43.60 -14.56
CA LEU B 410 -22.15 42.73 -15.03
C LEU B 410 -21.70 43.11 -16.44
N MET B 411 -21.37 44.38 -16.64
CA MET B 411 -20.93 44.87 -17.94
C MET B 411 -19.52 45.41 -17.82
N LYS B 412 -18.68 45.07 -18.80
CA LYS B 412 -17.33 45.59 -18.85
C LYS B 412 -17.36 47.11 -18.97
N GLN B 413 -16.57 47.77 -18.14
CA GLN B 413 -16.49 49.22 -18.14
C GLN B 413 -15.17 49.70 -18.70
N SER B 414 -15.19 50.93 -19.23
CA SER B 414 -13.99 51.65 -19.61
C SER B 414 -14.29 53.14 -19.43
N ARG B 415 -13.44 53.99 -19.99
CA ARG B 415 -13.67 55.42 -19.97
C ARG B 415 -13.19 56.01 -21.29
N ARG B 416 -14.11 56.59 -22.05
CA ARG B 416 -13.81 57.08 -23.38
C ARG B 416 -14.08 58.57 -23.46
N THR B 417 -13.52 59.20 -24.48
CA THR B 417 -13.68 60.63 -24.73
C THR B 417 -14.52 60.83 -25.98
N VAL B 418 -15.55 61.66 -25.86
CA VAL B 418 -16.48 61.94 -26.95
C VAL B 418 -16.06 63.23 -27.64
N GLN B 419 -15.92 63.20 -28.96
CA GLN B 419 -15.40 64.32 -29.72
C GLN B 419 -16.31 64.63 -30.90
N ARG B 420 -16.23 65.87 -31.38
CA ARG B 420 -16.95 66.32 -32.57
C ARG B 420 -18.46 66.10 -32.44
N GLY B 421 -19.01 66.43 -31.28
CA GLY B 421 -20.42 66.21 -31.06
C GLY B 421 -20.81 64.76 -30.99
N GLY B 422 -19.87 63.88 -30.66
CA GLY B 422 -20.12 62.45 -30.64
C GLY B 422 -19.43 61.75 -31.79
N CYS B 423 -18.29 61.14 -31.52
CA CYS B 423 -17.55 60.36 -32.51
C CYS B 423 -16.82 59.20 -31.83
N LEU B 424 -17.52 58.51 -30.92
CA LEU B 424 -16.89 57.44 -30.15
C LEU B 424 -16.37 56.35 -31.08
N GLN B 425 -15.14 55.91 -30.81
CA GLN B 425 -14.44 54.96 -31.67
C GLN B 425 -14.08 53.68 -30.94
N PHE B 426 -14.80 53.35 -29.86
CA PHE B 426 -14.43 52.23 -29.02
C PHE B 426 -14.38 50.92 -29.80
N GLN B 427 -13.29 50.18 -29.61
CA GLN B 427 -13.05 48.91 -30.30
C GLN B 427 -13.11 49.06 -31.82
N ASN B 428 -12.54 50.17 -32.32
CA ASN B 428 -12.41 50.43 -33.75
C ASN B 428 -13.77 50.37 -34.46
N LEU B 429 -14.79 50.95 -33.83
CA LEU B 429 -16.13 50.99 -34.39
C LEU B 429 -16.68 52.40 -34.29
N MET B 430 -17.42 52.81 -35.31
CA MET B 430 -18.02 54.14 -35.31
C MET B 430 -19.18 54.20 -34.33
N TYR B 431 -19.37 55.37 -33.72
CA TYR B 431 -20.48 55.57 -32.81
C TYR B 431 -20.99 57.00 -32.92
N ARG B 432 -22.27 57.18 -32.62
CA ARG B 432 -22.85 58.51 -32.51
C ARG B 432 -24.16 58.40 -31.75
N GLY B 433 -24.27 59.12 -30.63
CA GLY B 433 -25.47 59.12 -29.84
C GLY B 433 -26.44 60.21 -30.27
N GLU B 434 -27.55 60.31 -29.54
CA GLU B 434 -28.57 61.32 -29.78
C GLU B 434 -28.41 62.54 -28.88
N TYR B 435 -28.00 62.34 -27.64
CA TYR B 435 -27.72 63.43 -26.71
C TYR B 435 -26.23 63.73 -26.59
N LEU B 436 -25.40 63.15 -27.46
CA LEU B 436 -23.95 63.24 -27.36
C LEU B 436 -23.38 64.46 -28.09
N ALA B 437 -24.22 65.31 -28.66
CA ALA B 437 -23.71 66.46 -29.41
C ALA B 437 -23.04 67.45 -28.48
N GLY B 438 -23.80 68.03 -27.55
CA GLY B 438 -23.23 69.02 -26.65
C GLY B 438 -22.20 68.43 -25.71
N TYR B 439 -22.47 67.23 -25.18
CA TYR B 439 -21.54 66.54 -24.29
C TYR B 439 -20.40 65.95 -25.10
N ALA B 440 -19.54 66.85 -25.60
CA ALA B 440 -18.43 66.45 -26.47
C ALA B 440 -17.09 67.00 -26.00
N GLY B 441 -16.95 67.29 -24.70
CA GLY B 441 -15.71 67.80 -24.19
C GLY B 441 -15.34 67.21 -22.84
N GLU B 442 -16.02 66.12 -22.47
CA GLU B 442 -15.80 65.46 -21.19
C GLU B 442 -15.59 63.97 -21.42
N THR B 443 -14.73 63.38 -20.59
CA THR B 443 -14.51 61.94 -20.64
C THR B 443 -15.73 61.23 -20.07
N VAL B 444 -16.38 60.41 -20.89
CA VAL B 444 -17.64 59.77 -20.54
C VAL B 444 -17.38 58.33 -20.14
N ASN B 445 -17.98 57.91 -19.02
CA ASN B 445 -17.91 56.51 -18.62
C ASN B 445 -18.62 55.64 -19.64
N LEU B 446 -18.02 54.50 -19.96
CA LEU B 446 -18.52 53.62 -21.01
C LEU B 446 -18.62 52.20 -20.45
N ARG B 447 -19.78 51.60 -20.63
CA ARG B 447 -20.00 50.21 -20.24
C ARG B 447 -20.66 49.46 -21.39
N PHE B 448 -20.36 48.17 -21.49
CA PHE B 448 -20.79 47.38 -22.64
C PHE B 448 -20.69 45.90 -22.31
N ASP B 449 -21.30 45.09 -23.17
CA ASP B 449 -21.22 43.63 -23.09
C ASP B 449 -20.45 43.12 -24.30
N PRO B 450 -19.35 42.41 -24.12
CA PRO B 450 -18.55 41.98 -25.28
C PRO B 450 -19.30 41.08 -26.26
N ARG B 451 -20.39 40.44 -25.82
CA ARG B 451 -21.16 39.60 -26.74
C ARG B 451 -21.83 40.41 -27.84
N ASP B 452 -22.10 41.69 -27.59
CA ASP B 452 -22.76 42.55 -28.58
C ASP B 452 -22.16 43.94 -28.48
N ILE B 453 -21.29 44.28 -29.44
CA ILE B 453 -20.68 45.60 -29.51
C ILE B 453 -21.51 46.59 -30.31
N THR B 454 -22.64 46.15 -30.87
CA THR B 454 -23.44 47.02 -31.72
C THR B 454 -23.99 48.22 -30.95
N THR B 455 -24.49 48.00 -29.74
CA THR B 455 -25.05 49.05 -28.91
C THR B 455 -24.37 49.05 -27.55
N ILE B 456 -24.10 50.25 -27.05
CA ILE B 456 -23.35 50.46 -25.81
C ILE B 456 -24.10 51.39 -24.88
N LEU B 457 -23.52 51.68 -23.71
CA LEU B 457 -24.08 52.62 -22.77
C LEU B 457 -23.04 53.68 -22.41
N VAL B 458 -23.51 54.91 -22.24
CA VAL B 458 -22.66 56.06 -21.96
C VAL B 458 -23.18 56.75 -20.71
N TYR B 459 -22.27 57.11 -19.81
CA TYR B 459 -22.60 57.72 -18.53
C TYR B 459 -21.78 58.98 -18.31
N ARG B 460 -22.30 59.88 -17.48
CA ARG B 460 -21.60 61.09 -17.07
C ARG B 460 -20.92 60.89 -15.74
N GLN B 461 -20.22 61.93 -15.27
CA GLN B 461 -19.61 61.97 -13.94
C GLN B 461 -19.78 63.40 -13.42
N GLU B 462 -20.88 63.63 -12.71
CA GLU B 462 -21.21 64.95 -12.19
C GLU B 462 -21.52 64.84 -10.71
N ASN B 463 -20.79 65.60 -9.89
CA ASN B 463 -20.99 65.63 -8.44
C ASN B 463 -20.95 64.23 -7.84
N ASN B 464 -19.96 63.45 -8.27
CA ASN B 464 -19.77 62.06 -7.83
C ASN B 464 -21.02 61.23 -8.11
N GLN B 465 -21.62 61.43 -9.27
CA GLN B 465 -22.80 60.70 -9.69
C GLN B 465 -22.66 60.33 -11.16
N GLU B 466 -23.73 59.74 -11.71
CA GLU B 466 -23.74 59.33 -13.11
C GLU B 466 -25.18 59.21 -13.57
N VAL B 467 -25.36 59.29 -14.89
CA VAL B 467 -26.68 59.18 -15.49
C VAL B 467 -26.52 58.67 -16.92
N PHE B 468 -27.55 58.00 -17.42
CA PHE B 468 -27.51 57.40 -18.75
C PHE B 468 -27.84 58.45 -19.80
N LEU B 469 -27.01 58.53 -20.84
CA LEU B 469 -27.25 59.49 -21.91
C LEU B 469 -28.04 58.88 -23.07
N THR B 470 -27.44 57.89 -23.75
CA THR B 470 -28.04 57.27 -24.91
C THR B 470 -27.28 55.98 -25.20
N ARG B 471 -27.99 55.02 -25.80
CA ARG B 471 -27.33 53.82 -26.32
C ARG B 471 -26.60 54.19 -27.60
N ALA B 472 -25.31 54.48 -27.48
CA ALA B 472 -24.51 54.87 -28.64
C ALA B 472 -24.40 53.70 -29.60
N HIS B 473 -25.10 53.79 -30.73
CA HIS B 473 -25.12 52.71 -31.70
C HIS B 473 -23.84 52.71 -32.54
N ALA B 474 -23.66 51.62 -33.29
CA ALA B 474 -22.50 51.44 -34.13
C ALA B 474 -22.87 51.56 -35.60
N GLN B 475 -21.93 52.05 -36.40
CA GLN B 475 -22.17 52.23 -37.84
C GLN B 475 -21.27 51.32 -38.66
N ASP C 196 9.28 -60.71 15.82
CA ASP C 196 8.98 -59.57 14.96
C ASP C 196 8.88 -60.01 13.50
N TYR C 197 9.03 -59.03 12.60
CA TYR C 197 8.99 -59.29 11.17
C TYR C 197 9.60 -58.08 10.47
N SER C 198 9.68 -58.15 9.14
CA SER C 198 10.25 -57.06 8.37
C SER C 198 9.31 -55.85 8.36
N ASN C 199 9.91 -54.67 8.25
CA ASN C 199 9.18 -53.41 8.25
C ASN C 199 8.32 -53.26 9.51
N HIS C 200 8.85 -53.74 10.63
CA HIS C 200 8.17 -53.62 11.91
C HIS C 200 8.62 -52.40 12.71
N VAL C 201 9.92 -52.26 12.93
CA VAL C 201 10.47 -51.11 13.64
C VAL C 201 11.66 -50.58 12.86
N TRP C 202 11.70 -49.27 12.64
CA TRP C 202 12.77 -48.61 11.93
C TRP C 202 13.47 -47.62 12.85
N GLN C 203 14.79 -47.58 12.77
CA GLN C 203 15.60 -46.67 13.57
C GLN C 203 16.38 -45.74 12.66
N CYS C 204 16.43 -44.46 13.03
CA CYS C 204 17.09 -43.42 12.25
C CYS C 204 18.17 -42.76 13.10
N ASP C 205 19.40 -42.74 12.57
CA ASP C 205 20.53 -42.16 13.28
C ASP C 205 21.33 -41.29 12.33
N HIS C 206 22.04 -40.32 12.90
CA HIS C 206 22.80 -39.34 12.13
C HIS C 206 24.29 -39.47 12.45
N THR C 207 25.11 -39.11 11.46
CA THR C 207 26.55 -39.06 11.64
C THR C 207 27.12 -38.02 10.69
N ARG C 208 28.34 -37.59 10.99
CA ARG C 208 29.09 -36.67 10.14
C ARG C 208 30.16 -37.45 9.41
N VAL C 209 30.04 -37.55 8.09
CA VAL C 209 31.02 -38.28 7.30
C VAL C 209 32.35 -37.54 7.35
N ASP C 210 33.42 -38.26 7.69
CA ASP C 210 34.73 -37.65 7.83
C ASP C 210 35.28 -37.13 6.50
N VAL C 211 34.72 -37.58 5.38
CA VAL C 211 35.19 -37.13 4.08
C VAL C 211 34.88 -35.64 3.92
N LEU C 212 35.88 -34.88 3.48
CA LEU C 212 35.70 -33.47 3.18
C LEU C 212 35.31 -33.33 1.72
N LEU C 213 34.19 -32.68 1.45
CA LEU C 213 33.64 -32.57 0.11
C LEU C 213 33.89 -31.19 -0.48
N VAL C 214 33.97 -31.14 -1.80
CA VAL C 214 34.09 -29.90 -2.56
C VAL C 214 33.03 -29.89 -3.64
N ASP C 215 32.71 -28.70 -4.12
CA ASP C 215 31.73 -28.56 -5.19
C ASP C 215 32.37 -28.91 -6.53
N GLN C 216 31.55 -28.90 -7.58
CA GLN C 216 32.05 -29.25 -8.91
C GLN C 216 33.06 -28.24 -9.45
N HIS C 217 33.07 -27.02 -8.92
CA HIS C 217 34.03 -26.01 -9.33
C HIS C 217 35.30 -26.01 -8.50
N GLY C 218 35.37 -26.86 -7.47
CA GLY C 218 36.58 -27.03 -6.69
C GLY C 218 36.60 -26.34 -5.35
N GLU C 219 35.65 -25.43 -5.08
CA GLU C 219 35.63 -24.73 -3.81
C GLU C 219 35.43 -25.71 -2.66
N ILE C 220 36.22 -25.55 -1.61
CA ILE C 220 36.23 -26.49 -0.49
C ILE C 220 35.00 -26.25 0.37
N LEU C 221 34.19 -27.29 0.54
CA LEU C 221 32.97 -27.22 1.33
C LEU C 221 33.21 -27.89 2.69
N SER C 222 32.14 -28.00 3.47
CA SER C 222 32.23 -28.58 4.81
C SER C 222 32.13 -30.10 4.72
N ARG C 223 31.97 -30.75 5.86
CA ARG C 223 31.79 -32.20 5.84
C ARG C 223 30.30 -32.53 5.87
N PRO C 224 29.89 -33.54 5.12
CA PRO C 224 28.46 -33.84 4.99
C PRO C 224 27.91 -34.51 6.24
N TRP C 225 26.58 -34.50 6.33
CA TRP C 225 25.83 -35.23 7.35
C TRP C 225 25.14 -36.41 6.70
N LEU C 226 25.35 -37.60 7.24
CA LEU C 226 24.73 -38.81 6.73
C LEU C 226 23.63 -39.25 7.68
N THR C 227 22.44 -39.49 7.12
CA THR C 227 21.28 -39.98 7.86
C THR C 227 20.83 -41.29 7.23
N THR C 228 20.59 -42.29 8.07
CA THR C 228 20.22 -43.61 7.59
C THR C 228 19.02 -44.13 8.36
N VAL C 229 18.26 -45.00 7.71
CA VAL C 229 17.13 -45.69 8.32
C VAL C 229 17.41 -47.18 8.23
N ILE C 230 17.23 -47.89 9.35
CA ILE C 230 17.59 -49.29 9.46
C ILE C 230 16.35 -50.09 9.81
N ASP C 231 16.09 -51.14 9.04
CA ASP C 231 15.09 -52.13 9.40
C ASP C 231 15.65 -52.97 10.53
N THR C 232 15.17 -52.71 11.76
CA THR C 232 15.84 -53.25 12.95
C THR C 232 15.84 -54.77 12.95
N TYR C 233 14.71 -55.39 12.58
CA TYR C 233 14.63 -56.85 12.62
C TYR C 233 15.62 -57.49 11.65
N SER C 234 15.96 -56.81 10.57
CA SER C 234 16.90 -57.33 9.58
C SER C 234 18.23 -56.60 9.59
N ARG C 235 18.33 -55.44 10.24
CA ARG C 235 19.53 -54.60 10.22
C ARG C 235 19.93 -54.22 8.79
N CYS C 236 18.95 -54.18 7.90
CA CYS C 236 19.18 -53.83 6.51
C CYS C 236 18.97 -52.33 6.31
N ILE C 237 19.80 -51.73 5.46
CA ILE C 237 19.70 -50.30 5.21
C ILE C 237 18.40 -50.02 4.48
N MET C 238 17.60 -49.11 5.03
CA MET C 238 16.31 -48.77 4.45
C MET C 238 16.42 -47.60 3.49
N GLY C 239 16.86 -46.45 3.99
CA GLY C 239 17.06 -45.28 3.15
C GLY C 239 18.11 -44.38 3.76
N ILE C 240 18.71 -43.56 2.90
CA ILE C 240 19.78 -42.65 3.30
C ILE C 240 19.46 -41.25 2.83
N ASN C 241 20.07 -40.27 3.50
CA ASN C 241 19.98 -38.87 3.10
C ASN C 241 21.35 -38.25 3.38
N LEU C 242 22.12 -38.04 2.32
CA LEU C 242 23.49 -37.55 2.44
C LEU C 242 23.51 -36.09 1.99
N GLY C 243 23.77 -35.18 2.92
CA GLY C 243 23.74 -33.77 2.60
C GLY C 243 24.46 -32.95 3.64
N PHE C 244 24.49 -31.65 3.40
CA PHE C 244 25.18 -30.71 4.28
C PHE C 244 24.29 -30.11 5.34
N ASP C 245 23.03 -30.53 5.42
CA ASP C 245 22.11 -29.96 6.41
C ASP C 245 22.24 -30.69 7.74
N ALA C 246 22.26 -29.91 8.82
CA ALA C 246 22.36 -30.48 10.15
C ALA C 246 21.13 -31.34 10.45
N PRO C 247 21.28 -32.40 11.26
CA PRO C 247 20.16 -33.29 11.54
C PRO C 247 18.98 -32.55 12.18
N SER C 248 17.87 -32.49 11.46
CA SER C 248 16.66 -31.84 11.93
C SER C 248 15.46 -32.68 11.50
N SER C 249 14.27 -32.13 11.68
CA SER C 249 13.06 -32.85 11.29
C SER C 249 13.01 -33.07 9.78
N GLY C 250 13.47 -32.08 9.01
CA GLY C 250 13.42 -32.20 7.56
C GLY C 250 14.32 -33.29 7.02
N VAL C 251 15.52 -33.43 7.58
CA VAL C 251 16.43 -34.48 7.14
C VAL C 251 15.87 -35.85 7.45
N VAL C 252 15.30 -36.01 8.64
CA VAL C 252 14.67 -37.28 9.00
C VAL C 252 13.51 -37.58 8.07
N ALA C 253 12.71 -36.56 7.74
CA ALA C 253 11.60 -36.74 6.83
C ALA C 253 12.08 -37.18 5.45
N LEU C 254 13.16 -36.56 4.96
CA LEU C 254 13.70 -36.93 3.66
C LEU C 254 14.22 -38.37 3.67
N ALA C 255 14.90 -38.76 4.75
CA ALA C 255 15.38 -40.14 4.85
C ALA C 255 14.22 -41.12 4.86
N LEU C 256 13.16 -40.80 5.60
CA LEU C 256 11.99 -41.65 5.63
C LEU C 256 11.33 -41.74 4.26
N ARG C 257 11.28 -40.62 3.54
CA ARG C 257 10.72 -40.63 2.19
C ARG C 257 11.53 -41.53 1.28
N HIS C 258 12.85 -41.47 1.39
CA HIS C 258 13.70 -42.36 0.61
C HIS C 258 13.44 -43.82 0.97
N ALA C 259 13.29 -44.12 2.25
CA ALA C 259 13.12 -45.50 2.68
C ALA C 259 11.78 -46.08 2.26
N ILE C 260 10.71 -45.30 2.40
CA ILE C 260 9.36 -45.83 2.16
C ILE C 260 9.13 -46.10 0.68
N LEU C 261 9.57 -45.19 -0.18
CA LEU C 261 9.25 -45.30 -1.59
C LEU C 261 10.16 -46.34 -2.27
N PRO C 262 9.68 -46.94 -3.36
CA PRO C 262 10.55 -47.82 -4.14
C PRO C 262 11.74 -47.07 -4.71
N LYS C 263 12.88 -47.76 -4.78
CA LYS C 263 14.14 -47.15 -5.14
C LYS C 263 14.46 -47.41 -6.61
N ARG C 264 14.84 -46.37 -7.33
CA ARG C 264 15.25 -46.47 -8.72
C ARG C 264 16.48 -45.59 -8.91
N TYR C 265 17.56 -46.18 -9.41
CA TYR C 265 18.81 -45.47 -9.62
C TYR C 265 19.25 -45.62 -11.07
N GLY C 266 19.87 -44.55 -11.59
CA GLY C 266 20.32 -44.53 -12.96
C GLY C 266 21.57 -45.34 -13.18
N SER C 267 22.01 -45.38 -14.44
CA SER C 267 23.19 -46.14 -14.81
C SER C 267 24.48 -45.53 -14.25
N GLU C 268 24.46 -44.25 -13.87
CA GLU C 268 25.66 -43.61 -13.35
C GLU C 268 26.11 -44.22 -12.03
N TYR C 269 25.22 -44.90 -11.31
CA TYR C 269 25.57 -45.52 -10.03
C TYR C 269 26.34 -46.82 -10.20
N LYS C 270 26.36 -47.39 -11.40
CA LYS C 270 27.09 -48.64 -11.67
C LYS C 270 26.64 -49.76 -10.75
N LEU C 271 25.35 -49.81 -10.47
CA LEU C 271 24.82 -50.78 -9.53
C LEU C 271 24.85 -52.18 -10.13
N HIS C 272 25.20 -53.16 -9.29
CA HIS C 272 25.16 -54.57 -9.68
C HIS C 272 23.83 -55.19 -9.26
N CYS C 273 23.51 -55.11 -7.98
CA CYS C 273 22.21 -55.53 -7.47
C CYS C 273 21.25 -54.34 -7.46
N GLU C 274 19.97 -54.64 -7.27
CA GLU C 274 18.93 -53.62 -7.26
C GLU C 274 18.39 -53.48 -5.84
N TRP C 275 18.24 -52.23 -5.40
CA TRP C 275 17.73 -51.91 -4.06
C TRP C 275 16.23 -52.10 -4.07
N GLY C 276 15.78 -53.29 -3.68
CA GLY C 276 14.38 -53.65 -3.78
C GLY C 276 13.61 -53.54 -2.48
N THR C 277 14.16 -52.79 -1.53
CA THR C 277 13.53 -52.61 -0.23
C THR C 277 12.61 -51.40 -0.26
N TYR C 278 11.37 -51.58 0.21
CA TYR C 278 10.40 -50.49 0.25
C TYR C 278 9.35 -50.85 1.30
N GLY C 279 8.24 -50.12 1.28
CA GLY C 279 7.15 -50.33 2.21
C GLY C 279 7.19 -49.36 3.37
N LYS C 280 6.10 -49.35 4.12
CA LYS C 280 6.11 -48.42 5.23
C LYS C 280 6.24 -49.15 6.55
N PRO C 281 6.86 -48.54 7.55
CA PRO C 281 7.05 -49.20 8.84
C PRO C 281 5.81 -49.09 9.72
N GLU C 282 5.79 -49.93 10.75
CA GLU C 282 4.81 -49.78 11.82
C GLU C 282 5.32 -48.91 12.95
N HIS C 283 6.62 -48.68 13.02
CA HIS C 283 7.21 -47.82 14.02
C HIS C 283 8.42 -47.11 13.42
N PHE C 284 8.82 -46.02 14.05
CA PHE C 284 9.96 -45.26 13.54
C PHE C 284 10.61 -44.53 14.71
N TYR C 285 11.93 -44.71 14.83
CA TYR C 285 12.70 -44.15 15.93
C TYR C 285 13.69 -43.13 15.40
N THR C 286 13.77 -41.98 16.07
CA THR C 286 14.69 -40.92 15.67
C THR C 286 14.94 -40.02 16.87
N ASP C 287 15.96 -39.18 16.75
CA ASP C 287 16.32 -38.25 17.82
C ASP C 287 15.23 -37.22 18.04
N SER C 294 10.63 -30.85 16.37
CA SER C 294 9.45 -30.47 17.14
C SER C 294 8.32 -31.48 16.95
N ASN C 295 7.17 -30.99 16.49
CA ASN C 295 6.01 -31.82 16.25
C ASN C 295 5.90 -32.31 14.81
N HIS C 296 6.87 -31.96 13.96
CA HIS C 296 6.76 -32.30 12.54
C HIS C 296 6.76 -33.81 12.32
N LEU C 297 7.66 -34.53 12.99
CA LEU C 297 7.73 -35.98 12.83
C LEU C 297 6.45 -36.66 13.31
N SER C 298 5.87 -36.14 14.39
CA SER C 298 4.60 -36.68 14.87
C SER C 298 3.50 -36.50 13.84
N GLN C 299 3.44 -35.32 13.22
CA GLN C 299 2.46 -35.08 12.17
C GLN C 299 2.66 -36.02 10.98
N ILE C 300 3.92 -36.21 10.58
CA ILE C 300 4.21 -37.10 9.46
C ILE C 300 3.79 -38.52 9.77
N GLY C 301 4.10 -39.00 10.98
CA GLY C 301 3.71 -40.34 11.37
C GLY C 301 2.21 -40.51 11.42
N ALA C 302 1.49 -39.52 11.95
CA ALA C 302 0.03 -39.59 11.97
C ALA C 302 -0.53 -39.60 10.56
N GLN C 303 0.04 -38.81 9.65
CA GLN C 303 -0.45 -38.75 8.28
C GLN C 303 -0.21 -40.07 7.55
N LEU C 304 0.95 -40.69 7.76
CA LEU C 304 1.30 -41.89 7.03
C LEU C 304 0.92 -43.18 7.75
N GLY C 305 0.34 -43.09 8.94
CA GLY C 305 -0.20 -44.27 9.61
C GLY C 305 0.83 -45.14 10.31
N PHE C 306 1.71 -44.52 11.08
CA PHE C 306 2.63 -45.27 11.93
C PHE C 306 3.04 -44.38 13.09
N VAL C 307 3.57 -45.02 14.13
CA VAL C 307 3.94 -44.33 15.36
C VAL C 307 5.39 -43.89 15.26
N CYS C 308 5.65 -42.63 15.57
CA CYS C 308 6.99 -42.07 15.57
C CYS C 308 7.41 -41.77 17.00
N HIS C 309 8.56 -42.31 17.41
CA HIS C 309 9.06 -42.16 18.76
C HIS C 309 10.30 -41.28 18.75
N LEU C 310 10.28 -40.21 19.53
CA LEU C 310 11.40 -39.29 19.65
C LEU C 310 12.13 -39.61 20.95
N ARG C 311 13.35 -40.13 20.83
CA ARG C 311 14.15 -40.48 22.00
C ARG C 311 14.64 -39.24 22.73
N PRO C 323 25.58 -48.60 12.84
CA PRO C 323 26.18 -49.10 11.60
C PRO C 323 27.03 -48.05 10.90
N PHE C 324 27.41 -47.01 11.63
CA PHE C 324 28.26 -45.98 11.04
C PHE C 324 29.72 -46.42 10.93
N LYS C 325 30.20 -47.21 11.90
CA LYS C 325 31.60 -47.61 11.90
C LYS C 325 31.90 -48.61 10.79
N THR C 326 30.96 -49.52 10.51
CA THR C 326 31.18 -50.49 9.44
C THR C 326 31.22 -49.84 8.06
N LEU C 327 30.63 -48.65 7.91
CA LEU C 327 30.79 -47.89 6.68
C LEU C 327 32.04 -47.02 6.71
N ASN C 328 32.34 -46.42 7.87
CA ASN C 328 33.53 -45.58 8.00
C ASN C 328 34.81 -46.37 7.85
N ASP C 329 34.78 -47.68 8.07
CA ASP C 329 35.99 -48.48 7.97
C ASP C 329 36.30 -48.83 6.51
N GLN C 330 35.41 -49.55 5.83
CA GLN C 330 35.71 -50.07 4.52
C GLN C 330 35.25 -49.18 3.37
N LEU C 331 34.51 -48.11 3.64
CA LEU C 331 34.12 -47.18 2.58
C LEU C 331 34.69 -45.78 2.80
N PHE C 332 34.40 -45.15 3.93
CA PHE C 332 34.80 -43.76 4.12
C PHE C 332 36.31 -43.62 4.24
N SER C 333 36.98 -44.57 4.89
CA SER C 333 38.42 -44.53 5.01
C SER C 333 39.09 -44.63 3.64
N THR C 334 38.57 -45.50 2.78
CA THR C 334 39.16 -45.68 1.45
C THR C 334 39.03 -44.41 0.62
N LEU C 335 37.90 -43.72 0.73
CA LEU C 335 37.60 -42.61 -0.16
C LEU C 335 38.56 -41.44 0.06
N PRO C 336 38.84 -40.66 -0.99
CA PRO C 336 39.73 -39.52 -0.85
C PRO C 336 39.15 -38.45 0.07
N GLY C 337 40.05 -37.70 0.71
CA GLY C 337 39.64 -36.69 1.66
C GLY C 337 39.19 -37.22 3.00
N TYR C 338 39.42 -38.49 3.28
CA TYR C 338 38.96 -39.10 4.52
C TYR C 338 39.61 -38.42 5.72
N THR C 339 38.78 -38.01 6.68
CA THR C 339 39.21 -37.24 7.84
C THR C 339 40.04 -36.03 7.45
N ASP C 353 43.30 -34.35 0.96
CA ASP C 353 42.95 -34.01 -0.41
C ASP C 353 41.46 -34.17 -0.65
N ALA C 354 40.71 -33.07 -0.50
CA ALA C 354 39.28 -33.08 -0.71
C ALA C 354 38.99 -32.97 -2.19
N ARG C 355 38.51 -34.06 -2.80
CA ARG C 355 38.22 -34.08 -4.22
C ARG C 355 36.87 -34.70 -4.57
N LEU C 356 36.14 -35.25 -3.61
CA LEU C 356 34.85 -35.86 -3.89
C LEU C 356 33.73 -34.83 -3.72
N THR C 357 32.76 -34.88 -4.62
CA THR C 357 31.59 -34.02 -4.53
C THR C 357 30.46 -34.76 -3.83
N LEU C 358 29.37 -34.06 -3.57
CA LEU C 358 28.22 -34.69 -2.93
C LEU C 358 27.67 -35.81 -3.78
N ARG C 359 27.53 -35.58 -5.09
CA ARG C 359 26.99 -36.60 -5.98
C ARG C 359 27.90 -37.82 -6.03
N GLU C 360 29.21 -37.61 -6.13
CA GLU C 360 30.15 -38.73 -6.20
C GLU C 360 30.13 -39.55 -4.91
N LEU C 361 30.15 -38.87 -3.77
CA LEU C 361 30.11 -39.58 -2.49
C LEU C 361 28.81 -40.34 -2.34
N GLU C 362 27.68 -39.74 -2.74
CA GLU C 362 26.40 -40.43 -2.67
C GLU C 362 26.38 -41.64 -3.59
N GLN C 363 26.96 -41.51 -4.78
CA GLN C 363 27.01 -42.63 -5.70
C GLN C 363 27.80 -43.79 -5.11
N LEU C 364 28.97 -43.48 -4.51
CA LEU C 364 29.78 -44.52 -3.90
C LEU C 364 29.04 -45.16 -2.73
N LEU C 365 28.37 -44.35 -1.91
CA LEU C 365 27.65 -44.90 -0.77
C LEU C 365 26.50 -45.79 -1.20
N VAL C 366 25.76 -45.38 -2.24
CA VAL C 366 24.65 -46.21 -2.71
C VAL C 366 25.16 -47.50 -3.31
N ARG C 367 26.24 -47.44 -4.09
CA ARG C 367 26.81 -48.66 -4.65
C ARG C 367 27.28 -49.60 -3.56
N TYR C 368 27.94 -49.06 -2.54
CA TYR C 368 28.40 -49.87 -1.42
C TYR C 368 27.24 -50.50 -0.67
N ILE C 369 26.17 -49.73 -0.45
CA ILE C 369 25.06 -50.23 0.35
C ILE C 369 24.29 -51.31 -0.39
N VAL C 370 23.99 -51.08 -1.68
CA VAL C 370 23.21 -52.05 -2.42
C VAL C 370 24.05 -53.26 -2.84
N ASP C 371 25.37 -53.11 -2.96
CA ASP C 371 26.21 -54.20 -3.44
C ASP C 371 26.96 -54.93 -2.34
N ARG C 372 27.27 -54.27 -1.23
CA ARG C 372 28.07 -54.90 -0.19
C ARG C 372 27.34 -55.03 1.14
N TYR C 373 26.80 -53.94 1.70
CA TYR C 373 26.22 -54.01 3.03
C TYR C 373 24.89 -54.76 3.01
N ASN C 374 24.02 -54.47 2.04
CA ASN C 374 22.76 -55.18 1.96
C ASN C 374 22.96 -56.61 1.48
N GLN C 375 24.00 -56.86 0.68
CA GLN C 375 24.32 -58.19 0.21
C GLN C 375 25.28 -58.93 1.13
N SER C 376 25.63 -58.34 2.27
CA SER C 376 26.48 -59.01 3.24
C SER C 376 25.68 -60.01 4.07
N ILE C 377 26.37 -60.75 4.92
CA ILE C 377 25.75 -61.70 5.84
C ILE C 377 26.07 -61.27 7.26
N ASP C 378 25.04 -61.15 8.09
CA ASP C 378 25.23 -60.69 9.45
C ASP C 378 25.97 -61.74 10.27
N ALA C 379 26.62 -61.28 11.35
CA ALA C 379 27.41 -62.17 12.18
C ALA C 379 26.55 -63.25 12.82
N ARG C 380 25.36 -62.88 13.31
CA ARG C 380 24.47 -63.84 13.94
C ARG C 380 23.47 -64.39 12.92
N MET C 381 22.98 -65.60 13.23
CA MET C 381 22.07 -66.40 12.40
C MET C 381 22.45 -66.34 10.92
N GLY C 382 23.74 -66.23 10.62
CA GLY C 382 24.16 -66.03 9.25
C GLY C 382 23.93 -67.22 8.34
N ASP C 383 22.93 -67.12 7.48
CA ASP C 383 22.68 -68.12 6.46
C ASP C 383 22.21 -67.52 5.14
N GLN C 384 22.02 -66.21 5.07
CA GLN C 384 21.50 -65.55 3.87
C GLN C 384 21.83 -64.08 3.97
N THR C 385 21.71 -63.39 2.84
CA THR C 385 22.01 -61.96 2.81
C THR C 385 20.99 -61.17 3.62
N ARG C 386 21.41 -59.99 4.06
CA ARG C 386 20.53 -59.14 4.87
C ARG C 386 19.29 -58.73 4.09
N PHE C 387 19.45 -58.46 2.80
CA PHE C 387 18.28 -58.20 1.96
C PHE C 387 17.35 -59.40 1.89
N GLU C 388 17.93 -60.61 1.79
CA GLU C 388 17.11 -61.81 1.78
C GLU C 388 16.42 -62.03 3.11
N ARG C 389 17.10 -61.72 4.22
CA ARG C 389 16.46 -61.81 5.52
C ARG C 389 15.29 -60.83 5.63
N TRP C 390 15.47 -59.62 5.11
CA TRP C 390 14.37 -58.65 5.07
C TRP C 390 13.21 -59.19 4.24
N GLU C 391 13.50 -59.72 3.05
CA GLU C 391 12.44 -60.14 2.14
C GLU C 391 11.67 -61.34 2.69
N ALA C 392 12.37 -62.28 3.32
CA ALA C 392 11.71 -63.44 3.89
C ALA C 392 10.95 -63.11 5.17
N GLY C 393 11.30 -62.01 5.83
CA GLY C 393 10.65 -61.59 7.06
C GLY C 393 9.45 -60.69 6.89
N LEU C 394 8.98 -60.50 5.66
CA LEU C 394 7.82 -59.65 5.41
C LEU C 394 6.56 -60.51 5.40
N PRO C 395 5.62 -60.29 6.34
CA PRO C 395 4.40 -61.11 6.32
C PRO C 395 3.61 -61.01 5.03
N THR C 396 3.57 -59.83 4.42
CA THR C 396 2.89 -59.64 3.15
C THR C 396 3.64 -58.56 2.37
N VAL C 397 3.66 -58.72 1.04
CA VAL C 397 4.30 -57.68 0.22
C VAL C 397 3.54 -56.37 0.40
N PRO C 398 4.21 -55.25 0.65
CA PRO C 398 3.49 -54.01 0.94
C PRO C 398 3.06 -53.32 -0.35
N VAL C 399 1.81 -52.89 -0.38
CA VAL C 399 1.32 -52.11 -1.53
C VAL C 399 2.06 -50.78 -1.58
N PRO C 400 2.66 -50.42 -2.71
CA PRO C 400 3.47 -49.19 -2.74
C PRO C 400 2.63 -47.95 -2.46
N ILE C 401 3.22 -47.02 -1.73
CA ILE C 401 2.58 -45.73 -1.48
C ILE C 401 2.89 -44.81 -2.66
N PRO C 402 1.90 -44.18 -3.28
CA PRO C 402 2.18 -43.27 -4.39
C PRO C 402 3.03 -42.11 -3.92
N GLU C 403 3.85 -41.59 -4.84
CA GLU C 403 4.87 -40.60 -4.48
C GLU C 403 4.24 -39.36 -3.85
N ARG C 404 3.07 -38.95 -4.35
CA ARG C 404 2.48 -37.69 -3.91
C ARG C 404 2.17 -37.71 -2.42
N ASP C 405 1.72 -38.85 -1.89
CA ASP C 405 1.41 -38.94 -0.47
C ASP C 405 2.64 -38.76 0.41
N LEU C 406 3.85 -38.86 -0.14
CA LEU C 406 5.06 -38.62 0.62
C LEU C 406 5.51 -37.17 0.54
N ASP C 407 4.75 -36.32 -0.15
CA ASP C 407 5.14 -34.91 -0.30
C ASP C 407 5.20 -34.18 1.04
N ILE C 408 4.56 -34.73 2.08
CA ILE C 408 4.63 -34.13 3.40
C ILE C 408 6.07 -34.11 3.90
N CYS C 409 6.87 -35.09 3.48
CA CYS C 409 8.24 -35.22 3.96
C CYS C 409 9.24 -34.37 3.19
N LEU C 410 8.81 -33.66 2.16
CA LEU C 410 9.73 -32.95 1.27
C LEU C 410 10.01 -31.54 1.79
N MET C 411 11.11 -30.98 1.31
CA MET C 411 11.49 -29.61 1.68
C MET C 411 10.48 -28.62 1.10
N LYS C 412 10.21 -27.56 1.86
CA LYS C 412 9.11 -26.65 1.55
C LYS C 412 9.62 -25.23 1.44
N GLN C 413 9.19 -24.53 0.39
CA GLN C 413 9.40 -23.10 0.22
C GLN C 413 8.05 -22.42 0.11
N SER C 414 7.91 -21.29 0.79
CA SER C 414 6.64 -20.60 0.89
C SER C 414 6.70 -19.24 0.20
N ARG C 415 5.51 -18.74 -0.15
CA ARG C 415 5.34 -17.40 -0.72
C ARG C 415 6.18 -17.23 -1.99
N ARG C 416 5.90 -18.07 -2.98
CA ARG C 416 6.57 -18.03 -4.27
C ARG C 416 5.58 -17.55 -5.31
N THR C 417 5.91 -16.43 -5.96
CA THR C 417 5.01 -15.85 -6.94
C THR C 417 5.05 -16.63 -8.25
N VAL C 418 3.94 -16.58 -8.98
CA VAL C 418 3.81 -17.22 -10.28
C VAL C 418 3.80 -16.12 -11.33
N GLN C 419 4.58 -16.31 -12.38
CA GLN C 419 4.76 -15.30 -13.41
C GLN C 419 4.00 -15.71 -14.67
N ARG C 420 4.04 -14.82 -15.67
CA ARG C 420 3.25 -15.01 -16.88
C ARG C 420 3.62 -16.31 -17.58
N GLY C 421 2.60 -17.01 -18.06
CA GLY C 421 2.79 -18.31 -18.68
C GLY C 421 2.89 -19.48 -17.73
N GLY C 422 2.74 -19.24 -16.43
CA GLY C 422 2.86 -20.30 -15.45
C GLY C 422 4.28 -20.64 -15.11
N CYS C 423 5.05 -19.65 -14.66
CA CYS C 423 6.45 -19.83 -14.31
C CYS C 423 6.73 -19.29 -12.92
N LEU C 424 7.71 -19.89 -12.26
CA LEU C 424 8.19 -19.41 -10.97
C LEU C 424 9.70 -19.65 -10.90
N GLN C 425 10.36 -18.86 -10.06
CA GLN C 425 11.81 -18.92 -9.91
C GLN C 425 12.17 -19.64 -8.62
N PHE C 426 13.10 -20.59 -8.72
CA PHE C 426 13.55 -21.36 -7.57
C PHE C 426 15.01 -21.72 -7.78
N GLN C 427 15.86 -21.34 -6.82
CA GLN C 427 17.30 -21.57 -6.88
C GLN C 427 17.90 -21.01 -8.15
N ASN C 428 17.49 -19.79 -8.50
CA ASN C 428 17.99 -19.06 -9.67
C ASN C 428 17.75 -19.84 -10.96
N LEU C 429 16.61 -20.52 -11.04
CA LEU C 429 16.22 -21.26 -12.22
C LEU C 429 14.74 -21.00 -12.50
N MET C 430 14.37 -21.13 -13.78
CA MET C 430 13.01 -20.92 -14.20
C MET C 430 12.28 -22.26 -14.31
N TYR C 431 11.08 -22.31 -13.75
CA TYR C 431 10.28 -23.54 -13.74
C TYR C 431 8.97 -23.28 -14.46
N ARG C 432 8.83 -23.85 -15.65
CA ARG C 432 7.57 -23.85 -16.37
C ARG C 432 6.74 -25.04 -15.91
N GLY C 433 5.48 -24.79 -15.58
CA GLY C 433 4.59 -25.82 -15.10
C GLY C 433 3.33 -25.90 -15.94
N GLU C 434 2.95 -27.13 -16.30
CA GLU C 434 1.67 -27.34 -16.95
C GLU C 434 0.54 -27.04 -15.97
N TYR C 435 -0.56 -26.54 -16.51
CA TYR C 435 -1.73 -26.16 -15.71
C TYR C 435 -1.36 -25.16 -14.62
N LEU C 436 -0.49 -24.20 -14.98
CA LEU C 436 -0.08 -23.15 -14.06
C LEU C 436 -0.29 -21.76 -14.62
N ALA C 437 -0.66 -21.62 -15.89
CA ALA C 437 -0.79 -20.30 -16.50
C ALA C 437 -1.91 -19.49 -15.85
N GLY C 438 -2.96 -20.15 -15.38
CA GLY C 438 -4.07 -19.45 -14.77
C GLY C 438 -3.78 -18.93 -13.37
N TYR C 439 -2.66 -19.33 -12.77
CA TYR C 439 -2.28 -18.86 -11.45
C TYR C 439 -1.20 -17.78 -11.50
N ALA C 440 -0.94 -17.23 -12.69
CA ALA C 440 0.04 -16.16 -12.81
C ALA C 440 -0.41 -14.95 -12.00
N GLY C 441 0.52 -14.36 -11.25
CA GLY C 441 0.22 -13.29 -10.33
C GLY C 441 -0.18 -13.75 -8.95
N GLU C 442 -0.33 -15.06 -8.72
CA GLU C 442 -0.70 -15.60 -7.43
C GLU C 442 0.53 -16.14 -6.71
N THR C 443 0.32 -16.59 -5.48
CA THR C 443 1.38 -17.12 -4.63
C THR C 443 1.15 -18.60 -4.41
N VAL C 444 2.22 -19.39 -4.58
CA VAL C 444 2.17 -20.83 -4.42
C VAL C 444 3.30 -21.28 -3.50
N ASN C 445 3.21 -22.52 -3.05
CA ASN C 445 4.22 -23.13 -2.20
C ASN C 445 4.92 -24.25 -2.96
N LEU C 446 6.23 -24.37 -2.74
CA LEU C 446 7.05 -25.34 -3.45
C LEU C 446 7.47 -26.47 -2.51
N ARG C 447 7.31 -27.70 -2.98
CA ARG C 447 7.88 -28.88 -2.33
C ARG C 447 8.84 -29.54 -3.30
N PHE C 448 10.02 -29.90 -2.81
CA PHE C 448 11.06 -30.41 -3.69
C PHE C 448 11.96 -31.38 -2.93
N ASP C 449 12.61 -32.24 -3.71
CA ASP C 449 13.61 -33.17 -3.18
C ASP C 449 14.99 -32.60 -3.46
N PRO C 450 15.78 -32.27 -2.43
CA PRO C 450 17.10 -31.66 -2.69
C PRO C 450 18.03 -32.54 -3.49
N ARG C 451 17.81 -33.85 -3.51
CA ARG C 451 18.64 -34.73 -4.32
C ARG C 451 18.39 -34.53 -5.81
N ASP C 452 17.15 -34.18 -6.19
CA ASP C 452 16.82 -33.94 -7.59
C ASP C 452 15.79 -32.81 -7.63
N ILE C 453 16.24 -31.63 -8.02
CA ILE C 453 15.37 -30.46 -8.07
C ILE C 453 15.03 -30.08 -9.50
N THR C 454 15.21 -31.00 -10.45
CA THR C 454 14.79 -30.73 -11.82
C THR C 454 13.28 -30.57 -11.90
N THR C 455 12.53 -31.39 -11.17
CA THR C 455 11.08 -31.29 -11.10
C THR C 455 10.69 -30.96 -9.66
N ILE C 456 9.97 -29.87 -9.47
CA ILE C 456 9.47 -29.47 -8.17
C ILE C 456 7.95 -29.51 -8.20
N LEU C 457 7.35 -29.51 -7.01
CA LEU C 457 5.92 -29.68 -6.86
C LEU C 457 5.29 -28.40 -6.31
N VAL C 458 4.22 -27.95 -6.93
CA VAL C 458 3.59 -26.67 -6.64
C VAL C 458 2.29 -26.91 -5.88
N TYR C 459 2.07 -26.13 -4.83
CA TYR C 459 0.90 -26.27 -3.97
C TYR C 459 0.22 -24.93 -3.77
N ARG C 460 -1.10 -24.98 -3.54
CA ARG C 460 -1.89 -23.79 -3.26
C ARG C 460 -2.23 -23.76 -1.78
N GLN C 461 -2.01 -22.62 -1.13
CA GLN C 461 -2.35 -22.45 0.27
C GLN C 461 -3.78 -21.95 0.42
N GLU C 462 -4.54 -22.57 1.32
CA GLU C 462 -5.91 -22.19 1.61
C GLU C 462 -6.10 -21.85 3.09
N ASN C 463 -5.02 -21.39 3.74
CA ASN C 463 -5.03 -20.87 5.10
C ASN C 463 -5.29 -21.96 6.14
N ASN C 464 -5.60 -23.17 5.67
CA ASN C 464 -5.71 -24.33 6.55
C ASN C 464 -5.12 -25.58 5.94
N GLN C 465 -4.82 -25.59 4.64
CA GLN C 465 -4.33 -26.77 3.94
C GLN C 465 -3.70 -26.31 2.64
N GLU C 466 -2.78 -27.10 2.12
CA GLU C 466 -2.18 -26.84 0.82
C GLU C 466 -2.49 -28.01 -0.12
N VAL C 467 -2.98 -27.68 -1.32
CA VAL C 467 -3.47 -28.66 -2.28
C VAL C 467 -2.54 -28.68 -3.49
N PHE C 468 -2.27 -29.88 -3.99
CA PHE C 468 -1.35 -30.05 -5.11
C PHE C 468 -1.89 -29.40 -6.36
N LEU C 469 -0.98 -28.80 -7.14
CA LEU C 469 -1.32 -28.24 -8.45
C LEU C 469 -0.73 -29.03 -9.60
N THR C 470 0.59 -29.16 -9.65
CA THR C 470 1.29 -29.67 -10.81
C THR C 470 2.75 -29.89 -10.43
N ARG C 471 3.51 -30.43 -11.37
CA ARG C 471 4.96 -30.56 -11.24
C ARG C 471 5.61 -29.59 -12.22
N ALA C 472 6.42 -28.68 -11.71
CA ALA C 472 7.10 -27.69 -12.52
C ALA C 472 8.50 -28.18 -12.87
N HIS C 473 8.89 -27.97 -14.12
CA HIS C 473 10.13 -28.51 -14.66
C HIS C 473 11.12 -27.38 -14.94
N ALA C 474 12.39 -27.64 -14.64
CA ALA C 474 13.43 -26.64 -14.88
C ALA C 474 13.67 -26.46 -16.37
N GLN C 475 14.16 -25.28 -16.72
CA GLN C 475 14.43 -24.93 -18.11
C GLN C 475 15.88 -24.49 -18.26
N GLY C 476 16.42 -24.69 -19.45
CA GLY C 476 17.76 -24.26 -19.76
C GLY C 476 18.85 -25.09 -19.13
N LEU C 477 18.51 -26.21 -18.51
CA LEU C 477 19.52 -27.04 -17.87
C LEU C 477 20.37 -27.74 -18.90
N GLU C 478 21.69 -27.71 -18.70
CA GLU C 478 22.62 -28.41 -19.58
C GLU C 478 22.79 -29.87 -19.19
N THR C 479 22.26 -30.30 -18.05
CA THR C 479 22.34 -31.68 -17.60
C THR C 479 20.96 -32.17 -17.19
N GLU C 480 20.72 -33.46 -17.40
CA GLU C 480 19.42 -34.05 -17.08
C GLU C 480 19.22 -34.25 -15.58
N GLN C 481 20.28 -34.11 -14.78
CA GLN C 481 20.19 -34.26 -13.34
C GLN C 481 20.72 -33.01 -12.66
N LEU C 482 20.07 -32.62 -11.56
CA LEU C 482 20.47 -31.43 -10.84
C LEU C 482 19.99 -31.54 -9.40
N ALA C 483 20.90 -31.31 -8.46
CA ALA C 483 20.60 -31.34 -7.03
C ALA C 483 20.67 -29.93 -6.45
N LEU C 484 20.16 -29.80 -5.23
CA LEU C 484 20.14 -28.50 -4.58
C LEU C 484 21.55 -27.99 -4.31
N ASP C 485 22.45 -28.89 -3.93
CA ASP C 485 23.83 -28.49 -3.67
C ASP C 485 24.49 -27.97 -4.93
N GLU C 486 24.23 -28.60 -6.08
CA GLU C 486 24.82 -28.14 -7.33
C GLU C 486 24.29 -26.77 -7.74
N ALA C 487 22.98 -26.54 -7.57
CA ALA C 487 22.43 -25.23 -7.88
C ALA C 487 22.98 -24.17 -6.94
N GLU C 488 23.12 -24.51 -5.66
CA GLU C 488 23.72 -23.58 -4.71
C GLU C 488 25.17 -23.27 -5.09
N ALA C 489 25.91 -24.28 -5.55
CA ALA C 489 27.28 -24.06 -5.97
C ALA C 489 27.35 -23.16 -7.20
N ALA C 490 26.42 -23.34 -8.14
CA ALA C 490 26.37 -22.47 -9.31
C ALA C 490 26.07 -21.03 -8.90
N SER C 491 25.11 -20.85 -7.99
CA SER C 491 24.79 -19.51 -7.50
C SER C 491 25.98 -18.90 -6.77
N ARG C 492 26.69 -19.71 -5.98
CA ARG C 492 27.88 -19.23 -5.28
C ARG C 492 28.96 -18.80 -6.25
N ARG C 493 29.17 -19.59 -7.30
CA ARG C 493 30.16 -19.22 -8.32
C ARG C 493 29.79 -17.92 -9.00
N LEU C 494 28.50 -17.75 -9.33
CA LEU C 494 28.07 -16.50 -9.96
C LEU C 494 28.24 -15.33 -9.02
N ARG C 495 27.92 -15.51 -7.74
CA ARG C 495 28.09 -14.43 -6.76
C ARG C 495 29.55 -14.04 -6.59
N THR C 496 30.45 -15.03 -6.52
CA THR C 496 31.86 -14.72 -6.41
C THR C 496 32.37 -14.01 -7.64
N ALA C 497 31.99 -14.49 -8.82
CA ALA C 497 32.41 -13.84 -10.07
C ALA C 497 31.87 -12.42 -10.15
N GLY C 498 30.69 -12.17 -9.60
CA GLY C 498 30.21 -10.80 -9.48
C GLY C 498 31.03 -9.98 -8.51
N LYS C 499 31.47 -10.59 -7.41
CA LYS C 499 32.23 -9.84 -6.41
C LYS C 499 33.63 -9.49 -6.88
N THR C 500 34.23 -10.30 -7.76
CA THR C 500 35.55 -9.94 -8.26
C THR C 500 35.54 -8.77 -9.23
N ILE C 501 34.36 -8.29 -9.64
CA ILE C 501 34.28 -7.13 -10.51
C ILE C 501 34.56 -5.88 -9.66
N SER C 502 35.71 -5.25 -9.91
CA SER C 502 36.13 -4.10 -9.12
C SER C 502 35.20 -2.92 -9.34
N ASN C 503 35.07 -2.07 -8.32
CA ASN C 503 34.14 -0.95 -8.36
C ASN C 503 34.83 0.35 -7.96
N GLN C 504 36.13 0.46 -8.18
CA GLN C 504 36.82 1.72 -7.92
C GLN C 504 36.31 2.83 -8.84
N SER C 505 36.06 2.49 -10.11
CA SER C 505 35.51 3.46 -11.05
C SER C 505 34.13 3.92 -10.61
N LEU C 506 33.33 2.99 -10.07
CA LEU C 506 32.01 3.34 -9.56
C LEU C 506 32.10 4.42 -8.48
N LEU C 507 32.92 4.19 -7.45
CA LEU C 507 33.01 5.14 -6.36
C LEU C 507 33.63 6.44 -6.82
N GLN C 508 34.62 6.38 -7.71
CA GLN C 508 35.24 7.59 -8.22
C GLN C 508 34.23 8.42 -9.00
N GLU C 509 33.42 7.79 -9.84
CA GLU C 509 32.40 8.54 -10.57
C GLU C 509 31.40 9.15 -9.61
N VAL C 510 31.01 8.41 -8.57
CA VAL C 510 30.03 8.92 -7.61
C VAL C 510 30.57 10.18 -6.93
N VAL C 511 31.83 10.12 -6.46
CA VAL C 511 32.36 11.25 -5.70
C VAL C 511 32.61 12.45 -6.61
N ASP C 512 33.09 12.23 -7.83
CA ASP C 512 33.24 13.39 -8.73
C ASP C 512 31.90 13.94 -9.20
N ARG C 513 30.87 13.12 -9.32
CA ARG C 513 29.54 13.64 -9.63
C ARG C 513 29.03 14.50 -8.48
N ASP C 514 29.25 14.06 -7.24
CA ASP C 514 28.89 14.87 -6.09
C ASP C 514 29.67 16.18 -6.08
N ALA C 515 30.95 16.13 -6.42
CA ALA C 515 31.75 17.35 -6.47
C ALA C 515 31.23 18.30 -7.55
N LEU C 516 30.86 17.76 -8.71
CA LEU C 516 30.37 18.60 -9.79
C LEU C 516 29.04 19.26 -9.42
N VAL C 517 28.12 18.50 -8.80
CA VAL C 517 26.86 19.13 -8.42
C VAL C 517 27.08 20.15 -7.30
N ALA C 518 28.01 19.86 -6.39
CA ALA C 518 28.33 20.84 -5.35
C ALA C 518 28.95 22.11 -5.95
N THR C 519 29.69 21.98 -7.04
CA THR C 519 30.27 23.15 -7.69
C THR C 519 29.19 24.09 -8.19
N LYS C 520 28.14 23.55 -8.81
CA LYS C 520 27.06 24.37 -9.36
C LYS C 520 26.19 24.98 -8.28
N LYS C 521 26.28 24.51 -7.04
CA LYS C 521 25.42 25.00 -5.96
C LYS C 521 25.54 26.51 -5.83
N SER C 522 24.40 27.19 -5.73
CA SER C 522 24.36 28.64 -5.63
C SER C 522 23.09 29.10 -4.92
N ASP D 196 -12.08 -8.25 59.24
CA ASP D 196 -11.37 -7.74 60.41
C ASP D 196 -11.57 -6.23 60.55
N TYR D 197 -10.55 -5.46 60.18
CA TYR D 197 -10.70 -4.01 60.19
C TYR D 197 -11.50 -3.57 58.98
N SER D 198 -11.65 -2.25 58.82
CA SER D 198 -12.53 -1.71 57.80
C SER D 198 -12.09 -2.11 56.40
N ASN D 199 -10.90 -1.66 55.99
CA ASN D 199 -10.43 -1.93 54.64
C ASN D 199 -10.03 -3.40 54.53
N HIS D 200 -10.98 -4.22 54.10
CA HIS D 200 -10.85 -5.67 54.03
C HIS D 200 -11.69 -6.13 52.85
N VAL D 201 -12.08 -7.41 52.86
CA VAL D 201 -12.77 -8.04 51.74
C VAL D 201 -13.87 -7.14 51.19
N TRP D 202 -13.79 -6.83 49.90
CA TRP D 202 -14.77 -6.02 49.20
C TRP D 202 -15.56 -6.91 48.25
N GLN D 203 -16.88 -6.82 48.29
CA GLN D 203 -17.74 -7.67 47.48
C GLN D 203 -18.34 -6.86 46.35
N CYS D 204 -18.34 -7.44 45.15
CA CYS D 204 -18.92 -6.81 43.97
C CYS D 204 -20.04 -7.69 43.43
N ASP D 205 -21.20 -7.09 43.21
CA ASP D 205 -22.37 -7.80 42.70
C ASP D 205 -23.01 -7.02 41.57
N HIS D 206 -23.69 -7.73 40.68
CA HIS D 206 -24.33 -7.14 39.51
C HIS D 206 -25.84 -7.24 39.64
N THR D 207 -26.51 -6.14 39.31
CA THR D 207 -27.97 -6.06 39.41
C THR D 207 -28.51 -5.34 38.19
N ARG D 208 -29.63 -5.85 37.66
CA ARG D 208 -30.33 -5.21 36.55
C ARG D 208 -31.31 -4.21 37.14
N VAL D 209 -30.96 -2.94 37.10
CA VAL D 209 -31.79 -1.91 37.69
C VAL D 209 -33.10 -1.81 36.90
N ASP D 210 -34.22 -1.86 37.62
CA ASP D 210 -35.53 -1.96 36.99
C ASP D 210 -36.19 -0.61 36.77
N VAL D 211 -35.42 0.44 36.55
CA VAL D 211 -35.94 1.75 36.22
C VAL D 211 -35.63 2.02 34.75
N LEU D 212 -36.65 1.91 33.89
CA LEU D 212 -36.46 2.15 32.47
C LEU D 212 -36.10 3.60 32.23
N LEU D 213 -35.16 3.82 31.30
CA LEU D 213 -34.60 5.14 31.07
C LEU D 213 -34.78 5.59 29.63
N VAL D 214 -34.74 6.90 29.44
CA VAL D 214 -34.78 7.52 28.13
C VAL D 214 -33.62 8.51 28.06
N ASP D 215 -33.22 8.84 26.84
CA ASP D 215 -32.16 9.82 26.63
C ASP D 215 -32.74 11.22 26.78
N GLN D 216 -31.96 12.24 26.41
CA GLN D 216 -32.42 13.61 26.56
C GLN D 216 -33.61 13.90 25.66
N HIS D 217 -33.59 13.36 24.44
CA HIS D 217 -34.61 13.67 23.45
C HIS D 217 -35.83 12.76 23.54
N GLY D 218 -35.81 11.75 24.39
CA GLY D 218 -36.99 10.93 24.65
C GLY D 218 -36.92 9.51 24.13
N GLU D 219 -35.94 9.18 23.28
CA GLU D 219 -35.84 7.82 22.78
C GLU D 219 -35.56 6.84 23.91
N ILE D 220 -36.26 5.70 23.88
CA ILE D 220 -36.19 4.76 24.98
C ILE D 220 -34.84 4.04 24.98
N LEU D 221 -34.39 3.65 26.18
CA LEU D 221 -33.16 2.89 26.35
C LEU D 221 -33.43 1.77 27.34
N SER D 222 -32.63 0.72 27.24
CA SER D 222 -32.82 -0.46 28.07
C SER D 222 -32.58 -0.14 29.54
N ARG D 223 -33.00 -1.06 30.39
CA ARG D 223 -32.78 -0.91 31.82
C ARG D 223 -31.29 -0.93 32.14
N PRO D 224 -30.82 -0.04 33.01
CA PRO D 224 -29.39 0.00 33.32
C PRO D 224 -28.99 -1.13 34.26
N TRP D 225 -27.68 -1.37 34.30
CA TRP D 225 -27.08 -2.30 35.24
C TRP D 225 -26.46 -1.54 36.40
N LEU D 226 -26.36 -2.21 37.55
CA LEU D 226 -25.68 -1.65 38.71
C LEU D 226 -24.60 -2.61 39.17
N THR D 227 -23.39 -2.10 39.37
CA THR D 227 -22.29 -2.84 39.96
C THR D 227 -21.82 -2.08 41.19
N THR D 228 -21.90 -2.71 42.34
CA THR D 228 -21.62 -2.06 43.61
C THR D 228 -20.55 -2.82 44.37
N VAL D 229 -19.59 -2.08 44.91
CA VAL D 229 -18.59 -2.61 45.82
C VAL D 229 -19.05 -2.30 47.23
N ILE D 230 -18.98 -3.30 48.12
CA ILE D 230 -19.46 -3.16 49.48
C ILE D 230 -18.42 -3.71 50.45
N ASP D 231 -18.21 -3.00 51.55
CA ASP D 231 -17.28 -3.42 52.59
C ASP D 231 -17.79 -4.67 53.29
N THR D 232 -16.89 -5.33 54.02
CA THR D 232 -17.24 -6.49 54.83
C THR D 232 -17.38 -6.16 56.31
N TYR D 233 -16.38 -5.47 56.89
CA TYR D 233 -16.47 -5.10 58.30
C TYR D 233 -17.68 -4.21 58.55
N SER D 234 -17.92 -3.26 57.67
CA SER D 234 -19.18 -2.52 57.63
C SER D 234 -20.06 -3.08 56.51
N ARG D 235 -21.30 -2.60 56.47
CA ARG D 235 -22.18 -2.83 55.34
C ARG D 235 -22.24 -1.61 54.42
N CYS D 236 -21.14 -0.88 54.31
CA CYS D 236 -21.10 0.36 53.57
C CYS D 236 -20.91 0.09 52.08
N ILE D 237 -21.66 0.84 51.26
CA ILE D 237 -21.43 0.80 49.81
C ILE D 237 -20.09 1.45 49.52
N MET D 238 -19.20 0.70 48.88
CA MET D 238 -17.84 1.19 48.71
C MET D 238 -17.77 2.13 47.52
N GLY D 239 -18.28 1.68 46.37
CA GLY D 239 -18.41 2.48 45.17
C GLY D 239 -19.45 1.85 44.27
N ILE D 240 -19.88 2.61 43.27
CA ILE D 240 -20.98 2.20 42.39
C ILE D 240 -20.57 2.38 40.94
N ASN D 241 -21.31 1.68 40.07
CA ASN D 241 -21.24 1.92 38.63
C ASN D 241 -22.59 1.58 38.02
N LEU D 242 -23.23 2.59 37.43
CA LEU D 242 -24.53 2.44 36.79
C LEU D 242 -24.37 2.73 35.31
N GLY D 243 -24.73 1.77 34.46
CA GLY D 243 -24.60 1.96 33.03
C GLY D 243 -25.30 0.85 32.27
N PHE D 244 -25.53 1.12 30.98
CA PHE D 244 -26.20 0.15 30.12
C PHE D 244 -25.31 -1.04 29.75
N ASP D 245 -24.00 -0.92 29.94
CA ASP D 245 -23.10 -2.00 29.58
C ASP D 245 -23.28 -3.19 30.52
N ALA D 246 -23.35 -4.38 29.94
CA ALA D 246 -23.56 -5.59 30.72
C ALA D 246 -22.33 -5.91 31.55
N PRO D 247 -22.51 -6.69 32.62
CA PRO D 247 -21.37 -7.14 33.42
C PRO D 247 -20.23 -7.66 32.56
N SER D 248 -19.03 -7.21 32.89
CA SER D 248 -17.80 -7.56 32.19
C SER D 248 -16.65 -7.06 33.06
N SER D 249 -15.42 -7.22 32.56
CA SER D 249 -14.26 -6.77 33.31
C SER D 249 -14.23 -5.25 33.44
N GLY D 250 -14.67 -4.55 32.39
CA GLY D 250 -14.56 -3.10 32.41
C GLY D 250 -15.45 -2.44 33.44
N VAL D 251 -16.69 -2.93 33.59
CA VAL D 251 -17.62 -2.28 34.51
C VAL D 251 -17.20 -2.51 35.96
N VAL D 252 -16.77 -3.73 36.29
CA VAL D 252 -16.29 -3.98 37.64
C VAL D 252 -15.01 -3.20 37.89
N ALA D 253 -14.17 -3.04 36.87
CA ALA D 253 -12.97 -2.23 37.01
C ALA D 253 -13.33 -0.78 37.32
N LEU D 254 -14.33 -0.24 36.61
CA LEU D 254 -14.75 1.14 36.86
C LEU D 254 -15.34 1.30 38.26
N ALA D 255 -16.16 0.35 38.69
CA ALA D 255 -16.72 0.40 40.03
C ALA D 255 -15.63 0.33 41.08
N LEU D 256 -14.63 -0.53 40.86
CA LEU D 256 -13.52 -0.62 41.80
C LEU D 256 -12.71 0.66 41.83
N ARG D 257 -12.49 1.29 40.68
CA ARG D 257 -11.79 2.57 40.65
C ARG D 257 -12.57 3.63 41.40
N HIS D 258 -13.89 3.63 41.26
CA HIS D 258 -14.71 4.54 42.04
C HIS D 258 -14.57 4.28 43.54
N ALA D 259 -14.57 3.00 43.92
CA ALA D 259 -14.45 2.64 45.33
C ALA D 259 -13.12 3.09 45.91
N ILE D 260 -12.03 2.88 45.17
CA ILE D 260 -10.71 3.18 45.70
C ILE D 260 -10.50 4.69 45.84
N LEU D 261 -10.96 5.46 44.87
CA LEU D 261 -10.64 6.87 44.78
C LEU D 261 -11.45 7.70 45.77
N PRO D 262 -10.93 8.85 46.19
CA PRO D 262 -11.78 9.83 46.85
C PRO D 262 -12.84 10.35 45.91
N LYS D 263 -14.00 10.69 46.47
CA LYS D 263 -15.16 11.08 45.68
C LYS D 263 -15.44 12.56 45.86
N ARG D 264 -15.34 13.31 44.77
CA ARG D 264 -15.73 14.71 44.74
C ARG D 264 -16.96 14.84 43.85
N TYR D 265 -18.04 15.37 44.40
CA TYR D 265 -19.30 15.50 43.70
C TYR D 265 -19.73 16.96 43.67
N GLY D 266 -20.28 17.40 42.55
CA GLY D 266 -20.64 18.78 42.38
C GLY D 266 -21.86 19.17 43.21
N SER D 267 -22.11 20.48 43.24
CA SER D 267 -23.23 21.02 44.00
C SER D 267 -24.58 20.65 43.39
N GLU D 268 -24.59 20.21 42.13
CA GLU D 268 -25.83 19.79 41.49
C GLU D 268 -26.41 18.52 42.11
N TYR D 269 -25.63 17.82 42.93
CA TYR D 269 -26.07 16.60 43.57
C TYR D 269 -26.90 16.84 44.82
N LYS D 270 -26.85 18.05 45.39
CA LYS D 270 -27.55 18.38 46.62
C LYS D 270 -27.22 17.41 47.74
N LEU D 271 -25.92 17.17 47.94
CA LEU D 271 -25.44 16.27 48.96
C LEU D 271 -25.05 17.09 50.19
N HIS D 272 -25.85 16.99 51.25
CA HIS D 272 -25.50 17.65 52.51
C HIS D 272 -24.51 16.85 53.34
N CYS D 273 -24.25 15.60 52.96
CA CYS D 273 -23.25 14.77 53.61
C CYS D 273 -22.21 14.36 52.59
N GLU D 274 -20.94 14.44 52.97
CA GLU D 274 -19.84 14.08 52.09
C GLU D 274 -19.51 12.59 52.24
N TRP D 275 -19.08 11.99 51.13
CA TRP D 275 -18.75 10.58 51.09
C TRP D 275 -17.27 10.40 51.43
N GLY D 276 -17.00 9.68 52.53
CA GLY D 276 -15.65 9.59 53.05
C GLY D 276 -14.89 8.34 52.65
N THR D 277 -15.38 7.66 51.63
CA THR D 277 -14.76 6.44 51.14
C THR D 277 -13.46 6.73 50.39
N TYR D 278 -12.43 5.95 50.68
CA TYR D 278 -11.20 5.92 49.91
C TYR D 278 -10.51 4.60 50.17
N GLY D 279 -9.25 4.48 49.72
CA GLY D 279 -8.41 3.37 50.12
C GLY D 279 -8.49 2.14 49.23
N LYS D 280 -7.72 1.14 49.64
CA LYS D 280 -7.46 -0.09 48.90
C LYS D 280 -7.73 -1.29 49.80
N PRO D 281 -8.45 -2.29 49.31
CA PRO D 281 -8.78 -3.46 50.13
C PRO D 281 -7.69 -4.52 50.11
N GLU D 282 -7.73 -5.38 51.13
CA GLU D 282 -6.84 -6.54 51.15
C GLU D 282 -7.29 -7.61 50.16
N HIS D 283 -8.59 -7.87 50.10
CA HIS D 283 -9.16 -8.81 49.15
C HIS D 283 -10.32 -8.15 48.42
N PHE D 284 -10.59 -8.63 47.20
CA PHE D 284 -11.61 -8.07 46.33
C PHE D 284 -12.45 -9.18 45.71
N TYR D 285 -12.98 -10.06 46.56
CA TYR D 285 -13.93 -11.07 46.11
C TYR D 285 -14.99 -10.45 45.23
N THR D 286 -15.09 -10.92 43.99
CA THR D 286 -16.01 -10.35 43.02
C THR D 286 -16.64 -11.49 42.22
N ASP D 287 -17.31 -11.14 41.13
CA ASP D 287 -18.01 -12.10 40.28
C ASP D 287 -19.07 -12.85 41.07
N ASN D 295 -9.17 -13.29 33.92
CA ASN D 295 -8.31 -13.05 32.77
C ASN D 295 -7.80 -11.61 32.76
N HIS D 296 -8.62 -10.70 33.29
CA HIS D 296 -8.28 -9.28 33.32
C HIS D 296 -8.31 -8.70 34.72
N LEU D 297 -9.24 -9.11 35.57
CA LEU D 297 -9.33 -8.54 36.92
C LEU D 297 -8.08 -8.84 37.73
N SER D 298 -7.53 -10.05 37.56
CA SER D 298 -6.28 -10.40 38.25
C SER D 298 -5.15 -9.46 37.86
N GLN D 299 -5.22 -8.86 36.66
CA GLN D 299 -4.20 -7.93 36.23
C GLN D 299 -4.18 -6.69 37.12
N ILE D 300 -5.36 -6.08 37.34
CA ILE D 300 -5.42 -4.94 38.26
C ILE D 300 -5.13 -5.39 39.69
N GLY D 301 -5.54 -6.59 40.06
CA GLY D 301 -5.23 -7.10 41.39
C GLY D 301 -3.73 -7.15 41.65
N ALA D 302 -2.97 -7.63 40.66
CA ALA D 302 -1.51 -7.65 40.80
C ALA D 302 -0.91 -6.26 40.68
N GLN D 303 -1.53 -5.39 39.88
CA GLN D 303 -0.97 -4.06 39.67
C GLN D 303 -1.14 -3.16 40.89
N LEU D 304 -2.24 -3.34 41.64
CA LEU D 304 -2.52 -2.52 42.81
C LEU D 304 -2.10 -3.17 44.12
N GLY D 305 -2.15 -4.50 44.21
CA GLY D 305 -1.69 -5.24 45.37
C GLY D 305 -2.70 -6.20 45.95
N PHE D 306 -3.98 -6.07 45.60
CA PHE D 306 -5.02 -6.88 46.20
C PHE D 306 -5.13 -8.22 45.49
N VAL D 307 -5.93 -9.11 46.07
CA VAL D 307 -6.17 -10.44 45.53
C VAL D 307 -7.61 -10.50 45.02
N CYS D 308 -7.76 -10.87 43.75
CA CYS D 308 -9.07 -10.95 43.12
C CYS D 308 -9.56 -12.38 43.11
N HIS D 309 -10.86 -12.55 43.36
CA HIS D 309 -11.48 -13.87 43.42
C HIS D 309 -12.66 -13.92 42.47
N LEU D 310 -12.80 -15.02 41.75
CA LEU D 310 -13.86 -15.21 40.77
C LEU D 310 -15.02 -16.02 41.32
N ARG D 311 -15.25 -15.97 42.63
CA ARG D 311 -16.33 -16.73 43.25
C ARG D 311 -17.70 -16.21 42.83
N GLU D 321 -25.44 -11.81 50.61
CA GLU D 321 -26.10 -10.64 51.19
C GLU D 321 -25.94 -9.42 50.29
N ARG D 322 -26.40 -9.56 49.05
CA ARG D 322 -26.32 -8.44 48.11
C ARG D 322 -27.28 -7.33 48.54
N PRO D 323 -26.84 -6.06 48.52
CA PRO D 323 -27.68 -4.99 49.04
C PRO D 323 -28.62 -4.39 48.02
N PHE D 324 -28.84 -5.10 46.90
CA PHE D 324 -29.69 -4.55 45.85
C PHE D 324 -31.15 -4.46 46.28
N LYS D 325 -31.59 -5.35 47.18
CA LYS D 325 -33.00 -5.41 47.54
C LYS D 325 -33.46 -4.13 48.23
N THR D 326 -32.67 -3.63 49.19
CA THR D 326 -33.06 -2.40 49.86
C THR D 326 -32.96 -1.20 48.94
N LEU D 327 -32.00 -1.19 48.02
CA LEU D 327 -31.92 -0.14 47.01
C LEU D 327 -33.18 -0.12 46.16
N ASN D 328 -33.64 -1.29 45.73
CA ASN D 328 -34.87 -1.36 44.94
C ASN D 328 -36.09 -0.93 45.76
N ASP D 329 -36.16 -1.37 47.01
CA ASP D 329 -37.37 -1.16 47.80
C ASP D 329 -37.46 0.23 48.42
N GLN D 330 -36.36 0.98 48.46
CA GLN D 330 -36.39 2.31 49.03
C GLN D 330 -36.23 3.43 48.02
N LEU D 331 -35.49 3.20 46.93
CA LEU D 331 -35.22 4.24 45.95
C LEU D 331 -35.76 3.91 44.56
N PHE D 332 -35.49 2.71 44.05
CA PHE D 332 -35.80 2.41 42.65
C PHE D 332 -37.31 2.35 42.42
N SER D 333 -38.07 1.81 43.38
CA SER D 333 -39.51 1.74 43.22
C SER D 333 -40.14 3.13 43.13
N THR D 334 -39.54 4.12 43.80
CA THR D 334 -40.05 5.48 43.74
C THR D 334 -39.91 6.09 42.35
N LEU D 335 -38.89 5.67 41.61
CA LEU D 335 -38.60 6.30 40.32
C LEU D 335 -39.73 6.03 39.33
N PRO D 336 -40.03 7.00 38.46
CA PRO D 336 -41.19 6.85 37.56
C PRO D 336 -41.12 5.65 36.63
N GLY D 337 -39.92 5.26 36.18
CA GLY D 337 -39.80 4.20 35.21
C GLY D 337 -39.71 2.82 35.81
N TYR D 338 -40.09 2.70 37.08
CA TYR D 338 -39.96 1.44 37.80
C TYR D 338 -40.75 0.33 37.11
N THR D 339 -40.17 -0.86 37.09
CA THR D 339 -40.82 -2.02 36.49
C THR D 339 -41.22 -3.03 37.55
N ALA D 354 -40.96 5.75 32.16
CA ALA D 354 -39.90 6.06 31.23
C ALA D 354 -39.73 7.57 31.06
N ARG D 355 -39.25 8.23 32.12
CA ARG D 355 -39.05 9.67 32.08
C ARG D 355 -37.74 10.09 32.72
N LEU D 356 -36.86 9.16 33.06
CA LEU D 356 -35.61 9.45 33.76
C LEU D 356 -34.42 9.15 32.85
N THR D 357 -33.49 10.09 32.77
CA THR D 357 -32.22 9.84 32.11
C THR D 357 -31.27 9.12 33.07
N LEU D 358 -30.15 8.63 32.53
CA LEU D 358 -29.17 7.95 33.37
C LEU D 358 -28.56 8.91 34.38
N ARG D 359 -28.34 10.16 33.97
CA ARG D 359 -27.74 11.13 34.88
C ARG D 359 -28.63 11.38 36.09
N GLU D 360 -29.93 11.53 35.88
CA GLU D 360 -30.85 11.74 37.00
C GLU D 360 -30.92 10.50 37.89
N LEU D 361 -30.93 9.31 37.27
CA LEU D 361 -30.94 8.08 38.06
C LEU D 361 -29.70 8.00 38.94
N GLU D 362 -28.53 8.30 38.38
CA GLU D 362 -27.31 8.18 39.17
C GLU D 362 -27.21 9.29 40.22
N GLN D 363 -27.78 10.46 39.95
CA GLN D 363 -27.86 11.48 40.98
C GLN D 363 -28.71 11.02 42.16
N LEU D 364 -29.88 10.44 41.87
CA LEU D 364 -30.74 9.92 42.94
C LEU D 364 -30.08 8.75 43.65
N LEU D 365 -29.36 7.90 42.92
CA LEU D 365 -28.67 6.77 43.53
C LEU D 365 -27.57 7.24 44.46
N VAL D 366 -26.80 8.26 44.05
CA VAL D 366 -25.77 8.81 44.92
C VAL D 366 -26.41 9.43 46.15
N ARG D 367 -27.53 10.12 45.97
CA ARG D 367 -28.26 10.68 47.10
C ARG D 367 -28.64 9.59 48.10
N TYR D 368 -29.22 8.49 47.60
CA TYR D 368 -29.66 7.41 48.48
C TYR D 368 -28.49 6.74 49.17
N ILE D 369 -27.40 6.48 48.43
CA ILE D 369 -26.25 5.79 49.01
C ILE D 369 -25.60 6.65 50.08
N VAL D 370 -25.45 7.94 49.83
CA VAL D 370 -24.72 8.79 50.77
C VAL D 370 -25.59 9.17 51.96
N ASP D 371 -26.76 9.77 51.69
CA ASP D 371 -27.55 10.35 52.76
C ASP D 371 -28.46 9.35 53.46
N ARG D 372 -28.89 8.29 52.78
CA ARG D 372 -29.86 7.37 53.33
C ARG D 372 -29.32 5.97 53.59
N TYR D 373 -28.16 5.62 53.05
CA TYR D 373 -27.57 4.30 53.22
C TYR D 373 -26.35 4.30 54.11
N ASN D 374 -25.36 5.15 53.81
CA ASN D 374 -24.19 5.26 54.69
C ASN D 374 -24.59 5.75 56.06
N GLN D 375 -25.67 6.53 56.16
CA GLN D 375 -26.15 7.07 57.42
C GLN D 375 -27.26 6.22 58.02
N SER D 376 -27.27 4.92 57.73
CA SER D 376 -28.24 4.00 58.30
C SER D 376 -27.55 3.25 59.45
N ILE D 377 -27.88 3.63 60.69
CA ILE D 377 -27.31 2.97 61.86
C ILE D 377 -27.85 1.55 61.90
N ASP D 378 -27.00 0.57 61.61
CA ASP D 378 -27.39 -0.83 61.64
C ASP D 378 -27.30 -1.31 63.07
N ALA D 379 -28.45 -1.39 63.75
CA ALA D 379 -28.47 -1.80 65.15
C ALA D 379 -27.89 -3.20 65.34
N ARG D 380 -28.03 -4.06 64.33
CA ARG D 380 -27.45 -5.40 64.41
C ARG D 380 -25.93 -5.36 64.45
N MET D 381 -25.32 -4.22 64.10
CA MET D 381 -23.87 -4.07 64.06
C MET D 381 -23.43 -2.87 64.89
N GLY D 382 -24.08 -2.67 66.03
CA GLY D 382 -23.74 -1.58 66.93
C GLY D 382 -24.65 -0.38 66.77
N ASP D 383 -24.40 0.61 67.61
CA ASP D 383 -25.17 1.85 67.60
C ASP D 383 -24.56 2.90 66.68
N GLN D 384 -23.48 2.58 65.97
CA GLN D 384 -22.83 3.51 65.07
C GLN D 384 -23.25 3.23 63.63
N THR D 385 -23.24 4.28 62.82
CA THR D 385 -23.69 4.16 61.44
C THR D 385 -22.61 3.53 60.57
N ARG D 386 -22.99 3.21 59.34
CA ARG D 386 -22.09 2.48 58.44
C ARG D 386 -20.84 3.28 58.13
N PHE D 387 -20.98 4.58 57.86
CA PHE D 387 -19.82 5.39 57.54
C PHE D 387 -18.87 5.51 58.73
N GLU D 388 -19.41 5.76 59.93
CA GLU D 388 -18.53 5.89 61.09
C GLU D 388 -18.02 4.55 61.57
N ARG D 389 -18.77 3.47 61.35
CA ARG D 389 -18.22 2.14 61.60
C ARG D 389 -17.04 1.87 60.70
N TRP D 390 -17.16 2.24 59.42
CA TRP D 390 -16.05 2.11 58.49
C TRP D 390 -14.86 2.98 58.91
N GLU D 391 -15.14 4.21 59.34
CA GLU D 391 -14.06 5.12 59.72
C GLU D 391 -13.33 4.64 60.95
N ALA D 392 -14.07 4.14 61.95
CA ALA D 392 -13.44 3.65 63.17
C ALA D 392 -12.64 2.38 62.94
N GLY D 393 -12.90 1.65 61.86
CA GLY D 393 -12.20 0.43 61.54
C GLY D 393 -10.92 0.59 60.76
N LEU D 394 -10.46 1.82 60.55
CA LEU D 394 -9.22 2.04 59.83
C LEU D 394 -8.04 1.91 60.78
N PRO D 395 -7.10 1.00 60.54
CA PRO D 395 -5.87 0.99 61.35
C PRO D 395 -5.11 2.30 61.28
N THR D 396 -5.11 2.93 60.10
CA THR D 396 -4.55 4.27 59.92
C THR D 396 -5.15 4.84 58.65
N VAL D 397 -5.02 6.15 58.48
CA VAL D 397 -5.55 6.81 57.30
C VAL D 397 -4.77 6.32 56.09
N PRO D 398 -5.42 5.67 55.11
CA PRO D 398 -4.69 5.20 53.93
C PRO D 398 -4.40 6.37 52.99
N VAL D 399 -3.15 6.50 52.58
CA VAL D 399 -2.76 7.52 51.63
C VAL D 399 -3.42 7.18 50.29
N PRO D 400 -4.23 8.07 49.73
CA PRO D 400 -4.95 7.75 48.50
C PRO D 400 -3.99 7.49 47.34
N ILE D 401 -4.32 6.49 46.54
CA ILE D 401 -3.56 6.24 45.31
C ILE D 401 -3.82 7.38 44.33
N PRO D 402 -2.78 7.99 43.76
CA PRO D 402 -3.02 9.00 42.72
C PRO D 402 -3.80 8.39 41.58
N GLU D 403 -4.72 9.17 41.02
CA GLU D 403 -5.71 8.62 40.09
C GLU D 403 -5.05 7.96 38.88
N ARG D 404 -3.88 8.45 38.47
CA ARG D 404 -3.25 7.94 37.25
C ARG D 404 -2.95 6.45 37.37
N ASP D 405 -2.50 6.01 38.53
CA ASP D 405 -2.18 4.60 38.75
C ASP D 405 -3.38 3.70 38.72
N LEU D 406 -4.56 4.25 38.38
CA LEU D 406 -5.77 3.45 38.21
C LEU D 406 -6.36 3.57 36.81
N ASP D 407 -5.60 4.12 35.86
CA ASP D 407 -6.07 4.15 34.48
C ASP D 407 -6.24 2.74 33.89
N ILE D 408 -5.68 1.73 34.55
CA ILE D 408 -5.90 0.35 34.13
C ILE D 408 -7.37 -0.02 34.28
N CYS D 409 -8.09 0.64 35.18
CA CYS D 409 -9.49 0.34 35.43
C CYS D 409 -10.44 1.06 34.49
N LEU D 410 -9.93 1.90 33.61
CA LEU D 410 -10.76 2.68 32.71
C LEU D 410 -10.98 1.95 31.39
N MET D 411 -11.95 2.44 30.62
CA MET D 411 -12.25 1.86 29.31
C MET D 411 -11.22 2.32 28.29
N LYS D 412 -11.03 1.50 27.26
CA LYS D 412 -9.93 1.66 26.33
C LYS D 412 -10.43 1.81 24.89
N GLN D 413 -9.81 2.72 24.15
CA GLN D 413 -9.91 2.79 22.70
C GLN D 413 -8.52 2.59 22.14
N SER D 414 -8.35 1.57 21.28
CA SER D 414 -7.02 1.09 20.94
C SER D 414 -6.30 2.03 19.97
N ARG D 415 -6.83 2.19 18.77
CA ARG D 415 -6.15 2.95 17.72
C ARG D 415 -6.92 4.25 17.48
N ARG D 416 -6.21 5.38 17.61
CA ARG D 416 -6.81 6.69 17.43
C ARG D 416 -5.78 7.60 16.80
N THR D 417 -6.09 8.12 15.62
CA THR D 417 -5.16 8.95 14.88
C THR D 417 -5.19 10.37 15.42
N VAL D 418 -4.05 10.87 15.85
CA VAL D 418 -3.93 12.26 16.27
C VAL D 418 -3.80 13.13 15.03
N GLN D 419 -4.66 14.13 14.92
CA GLN D 419 -4.73 14.98 13.74
C GLN D 419 -3.94 16.26 13.97
N ARG D 420 -4.00 17.15 12.99
CA ARG D 420 -3.18 18.36 13.01
C ARG D 420 -3.49 19.22 14.23
N GLY D 421 -2.44 19.74 14.86
CA GLY D 421 -2.59 20.54 16.05
C GLY D 421 -2.79 19.74 17.32
N GLY D 422 -2.70 18.42 17.26
CA GLY D 422 -2.89 17.60 18.43
C GLY D 422 -4.34 17.50 18.84
N CYS D 423 -5.18 16.92 17.98
CA CYS D 423 -6.59 16.75 18.27
C CYS D 423 -6.99 15.30 17.98
N LEU D 424 -8.03 14.85 18.68
CA LEU D 424 -8.56 13.51 18.51
C LEU D 424 -10.05 13.60 18.27
N GLN D 425 -10.56 12.65 17.51
CA GLN D 425 -11.99 12.58 17.19
C GLN D 425 -12.56 11.38 17.93
N PHE D 426 -13.21 11.65 19.06
CA PHE D 426 -13.73 10.61 19.94
C PHE D 426 -15.20 10.87 20.21
N GLN D 427 -16.04 9.88 19.90
CA GLN D 427 -17.49 9.95 20.12
C GLN D 427 -18.09 11.19 19.46
N ASN D 428 -17.72 11.41 18.20
CA ASN D 428 -18.23 12.52 17.40
C ASN D 428 -17.93 13.86 18.04
N LEU D 429 -16.82 13.95 18.77
CA LEU D 429 -16.37 15.19 19.37
C LEU D 429 -14.87 15.32 19.14
N MET D 430 -14.40 16.56 19.14
CA MET D 430 -12.98 16.85 18.95
C MET D 430 -12.34 17.09 20.30
N TYR D 431 -11.30 16.30 20.61
CA TYR D 431 -10.60 16.39 21.88
C TYR D 431 -9.21 16.95 21.65
N ARG D 432 -8.85 17.95 22.45
CA ARG D 432 -7.54 18.59 22.36
C ARG D 432 -6.85 18.53 23.72
N GLY D 433 -5.55 18.24 23.69
CA GLY D 433 -4.78 18.18 24.91
C GLY D 433 -3.37 18.70 24.70
N GLU D 434 -2.70 18.98 25.81
CA GLU D 434 -1.32 19.43 25.76
C GLU D 434 -0.42 18.29 25.30
N TYR D 435 0.81 18.65 24.91
CA TYR D 435 1.85 17.70 24.54
C TYR D 435 1.42 16.76 23.41
N LEU D 436 0.38 17.10 22.67
CA LEU D 436 -0.15 16.24 21.62
C LEU D 436 0.16 16.75 20.21
N ALA D 437 0.57 18.01 20.08
CA ALA D 437 0.84 18.56 18.76
C ALA D 437 2.01 17.84 18.09
N GLY D 438 2.96 17.35 18.87
CA GLY D 438 4.07 16.61 18.31
C GLY D 438 3.76 15.19 17.91
N TYR D 439 2.58 14.69 18.27
CA TYR D 439 2.16 13.34 17.92
C TYR D 439 1.20 13.31 16.74
N ALA D 440 1.09 14.42 16.00
CA ALA D 440 0.21 14.46 14.84
C ALA D 440 0.66 13.43 13.81
N GLY D 441 -0.31 12.67 13.28
CA GLY D 441 -0.04 11.60 12.37
C GLY D 441 0.21 10.25 13.02
N GLU D 442 0.48 10.24 14.32
CA GLU D 442 0.72 9.00 15.03
C GLU D 442 -0.61 8.40 15.52
N THR D 443 -0.51 7.27 16.19
CA THR D 443 -1.66 6.59 16.76
C THR D 443 -1.47 6.49 18.26
N VAL D 444 -2.52 6.82 19.01
CA VAL D 444 -2.47 6.82 20.47
C VAL D 444 -3.64 6.02 21.02
N ASN D 445 -3.48 5.59 22.26
CA ASN D 445 -4.54 4.89 22.98
C ASN D 445 -5.37 5.91 23.77
N LEU D 446 -6.62 5.53 24.05
CA LEU D 446 -7.54 6.37 24.79
C LEU D 446 -8.01 5.65 26.04
N ARG D 447 -7.91 6.32 27.17
CA ARG D 447 -8.49 5.86 28.43
C ARG D 447 -9.50 6.92 28.89
N PHE D 448 -10.73 6.48 29.16
CA PHE D 448 -11.79 7.42 29.48
C PHE D 448 -12.71 6.82 30.54
N ASP D 449 -13.37 7.71 31.28
CA ASP D 449 -14.40 7.34 32.22
C ASP D 449 -15.76 7.66 31.61
N PRO D 450 -16.62 6.68 31.38
CA PRO D 450 -17.89 6.95 30.70
C PRO D 450 -18.80 7.92 31.44
N ARG D 451 -18.64 8.05 32.76
CA ARG D 451 -19.43 9.02 33.51
C ARG D 451 -19.12 10.45 33.08
N ASP D 452 -17.85 10.72 32.78
CA ASP D 452 -17.41 12.06 32.41
C ASP D 452 -16.36 11.93 31.32
N ILE D 453 -16.78 12.12 30.07
CA ILE D 453 -15.85 12.03 28.94
C ILE D 453 -15.41 13.43 28.55
N THR D 454 -15.67 14.41 29.41
CA THR D 454 -15.16 15.76 29.17
C THR D 454 -13.64 15.77 29.16
N THR D 455 -13.02 14.86 29.90
CA THR D 455 -11.58 14.68 29.90
C THR D 455 -11.28 13.22 29.64
N ILE D 456 -10.37 12.95 28.69
CA ILE D 456 -9.93 11.60 28.39
C ILE D 456 -8.41 11.57 28.48
N LEU D 457 -7.86 10.37 28.63
CA LEU D 457 -6.44 10.16 28.83
C LEU D 457 -5.81 9.59 27.58
N VAL D 458 -4.69 10.17 27.18
CA VAL D 458 -3.96 9.77 25.97
C VAL D 458 -2.76 8.93 26.39
N TYR D 459 -2.61 7.76 25.78
CA TYR D 459 -1.51 6.86 26.05
C TYR D 459 -0.84 6.48 24.73
N ARG D 460 0.49 6.45 24.72
CA ARG D 460 1.24 6.09 23.53
C ARG D 460 1.78 4.67 23.69
N GLN D 461 1.58 3.86 22.65
CA GLN D 461 1.82 2.42 22.72
C GLN D 461 3.26 2.09 22.35
N GLU D 462 3.99 1.49 23.29
CA GLU D 462 5.28 0.88 23.00
C GLU D 462 5.12 -0.62 22.74
N ASN D 463 6.25 -1.34 22.76
CA ASN D 463 6.26 -2.76 22.43
C ASN D 463 5.40 -3.57 23.39
N ASN D 464 5.48 -3.26 24.69
CA ASN D 464 4.75 -4.05 25.68
C ASN D 464 4.12 -3.20 26.77
N GLN D 465 3.93 -1.90 26.55
CA GLN D 465 3.36 -1.04 27.57
C GLN D 465 2.80 0.22 26.91
N GLU D 466 1.96 0.93 27.66
CA GLU D 466 1.48 2.25 27.29
C GLU D 466 1.88 3.24 28.38
N VAL D 467 2.39 4.39 27.98
CA VAL D 467 2.83 5.43 28.91
C VAL D 467 1.84 6.58 28.83
N PHE D 468 1.50 7.14 29.99
CA PHE D 468 0.65 8.32 30.00
C PHE D 468 1.31 9.43 29.19
N LEU D 469 0.51 10.10 28.38
CA LEU D 469 0.97 11.20 27.54
C LEU D 469 0.40 12.53 27.98
N THR D 470 -0.92 12.64 28.09
CA THR D 470 -1.57 13.91 28.41
C THR D 470 -3.05 13.63 28.69
N ARG D 471 -3.75 14.70 29.05
CA ARG D 471 -5.21 14.70 29.18
C ARG D 471 -5.79 15.49 28.02
N ALA D 472 -6.81 14.94 27.38
CA ALA D 472 -7.49 15.60 26.26
C ALA D 472 -8.86 16.06 26.71
N HIS D 473 -9.20 17.30 26.38
CA HIS D 473 -10.46 17.91 26.78
C HIS D 473 -11.35 18.11 25.56
N ALA D 474 -12.64 17.90 25.74
CA ALA D 474 -13.60 18.02 24.65
C ALA D 474 -13.90 19.49 24.36
N GLN D 475 -14.02 19.83 23.09
CA GLN D 475 -14.31 21.18 22.65
C GLN D 475 -15.75 21.28 22.14
N GLY D 476 -16.26 22.51 22.14
CA GLY D 476 -17.60 22.75 21.63
C GLY D 476 -18.70 22.16 22.47
N LEU D 477 -18.44 21.87 23.74
CA LEU D 477 -19.45 21.31 24.62
C LEU D 477 -20.42 22.39 25.06
N GLU D 478 -21.71 22.16 24.86
CA GLU D 478 -22.73 23.10 25.30
C GLU D 478 -22.86 23.12 26.81
N THR D 479 -22.44 22.06 27.50
CA THR D 479 -22.49 21.97 28.94
C THR D 479 -21.11 21.58 29.47
N GLU D 480 -20.87 21.93 30.73
CA GLU D 480 -19.58 21.63 31.35
C GLU D 480 -19.42 20.15 31.68
N GLN D 481 -20.48 19.35 31.59
CA GLN D 481 -20.44 17.95 31.96
C GLN D 481 -21.04 17.12 30.84
N LEU D 482 -20.35 16.04 30.47
CA LEU D 482 -20.79 15.17 29.40
C LEU D 482 -20.39 13.73 29.69
N ALA D 483 -21.33 12.81 29.53
CA ALA D 483 -21.10 11.39 29.69
C ALA D 483 -21.13 10.68 28.35
N LEU D 484 -20.67 9.44 28.34
CA LEU D 484 -20.65 8.66 27.11
C LEU D 484 -22.06 8.43 26.58
N ASP D 485 -23.02 8.25 27.49
CA ASP D 485 -24.41 8.04 27.08
C ASP D 485 -24.95 9.27 26.35
N GLU D 486 -24.62 10.47 26.82
CA GLU D 486 -25.10 11.67 26.16
C GLU D 486 -24.49 11.84 24.77
N ALA D 487 -23.20 11.54 24.62
CA ALA D 487 -22.58 11.60 23.30
C ALA D 487 -23.20 10.58 22.36
N GLU D 488 -23.44 9.37 22.84
CA GLU D 488 -24.10 8.36 22.02
C GLU D 488 -25.51 8.80 21.63
N ALA D 489 -26.23 9.44 22.55
CA ALA D 489 -27.58 9.92 22.25
C ALA D 489 -27.54 11.02 21.19
N ALA D 490 -26.57 11.93 21.29
CA ALA D 490 -26.46 12.98 20.28
C ALA D 490 -26.13 12.39 18.92
N SER D 491 -25.23 11.41 18.87
CA SER D 491 -24.92 10.75 17.60
C SER D 491 -26.14 10.03 17.04
N ARG D 492 -26.91 9.38 17.91
CA ARG D 492 -28.12 8.70 17.48
C ARG D 492 -29.14 9.68 16.92
N ARG D 493 -29.31 10.82 17.58
CA ARG D 493 -30.23 11.84 17.08
C ARG D 493 -29.81 12.35 15.71
N LEU D 494 -28.50 12.64 15.55
CA LEU D 494 -28.03 13.13 14.26
C LEU D 494 -28.19 12.06 13.17
N ARG D 495 -27.91 10.81 13.50
CA ARG D 495 -28.07 9.74 12.53
C ARG D 495 -29.52 9.56 12.12
N THR D 496 -30.44 9.63 13.09
CA THR D 496 -31.86 9.55 12.77
C THR D 496 -32.30 10.72 11.89
N ALA D 497 -31.82 11.92 12.20
CA ALA D 497 -32.16 13.08 11.39
C ALA D 497 -31.66 12.92 9.97
N GLY D 498 -30.45 12.36 9.81
CA GLY D 498 -29.94 12.09 8.48
C GLY D 498 -30.74 11.04 7.74
N LYS D 499 -31.11 9.95 8.43
CA LYS D 499 -31.87 8.88 7.80
C LYS D 499 -33.29 9.28 7.46
N THR D 500 -33.84 10.31 8.11
CA THR D 500 -35.19 10.74 7.82
C THR D 500 -35.32 11.53 6.53
N ILE D 501 -34.21 11.84 5.88
CA ILE D 501 -34.25 12.61 4.64
C ILE D 501 -34.51 11.68 3.47
N SER D 502 -35.44 12.06 2.60
CA SER D 502 -35.87 11.20 1.51
C SER D 502 -34.77 11.00 0.47
N ASN D 503 -34.94 9.97 -0.36
CA ASN D 503 -33.94 9.59 -1.33
C ASN D 503 -34.53 9.25 -2.70
N GLN D 504 -35.83 9.47 -2.90
CA GLN D 504 -36.45 9.09 -4.17
C GLN D 504 -35.90 9.91 -5.32
N SER D 505 -35.66 11.21 -5.10
CA SER D 505 -35.18 12.08 -6.17
C SER D 505 -33.81 11.64 -6.66
N LEU D 506 -32.92 11.25 -5.74
CA LEU D 506 -31.58 10.82 -6.13
C LEU D 506 -31.64 9.55 -6.98
N LEU D 507 -32.49 8.60 -6.59
CA LEU D 507 -32.62 7.36 -7.34
C LEU D 507 -33.23 7.60 -8.72
N GLN D 508 -34.22 8.49 -8.80
CA GLN D 508 -34.75 8.85 -10.12
C GLN D 508 -33.68 9.50 -10.98
N GLU D 509 -32.86 10.37 -10.38
CA GLU D 509 -31.80 11.02 -11.14
C GLU D 509 -30.79 10.02 -11.68
N VAL D 510 -30.37 9.06 -10.84
CA VAL D 510 -29.37 8.10 -11.30
C VAL D 510 -29.96 7.18 -12.37
N VAL D 511 -31.23 6.79 -12.21
CA VAL D 511 -31.87 5.96 -13.23
C VAL D 511 -31.96 6.71 -14.55
N ASP D 512 -32.34 7.99 -14.51
CA ASP D 512 -32.46 8.75 -15.74
C ASP D 512 -31.12 9.05 -16.37
N ARG D 513 -30.07 9.23 -15.57
CA ARG D 513 -28.74 9.40 -16.14
C ARG D 513 -28.28 8.11 -16.82
N ASP D 514 -28.54 6.96 -16.21
CA ASP D 514 -28.24 5.69 -16.85
C ASP D 514 -28.98 5.56 -18.18
N ALA D 515 -30.27 5.92 -18.18
CA ALA D 515 -31.04 5.86 -19.41
C ALA D 515 -30.47 6.79 -20.48
N LEU D 516 -30.11 8.01 -20.09
CA LEU D 516 -29.62 8.99 -21.06
C LEU D 516 -28.30 8.53 -21.66
N VAL D 517 -27.39 8.00 -20.84
CA VAL D 517 -26.14 7.49 -21.41
C VAL D 517 -26.35 6.21 -22.19
N ALA D 518 -27.46 5.50 -21.93
CA ALA D 518 -27.72 4.27 -22.67
C ALA D 518 -28.18 4.57 -24.10
N THR D 519 -28.97 5.63 -24.29
CA THR D 519 -29.48 5.93 -25.63
C THR D 519 -28.39 6.48 -26.54
N LYS D 520 -27.42 7.21 -25.99
CA LYS D 520 -26.48 7.94 -26.82
C LYS D 520 -25.53 6.98 -27.52
N LYS D 521 -25.12 7.36 -28.73
CA LYS D 521 -24.35 6.50 -29.62
C LYS D 521 -22.87 6.85 -29.57
N SER D 522 -22.03 5.87 -29.90
CA SER D 522 -20.59 6.06 -29.95
C SER D 522 -20.21 6.77 -31.25
N ARG D 523 -18.92 6.77 -31.59
CA ARG D 523 -18.45 7.37 -32.84
C ARG D 523 -18.44 6.37 -33.99
N LYS D 524 -19.25 5.33 -33.92
CA LYS D 524 -19.35 4.36 -35.00
C LYS D 524 -20.10 4.96 -36.18
#